data_9CGR
#
_entry.id   9CGR
#
_cell.length_a   216.075
_cell.length_b   69.897
_cell.length_c   142.444
_cell.angle_alpha   90.000
_cell.angle_beta   103.833
_cell.angle_gamma   90.000
#
_symmetry.space_group_name_H-M   'C 1 2 1'
#
loop_
_entity.id
_entity.type
_entity.pdbx_description
1 polymer 'Major histocompatibility complex class I-related gene protein'
2 polymer Beta-2-microglobulin
3 polymer 'TCR TRAV1-2'
4 polymer 'TCR TRBV 6-1'
5 non-polymer 3-HYDROXY-5-(HYDROXYMETHYL)-2-METHYLISONICOTINALDEHYDE
6 non-polymer GLYCEROL
7 non-polymer 'ACETIC ACID'
8 non-polymer 'CHLORIDE ION'
9 non-polymer 'CALCIUM ION'
10 water water
#
loop_
_entity_poly.entity_id
_entity_poly.type
_entity_poly.pdbx_seq_one_letter_code
_entity_poly.pdbx_strand_id
1 'polypeptide(L)'
;MRTHSLRYFRLGVSDPIHGVPEFISVGYVDSHPITTYDSVTRQKEPRAPWMAENLAPDHWERYTQLLRGWQQMFKVELKR
LQRHYNHSGSHTYQRMIGCELLEDGSTTGFLQYAYDGQDFLIFNKDTLSWLAVDNVAHTIKQAWEANQHELLYQKNWLEE
ECIAWLKRFLEYGKDTLQRTEPPLVRVNRKETFPGVTALFCKAHGFYPPEIYMTWMKNGEEIVQEIDYGDILPSGDGTYQ
AWASIELDPQSSNLYSCHVEHSGVHMVLQVP
;
A,C
2 'polypeptide(L)'
;MIQRTPKIQVYSRHPAENGKSNFLNCYVSGFHPSDIEVDLLKNGERIEKVEHSDLSFSKDWSFYLLYYTEFTPTEKDEYA
CRVNHVTLSQPKIVKWDRDM
;
B,F
3 'polypeptide(L)'
;MGQNIDQPTEMTATEGAIVQINCTYQTSGFNGLFWYQQHAGEAPTFLSYNVLDGLEEKGRFSSFLSRSKGYSYLLLKELQ
MKDSASYLCAVKDSNYQLIWGAGTKLIIKPDIQNPDPAVYQLRDSKSSDKSVCLFTDFDSQTNVSQSKDSDVYITDKCVL
DMRSMDFKSNSAVAWSNKSDFACANAFNNSIIPEDTFFPSPESS
;
D,G
4 'polypeptide(L)'
;MNAGVTQTPKFQVLKTGQSMTLQCAQDMNHNSMYWYRQDPGMGLRLIYYSASEGTTDKGEVPNGYNVSRLNKREFSLRLE
SAAPSQTSVYFCASSVWTGEGSGELFFGEGSRLTVLEDLKNVFPPEVAVFEPSEAEISHTQKATLVCLATGFYPDHVELS
WWVNGKEVHSGVCTDPQPLKEQPALNDSRYALSSRLRVSATFWQNPRNHFRCQVQFYGLSENDEWTQDRAKPVTQIVSAE
AWGRAD
;
E,H
#
# COMPACT_ATOMS: atom_id res chain seq x y z
N MET A 1 -12.88 58.74 -28.79
CA MET A 1 -12.87 59.42 -27.50
C MET A 1 -11.50 60.01 -27.21
N ARG A 2 -11.33 60.56 -26.01
CA ARG A 2 -10.05 61.13 -25.62
C ARG A 2 -9.02 60.02 -25.40
N THR A 3 -7.76 60.43 -25.26
CA THR A 3 -6.71 59.49 -24.92
C THR A 3 -6.90 58.99 -23.49
N HIS A 4 -6.83 57.68 -23.31
CA HIS A 4 -6.94 57.07 -21.99
C HIS A 4 -5.76 56.12 -21.77
N SER A 5 -5.46 55.89 -20.49
CA SER A 5 -4.31 55.08 -20.13
C SER A 5 -4.63 54.23 -18.91
N LEU A 6 -3.98 53.08 -18.83
CA LEU A 6 -4.05 52.18 -17.69
C LEU A 6 -2.63 51.87 -17.26
N ARG A 7 -2.37 51.90 -15.95
CA ARG A 7 -1.03 51.58 -15.49
C ARG A 7 -1.09 51.05 -14.06
N TYR A 8 -0.14 50.16 -13.76
CA TYR A 8 0.01 49.57 -12.44
C TYR A 8 1.39 49.90 -11.90
N PHE A 9 1.44 50.34 -10.64
CA PHE A 9 2.69 50.66 -9.97
C PHE A 9 2.96 49.66 -8.86
N ARG A 10 4.24 49.35 -8.66
CA ARG A 10 4.70 48.55 -7.53
C ARG A 10 5.79 49.34 -6.80
N LEU A 11 5.78 49.25 -5.48
CA LEU A 11 6.80 49.89 -4.65
C LEU A 11 7.28 48.89 -3.61
N GLY A 12 8.58 48.74 -3.50
CA GLY A 12 9.18 47.91 -2.47
C GLY A 12 10.21 48.69 -1.68
N VAL A 13 10.23 48.46 -0.38
CA VAL A 13 11.15 49.13 0.54
C VAL A 13 11.90 48.06 1.32
N SER A 14 13.23 48.16 1.36
CA SER A 14 14.06 47.09 1.90
C SER A 14 14.01 47.04 3.42
N ASP A 15 14.24 48.16 4.10
CA ASP A 15 14.23 48.24 5.55
C ASP A 15 13.30 49.36 5.99
N PRO A 16 11.99 49.14 5.90
CA PRO A 16 11.04 50.22 6.22
C PRO A 16 10.91 50.45 7.72
N ILE A 17 10.60 51.70 8.06
CA ILE A 17 10.35 52.02 9.46
C ILE A 17 9.06 51.36 9.91
N HIS A 18 8.95 51.16 11.22
CA HIS A 18 7.87 50.37 11.79
C HIS A 18 6.50 50.93 11.42
N GLY A 19 5.63 50.05 10.93
CA GLY A 19 4.28 50.44 10.55
C GLY A 19 4.08 50.54 9.05
N VAL A 20 5.07 51.09 8.36
CA VAL A 20 5.02 51.31 6.92
C VAL A 20 5.19 49.97 6.20
N PRO A 21 4.43 49.70 5.13
CA PRO A 21 4.57 48.41 4.44
C PRO A 21 5.81 48.38 3.55
N GLU A 22 6.32 47.17 3.33
CA GLU A 22 7.45 47.01 2.43
C GLU A 22 7.03 46.76 0.99
N PHE A 23 5.73 46.58 0.72
CA PHE A 23 5.27 46.38 -0.65
C PHE A 23 3.91 47.06 -0.83
N ILE A 24 3.77 47.79 -1.94
CA ILE A 24 2.52 48.45 -2.31
C ILE A 24 2.30 48.29 -3.81
N SER A 25 1.06 48.10 -4.22
CA SER A 25 0.70 48.06 -5.63
C SER A 25 -0.62 48.80 -5.83
N VAL A 26 -0.63 49.78 -6.73
CA VAL A 26 -1.80 50.59 -7.02
C VAL A 26 -1.98 50.67 -8.53
N GLY A 27 -3.20 50.45 -8.99
CA GLY A 27 -3.53 50.60 -10.41
C GLY A 27 -4.29 51.89 -10.66
N TYR A 28 -4.08 52.45 -11.84
CA TYR A 28 -4.72 53.70 -12.24
C TYR A 28 -5.33 53.57 -13.63
N VAL A 29 -6.49 54.19 -13.81
CA VAL A 29 -7.03 54.54 -15.12
C VAL A 29 -7.03 56.05 -15.21
N ASP A 30 -6.25 56.60 -16.15
CA ASP A 30 -5.98 58.03 -16.23
C ASP A 30 -5.39 58.49 -14.90
N SER A 31 -6.04 59.39 -14.17
CA SER A 31 -5.59 59.87 -12.88
C SER A 31 -6.36 59.27 -11.72
N HIS A 32 -7.24 58.30 -11.97
CA HIS A 32 -8.06 57.69 -10.93
C HIS A 32 -7.44 56.38 -10.47
N PRO A 33 -7.18 56.21 -9.18
CA PRO A 33 -6.79 54.89 -8.68
C PRO A 33 -7.96 53.92 -8.77
N ILE A 34 -7.65 52.67 -9.15
CA ILE A 34 -8.72 51.68 -9.34
C ILE A 34 -8.50 50.49 -8.43
N THR A 35 -7.25 50.12 -8.17
CA THR A 35 -6.93 48.94 -7.37
C THR A 35 -5.83 49.27 -6.38
N THR A 36 -5.78 48.50 -5.30
CA THR A 36 -4.72 48.68 -4.31
C THR A 36 -4.45 47.36 -3.57
N TYR A 37 -3.20 47.20 -3.16
CA TYR A 37 -2.75 46.06 -2.37
C TYR A 37 -1.47 46.47 -1.64
N ASP A 38 -1.29 45.95 -0.44
CA ASP A 38 -0.05 46.20 0.28
C ASP A 38 0.25 45.02 1.20
N SER A 39 1.51 44.97 1.65
CA SER A 39 1.99 43.86 2.47
C SER A 39 1.38 43.84 3.86
N VAL A 40 0.60 44.84 4.24
CA VAL A 40 -0.07 44.85 5.54
C VAL A 40 -1.45 44.22 5.45
N THR A 41 -2.28 44.69 4.52
CA THR A 41 -3.60 44.09 4.34
C THR A 41 -3.51 42.72 3.69
N ARG A 42 -2.53 42.52 2.81
CA ARG A 42 -2.39 41.27 2.04
C ARG A 42 -3.66 40.96 1.26
N GLN A 43 -4.45 41.99 0.96
CA GLN A 43 -5.68 41.87 0.18
C GLN A 43 -5.66 42.89 -0.94
N LYS A 44 -6.11 42.47 -2.12
CA LYS A 44 -6.30 43.40 -3.22
C LYS A 44 -7.73 43.92 -3.19
N GLU A 45 -7.86 45.24 -3.18
CA GLU A 45 -9.14 45.89 -2.99
C GLU A 45 -9.35 46.96 -4.04
N PRO A 46 -10.59 47.20 -4.44
CA PRO A 46 -10.87 48.28 -5.40
C PRO A 46 -10.71 49.64 -4.75
N ARG A 47 -10.34 50.62 -5.57
CA ARG A 47 -10.21 52.01 -5.14
CA ARG A 47 -10.22 52.01 -5.12
C ARG A 47 -11.22 52.92 -5.81
N ALA A 48 -12.14 52.37 -6.61
CA ALA A 48 -13.16 53.12 -7.30
C ALA A 48 -14.48 52.38 -7.17
N PRO A 49 -15.59 53.09 -7.01
CA PRO A 49 -16.89 52.41 -6.91
C PRO A 49 -17.26 51.63 -8.16
N TRP A 50 -17.04 52.22 -9.34
CA TRP A 50 -17.35 51.53 -10.59
C TRP A 50 -16.43 50.35 -10.86
N MET A 51 -15.37 50.18 -10.07
CA MET A 51 -14.59 48.94 -10.12
C MET A 51 -15.20 47.89 -9.21
N ALA A 52 -15.60 48.28 -8.00
CA ALA A 52 -16.16 47.32 -7.05
C ALA A 52 -17.51 46.79 -7.51
N GLU A 53 -18.27 47.60 -8.26
CA GLU A 53 -19.61 47.21 -8.67
C GLU A 53 -19.62 46.27 -9.88
N ASN A 54 -18.55 46.23 -10.66
CA ASN A 54 -18.53 45.48 -11.90
C ASN A 54 -17.60 44.28 -11.88
N LEU A 55 -16.82 44.08 -10.82
CA LEU A 55 -15.90 42.96 -10.73
C LEU A 55 -16.31 42.05 -9.58
N ALA A 56 -16.54 40.78 -9.88
CA ALA A 56 -17.01 39.83 -8.91
C ALA A 56 -15.93 39.51 -7.87
N PRO A 57 -16.31 39.01 -6.70
CA PRO A 57 -15.31 38.69 -5.67
C PRO A 57 -14.27 37.67 -6.11
N ASP A 58 -14.63 36.75 -7.02
CA ASP A 58 -13.64 35.79 -7.50
C ASP A 58 -12.48 36.49 -8.21
N HIS A 59 -12.74 37.68 -8.76
CA HIS A 59 -11.66 38.45 -9.37
C HIS A 59 -10.69 38.98 -8.32
N TRP A 60 -11.22 39.55 -7.24
CA TRP A 60 -10.36 40.06 -6.18
C TRP A 60 -9.68 38.94 -5.41
N GLU A 61 -10.31 37.77 -5.32
CA GLU A 61 -9.66 36.62 -4.69
C GLU A 61 -8.46 36.17 -5.51
N ARG A 62 -8.65 36.04 -6.83
CA ARG A 62 -7.58 35.55 -7.70
C ARG A 62 -6.37 36.46 -7.67
N TYR A 63 -6.57 37.76 -7.87
CA TYR A 63 -5.44 38.69 -7.93
C TYR A 63 -4.83 38.97 -6.56
N THR A 64 -5.57 38.76 -5.47
CA THR A 64 -4.95 38.76 -4.15
C THR A 64 -3.88 37.67 -4.06
N GLN A 65 -4.18 36.48 -4.57
CA GLN A 65 -3.21 35.40 -4.56
C GLN A 65 -2.00 35.74 -5.43
N LEU A 66 -2.24 36.30 -6.60
CA LEU A 66 -1.12 36.67 -7.48
C LEU A 66 -0.21 37.70 -6.81
N LEU A 67 -0.79 38.68 -6.12
CA LEU A 67 0.02 39.76 -5.58
C LEU A 67 0.78 39.31 -4.34
N ARG A 68 0.27 38.32 -3.61
CA ARG A 68 1.05 37.73 -2.52
C ARG A 68 2.31 37.06 -3.07
N GLY A 69 2.20 36.41 -4.22
CA GLY A 69 3.39 35.86 -4.85
C GLY A 69 4.29 36.94 -5.44
N TRP A 70 3.69 37.95 -6.06
CA TRP A 70 4.48 39.04 -6.63
C TRP A 70 5.15 39.87 -5.54
N GLN A 71 4.49 40.04 -4.39
CA GLN A 71 5.13 40.71 -3.27
C GLN A 71 6.42 40.01 -2.89
N GLN A 72 6.38 38.67 -2.79
CA GLN A 72 7.58 37.92 -2.46
C GLN A 72 8.62 38.01 -3.58
N MET A 73 8.17 37.91 -4.83
CA MET A 73 9.09 38.06 -5.96
C MET A 73 9.74 39.43 -5.97
N PHE A 74 9.00 40.47 -5.57
CA PHE A 74 9.58 41.81 -5.52
C PHE A 74 10.59 41.93 -4.39
N LYS A 75 10.30 41.31 -3.23
CA LYS A 75 11.26 41.29 -2.14
C LYS A 75 12.55 40.61 -2.56
N VAL A 76 12.46 39.51 -3.31
CA VAL A 76 13.65 38.80 -3.76
C VAL A 76 14.47 39.69 -4.70
N GLU A 77 13.79 40.35 -5.65
CA GLU A 77 14.50 41.17 -6.63
C GLU A 77 15.21 42.35 -5.98
N LEU A 78 14.60 42.96 -4.96
CA LEU A 78 15.24 44.08 -4.30
C LEU A 78 16.44 43.63 -3.48
N LYS A 79 16.35 42.46 -2.85
CA LYS A 79 17.51 41.91 -2.16
C LYS A 79 18.68 41.71 -3.11
N ARG A 80 18.38 41.27 -4.33
CA ARG A 80 19.44 41.03 -5.32
C ARG A 80 20.06 42.34 -5.79
N LEU A 81 19.24 43.37 -6.02
CA LEU A 81 19.78 44.65 -6.46
C LEU A 81 20.65 45.28 -5.38
N GLN A 82 20.17 45.29 -4.14
CA GLN A 82 20.89 45.97 -3.07
C GLN A 82 22.16 45.23 -2.69
N ARG A 83 22.19 43.91 -2.86
CA ARG A 83 23.43 43.16 -2.64
C ARG A 83 24.48 43.51 -3.68
N HIS A 84 24.07 43.61 -4.95
CA HIS A 84 25.02 43.91 -6.02
C HIS A 84 25.39 45.39 -6.08
N TYR A 85 24.55 46.29 -5.57
CA TYR A 85 24.94 47.68 -5.40
C TYR A 85 25.86 47.88 -4.20
N ASN A 86 25.99 46.88 -3.33
CA ASN A 86 26.72 47.00 -2.07
C ASN A 86 26.18 48.17 -1.26
N HIS A 87 24.86 48.34 -1.27
CA HIS A 87 24.17 49.41 -0.57
C HIS A 87 23.61 48.91 0.74
N SER A 88 23.84 49.66 1.81
CA SER A 88 23.24 49.39 3.10
C SER A 88 22.12 50.38 3.39
N GLY A 89 21.26 50.01 4.33
CA GLY A 89 20.14 50.84 4.70
C GLY A 89 18.86 50.47 3.98
N SER A 90 17.93 51.42 3.96
CA SER A 90 16.64 51.24 3.32
C SER A 90 16.67 51.84 1.92
N HIS A 91 16.31 51.03 0.93
CA HIS A 91 16.30 51.47 -0.46
C HIS A 91 14.99 51.02 -1.10
N THR A 92 14.61 51.72 -2.17
CA THR A 92 13.32 51.53 -2.81
C THR A 92 13.50 50.89 -4.19
N TYR A 93 12.50 50.12 -4.60
CA TYR A 93 12.47 49.43 -5.88
C TYR A 93 11.07 49.59 -6.44
N GLN A 94 10.96 50.14 -7.66
CA GLN A 94 9.67 50.50 -8.22
C GLN A 94 9.50 49.90 -9.60
N ARG A 95 8.25 49.67 -9.97
CA ARG A 95 7.90 49.10 -11.26
C ARG A 95 6.64 49.80 -11.78
N MET A 96 6.61 50.07 -13.08
CA MET A 96 5.43 50.63 -13.72
CA MET A 96 5.44 50.64 -13.73
C MET A 96 5.21 49.94 -15.05
N ILE A 97 3.98 49.49 -15.28
CA ILE A 97 3.60 48.86 -16.53
C ILE A 97 2.25 49.45 -16.93
N GLY A 98 2.02 49.55 -18.24
CA GLY A 98 0.73 50.05 -18.69
C GLY A 98 0.73 50.34 -20.18
N CYS A 99 -0.37 50.94 -20.61
CA CYS A 99 -0.61 51.19 -22.02
C CYS A 99 -1.49 52.42 -22.17
N GLU A 100 -1.48 52.99 -23.38
CA GLU A 100 -2.32 54.11 -23.74
C GLU A 100 -3.13 53.78 -24.99
N LEU A 101 -4.42 54.13 -24.97
CA LEU A 101 -5.27 54.08 -26.15
C LEU A 101 -5.49 55.52 -26.59
N LEU A 102 -4.80 55.91 -27.66
CA LEU A 102 -4.82 57.29 -28.10
C LEU A 102 -6.11 57.62 -28.84
N GLU A 103 -6.28 58.92 -29.13
CA GLU A 103 -7.52 59.40 -29.74
C GLU A 103 -7.74 58.80 -31.11
N ASP A 104 -6.69 58.76 -31.94
CA ASP A 104 -6.79 58.26 -33.31
C ASP A 104 -6.80 56.74 -33.40
N GLY A 105 -6.90 56.02 -32.29
CA GLY A 105 -6.95 54.58 -32.31
C GLY A 105 -5.63 53.88 -32.11
N SER A 106 -4.50 54.58 -32.29
CA SER A 106 -3.20 53.97 -32.08
C SER A 106 -2.97 53.72 -30.59
N THR A 107 -2.04 52.83 -30.30
CA THR A 107 -1.76 52.41 -28.93
C THR A 107 -0.28 52.54 -28.64
N THR A 108 0.04 52.63 -27.34
CA THR A 108 1.41 52.57 -26.86
C THR A 108 1.47 51.62 -25.67
N GLY A 109 2.68 51.16 -25.37
CA GLY A 109 2.89 50.26 -24.26
C GLY A 109 4.24 50.46 -23.62
N PHE A 110 4.30 50.40 -22.30
CA PHE A 110 5.53 50.73 -21.57
C PHE A 110 5.67 49.82 -20.35
N LEU A 111 6.91 49.53 -20.00
CA LEU A 111 7.24 48.76 -18.80
C LEU A 111 8.65 49.15 -18.38
N GLN A 112 8.80 49.63 -17.15
CA GLN A 112 10.10 50.07 -16.70
C GLN A 112 10.20 49.92 -15.19
N TYR A 113 11.44 49.87 -14.71
CA TYR A 113 11.78 49.69 -13.30
C TYR A 113 12.64 50.85 -12.83
N ALA A 114 12.62 51.09 -11.52
CA ALA A 114 13.41 52.15 -10.92
C ALA A 114 13.99 51.69 -9.59
N TYR A 115 15.20 52.17 -9.30
CA TYR A 115 15.87 51.93 -8.03
C TYR A 115 16.19 53.28 -7.40
N ASP A 116 15.70 53.49 -6.18
CA ASP A 116 15.87 54.75 -5.46
C ASP A 116 15.32 55.93 -6.26
N GLY A 117 14.21 55.69 -6.94
CA GLY A 117 13.53 56.71 -7.71
C GLY A 117 14.20 57.12 -9.01
N GLN A 118 15.22 56.38 -9.46
CA GLN A 118 15.91 56.67 -10.71
C GLN A 118 15.70 55.52 -11.68
N ASP A 119 15.61 55.84 -12.97
CA ASP A 119 15.44 54.83 -14.01
C ASP A 119 16.46 53.72 -13.84
N PHE A 120 15.99 52.48 -14.02
CA PHE A 120 16.84 51.31 -13.82
C PHE A 120 16.83 50.42 -15.07
N LEU A 121 15.64 49.97 -15.46
CA LEU A 121 15.47 49.15 -16.66
C LEU A 121 14.25 49.65 -17.41
N ILE A 122 14.40 49.86 -18.72
CA ILE A 122 13.31 50.31 -19.58
C ILE A 122 13.15 49.31 -20.71
N PHE A 123 11.93 48.79 -20.88
CA PHE A 123 11.66 47.79 -21.90
C PHE A 123 11.29 48.46 -23.21
N ASN A 124 11.83 47.91 -24.30
CA ASN A 124 11.49 48.32 -25.66
C ASN A 124 10.79 47.13 -26.32
N LYS A 125 9.47 47.17 -26.38
CA LYS A 125 8.68 46.08 -26.92
C LYS A 125 8.76 45.97 -28.44
N ASP A 126 9.43 46.91 -29.11
CA ASP A 126 9.60 46.85 -30.56
C ASP A 126 10.90 46.20 -30.98
N THR A 127 11.96 46.36 -30.19
CA THR A 127 13.20 45.63 -30.40
C THR A 127 13.31 44.42 -29.49
N LEU A 128 12.35 44.21 -28.60
CA LEU A 128 12.35 43.11 -27.63
C LEU A 128 13.66 43.08 -26.84
N SER A 129 13.97 44.23 -26.24
CA SER A 129 15.22 44.39 -25.52
C SER A 129 14.99 45.29 -24.31
N TRP A 130 15.92 45.23 -23.36
CA TRP A 130 15.88 46.04 -22.16
C TRP A 130 17.01 47.05 -22.19
N LEU A 131 16.73 48.25 -21.72
CA LEU A 131 17.74 49.30 -21.60
C LEU A 131 18.24 49.33 -20.16
N ALA A 132 19.56 49.25 -19.99
CA ALA A 132 20.19 49.22 -18.68
C ALA A 132 20.95 50.52 -18.46
N VAL A 133 20.78 51.11 -17.28
CA VAL A 133 21.40 52.39 -16.97
C VAL A 133 22.78 52.22 -16.32
N ASP A 134 23.03 51.11 -15.63
CA ASP A 134 24.34 50.86 -15.02
C ASP A 134 24.66 49.38 -15.15
N ASN A 135 25.74 48.95 -14.51
CA ASN A 135 26.22 47.59 -14.64
C ASN A 135 25.48 46.61 -13.74
N VAL A 136 24.78 47.09 -12.72
CA VAL A 136 23.87 46.21 -11.97
C VAL A 136 22.64 45.91 -12.80
N ALA A 137 22.11 46.91 -13.49
CA ALA A 137 20.97 46.68 -14.39
C ALA A 137 21.40 45.90 -15.63
N HIS A 138 22.65 46.06 -16.07
CA HIS A 138 23.14 45.29 -17.20
C HIS A 138 23.17 43.80 -16.90
N THR A 139 23.42 43.44 -15.63
CA THR A 139 23.39 42.03 -15.25
C THR A 139 21.96 41.49 -15.30
N ILE A 140 20.99 42.27 -14.81
CA ILE A 140 19.60 41.86 -14.88
C ILE A 140 19.15 41.77 -16.33
N LYS A 141 19.62 42.68 -17.17
CA LYS A 141 19.23 42.71 -18.57
C LYS A 141 19.64 41.42 -19.29
N GLN A 142 20.85 40.94 -19.03
CA GLN A 142 21.31 39.73 -19.71
C GLN A 142 20.51 38.50 -19.27
N ALA A 143 20.09 38.47 -18.01
CA ALA A 143 19.28 37.34 -17.54
C ALA A 143 17.87 37.38 -18.11
N TRP A 144 17.26 38.57 -18.14
CA TRP A 144 15.90 38.68 -18.66
C TRP A 144 15.85 38.47 -20.17
N GLU A 145 16.91 38.86 -20.89
CA GLU A 145 16.92 38.70 -22.34
C GLU A 145 17.29 37.28 -22.77
N ALA A 146 17.94 36.51 -21.89
CA ALA A 146 18.22 35.11 -22.21
C ALA A 146 16.95 34.28 -22.30
N ASN A 147 15.87 34.74 -21.65
CA ASN A 147 14.56 34.09 -21.73
C ASN A 147 13.74 34.85 -22.78
N GLN A 148 13.96 34.48 -24.05
CA GLN A 148 13.28 35.16 -25.15
CA GLN A 148 13.28 35.16 -25.15
C GLN A 148 11.76 35.05 -25.02
N HIS A 149 11.26 33.97 -24.43
CA HIS A 149 9.82 33.82 -24.27
C HIS A 149 9.24 34.83 -23.31
N GLU A 150 10.04 35.30 -22.35
CA GLU A 150 9.54 36.31 -21.42
C GLU A 150 9.37 37.66 -22.10
N LEU A 151 10.29 38.01 -23.00
CA LEU A 151 10.15 39.25 -23.76
C LEU A 151 8.91 39.19 -24.65
N LEU A 152 8.73 38.07 -25.36
CA LEU A 152 7.55 37.90 -26.20
C LEU A 152 6.27 37.96 -25.37
N TYR A 153 6.30 37.40 -24.16
CA TYR A 153 5.11 37.43 -23.31
C TYR A 153 4.72 38.86 -22.95
N GLN A 154 5.71 39.68 -22.58
CA GLN A 154 5.41 41.06 -22.20
CA GLN A 154 5.41 41.06 -22.20
C GLN A 154 4.91 41.87 -23.40
N LYS A 155 5.47 41.63 -24.58
CA LYS A 155 5.01 42.33 -25.77
C LYS A 155 3.55 42.04 -26.05
N ASN A 156 3.13 40.78 -25.90
CA ASN A 156 1.73 40.44 -26.10
C ASN A 156 0.84 41.07 -25.04
N TRP A 157 1.31 41.11 -23.79
CA TRP A 157 0.49 41.68 -22.73
C TRP A 157 0.31 43.18 -22.90
N LEU A 158 1.38 43.88 -23.28
CA LEU A 158 1.30 45.34 -23.44
C LEU A 158 0.41 45.72 -24.63
N GLU A 159 0.55 45.01 -25.75
CA GLU A 159 -0.14 45.38 -26.97
C GLU A 159 -1.57 44.85 -27.04
N GLU A 160 -1.84 43.70 -26.43
CA GLU A 160 -3.17 43.08 -26.52
C GLU A 160 -3.91 43.08 -25.20
N GLU A 161 -3.32 42.49 -24.15
CA GLU A 161 -4.04 42.31 -22.90
C GLU A 161 -4.28 43.63 -22.20
N CYS A 162 -3.26 44.49 -22.10
CA CYS A 162 -3.42 45.76 -21.42
C CYS A 162 -4.49 46.61 -22.08
N ILE A 163 -4.49 46.68 -23.41
CA ILE A 163 -5.48 47.46 -24.12
C ILE A 163 -6.88 46.93 -23.87
N ALA A 164 -7.03 45.61 -23.82
CA ALA A 164 -8.35 45.02 -23.62
C ALA A 164 -8.87 45.28 -22.21
N TRP A 165 -7.99 45.26 -21.21
CA TRP A 165 -8.40 45.66 -19.86
C TRP A 165 -8.82 47.12 -19.83
N LEU A 166 -8.06 47.98 -20.53
CA LEU A 166 -8.36 49.41 -20.54
C LEU A 166 -9.73 49.68 -21.14
N LYS A 167 -10.05 49.03 -22.26
CA LYS A 167 -11.38 49.19 -22.85
C LYS A 167 -12.46 48.71 -21.89
N ARG A 168 -12.22 47.59 -21.20
CA ARG A 168 -13.19 47.06 -20.25
C ARG A 168 -13.43 48.05 -19.11
N PHE A 169 -12.35 48.57 -18.53
CA PHE A 169 -12.49 49.53 -17.43
C PHE A 169 -13.09 50.85 -17.91
N LEU A 170 -12.81 51.24 -19.15
CA LEU A 170 -13.39 52.48 -19.69
C LEU A 170 -14.92 52.40 -19.71
N GLU A 171 -15.46 51.23 -20.00
CA GLU A 171 -16.91 51.08 -20.02
C GLU A 171 -17.48 51.05 -18.61
N TYR A 172 -16.76 50.42 -17.67
CA TYR A 172 -17.24 50.32 -16.30
C TYR A 172 -17.45 51.71 -15.69
N GLY A 173 -16.52 52.63 -15.92
CA GLY A 173 -16.61 53.95 -15.33
C GLY A 173 -16.70 55.07 -16.34
N LYS A 174 -17.50 54.88 -17.39
CA LYS A 174 -17.60 55.90 -18.43
C LYS A 174 -18.29 57.16 -17.93
N ASP A 175 -19.18 57.04 -16.94
CA ASP A 175 -19.81 58.22 -16.37
C ASP A 175 -18.77 59.16 -15.76
N THR A 176 -17.64 58.61 -15.31
CA THR A 176 -16.56 59.40 -14.73
C THR A 176 -15.47 59.73 -15.75
N LEU A 177 -15.00 58.73 -16.48
CA LEU A 177 -13.80 58.90 -17.30
C LEU A 177 -14.07 59.64 -18.60
N GLN A 178 -15.29 59.57 -19.13
CA GLN A 178 -15.61 60.14 -20.43
C GLN A 178 -16.47 61.38 -20.34
N ARG A 179 -16.68 61.92 -19.15
CA ARG A 179 -17.42 63.16 -19.01
C ARG A 179 -16.50 64.36 -19.27
N THR A 180 -17.12 65.52 -19.47
CA THR A 180 -16.40 66.77 -19.66
C THR A 180 -17.04 67.84 -18.80
N GLU A 181 -16.25 68.42 -17.90
CA GLU A 181 -16.66 69.62 -17.18
C GLU A 181 -15.79 70.78 -17.66
N PRO A 182 -16.31 71.69 -18.48
CA PRO A 182 -15.49 72.79 -18.99
C PRO A 182 -15.04 73.72 -17.89
N PRO A 183 -13.93 74.42 -18.07
CA PRO A 183 -13.34 75.23 -17.00
C PRO A 183 -13.99 76.61 -16.87
N LEU A 184 -13.86 77.17 -15.66
CA LEU A 184 -14.21 78.54 -15.36
C LEU A 184 -12.92 79.37 -15.35
N VAL A 185 -12.78 80.28 -16.31
CA VAL A 185 -11.55 81.01 -16.52
C VAL A 185 -11.78 82.48 -16.21
N ARG A 186 -10.87 83.08 -15.43
CA ARG A 186 -10.92 84.49 -15.09
C ARG A 186 -9.51 85.06 -15.15
N VAL A 187 -9.42 86.40 -15.14
CA VAL A 187 -8.15 87.11 -15.12
C VAL A 187 -8.22 88.16 -14.01
N ASN A 188 -7.08 88.37 -13.35
CA ASN A 188 -6.97 89.44 -12.36
C ASN A 188 -5.51 89.84 -12.23
N ARG A 189 -5.27 90.89 -11.46
CA ARG A 189 -3.96 91.50 -11.32
C ARG A 189 -3.40 91.26 -9.92
N LYS A 190 -2.08 91.33 -9.81
CA LYS A 190 -1.40 91.14 -8.53
C LYS A 190 -0.06 91.88 -8.50
N VAL A 196 5.73 96.44 -10.11
CA VAL A 196 5.50 95.04 -9.76
C VAL A 196 4.04 94.68 -10.01
N THR A 197 3.71 94.35 -11.25
CA THR A 197 2.32 94.07 -11.64
C THR A 197 2.31 92.91 -12.62
N ALA A 198 1.45 91.93 -12.36
CA ALA A 198 1.35 90.74 -13.18
C ALA A 198 -0.12 90.43 -13.48
N LEU A 199 -0.32 89.65 -14.53
CA LEU A 199 -1.64 89.19 -14.93
C LEU A 199 -1.73 87.68 -14.68
N PHE A 200 -2.76 87.26 -13.95
CA PHE A 200 -2.96 85.86 -13.61
C PHE A 200 -4.21 85.35 -14.32
N CYS A 201 -4.03 84.33 -15.16
CA CYS A 201 -5.13 83.65 -15.82
C CYS A 201 -5.42 82.37 -15.04
N LYS A 202 -6.59 82.30 -14.41
CA LYS A 202 -6.92 81.22 -13.49
C LYS A 202 -8.09 80.42 -14.02
N ALA A 203 -7.95 79.10 -14.02
CA ALA A 203 -9.02 78.19 -14.40
C ALA A 203 -9.29 77.22 -13.25
N HIS A 204 -10.54 76.78 -13.13
CA HIS A 204 -10.89 75.84 -12.08
C HIS A 204 -12.19 75.14 -12.43
N GLY A 205 -12.46 74.05 -11.72
CA GLY A 205 -13.69 73.30 -11.90
C GLY A 205 -13.77 72.50 -13.18
N PHE A 206 -12.63 72.08 -13.74
CA PHE A 206 -12.63 71.37 -15.01
C PHE A 206 -12.18 69.93 -14.85
N TYR A 207 -12.68 69.07 -15.75
CA TYR A 207 -12.29 67.68 -15.90
C TYR A 207 -12.48 67.38 -17.38
N PRO A 208 -11.57 66.60 -18.00
CA PRO A 208 -10.38 65.93 -17.45
C PRO A 208 -9.28 66.92 -17.07
N PRO A 209 -8.28 66.49 -16.29
CA PRO A 209 -7.23 67.43 -15.85
C PRO A 209 -6.29 67.91 -16.95
N GLU A 210 -6.47 67.46 -18.20
CA GLU A 210 -5.61 67.88 -19.29
C GLU A 210 -6.11 69.21 -19.85
N ILE A 211 -5.29 70.25 -19.70
CA ILE A 211 -5.67 71.59 -20.13
C ILE A 211 -4.41 72.34 -20.55
N TYR A 212 -4.55 73.24 -21.51
CA TYR A 212 -3.45 74.06 -22.01
C TYR A 212 -3.78 75.53 -21.79
N MET A 213 -2.91 76.23 -21.06
CA MET A 213 -3.08 77.64 -20.77
C MET A 213 -1.80 78.38 -21.15
N THR A 214 -1.94 79.45 -21.94
CA THR A 214 -0.79 80.24 -22.35
C THR A 214 -1.22 81.68 -22.57
N TRP A 215 -0.27 82.59 -22.42
CA TRP A 215 -0.47 84.01 -22.67
C TRP A 215 0.03 84.38 -24.06
N MET A 216 -0.61 85.39 -24.65
CA MET A 216 -0.22 85.90 -25.95
C MET A 216 -0.13 87.42 -25.88
N LYS A 217 0.97 87.97 -26.39
CA LYS A 217 1.21 89.40 -26.41
C LYS A 217 1.09 89.88 -27.85
N ASN A 218 0.05 90.66 -28.14
CA ASN A 218 -0.20 91.25 -29.45
C ASN A 218 -0.39 90.22 -30.56
N GLY A 219 -0.50 88.94 -30.21
CA GLY A 219 -0.66 87.88 -31.19
C GLY A 219 0.48 86.88 -31.25
N GLU A 220 1.61 87.16 -30.60
CA GLU A 220 2.76 86.26 -30.59
C GLU A 220 2.91 85.61 -29.22
N GLU A 221 3.39 84.37 -29.22
CA GLU A 221 3.52 83.62 -27.98
C GLU A 221 4.76 84.08 -27.21
N ILE A 222 4.72 83.84 -25.89
CA ILE A 222 5.65 84.45 -24.95
C ILE A 222 6.30 83.39 -24.09
N VAL A 223 6.46 82.18 -24.65
CA VAL A 223 6.84 80.96 -23.92
C VAL A 223 7.97 81.20 -22.93
N GLN A 224 8.93 82.06 -23.28
CA GLN A 224 10.08 82.28 -22.41
C GLN A 224 9.71 83.12 -21.19
N GLU A 225 8.73 84.01 -21.31
CA GLU A 225 8.39 84.94 -20.24
C GLU A 225 7.18 84.51 -19.43
N ILE A 226 6.50 83.45 -19.83
CA ILE A 226 5.29 83.01 -19.14
C ILE A 226 5.66 82.15 -17.93
N ASP A 227 4.90 82.28 -16.86
CA ASP A 227 5.04 81.49 -15.66
C ASP A 227 3.84 80.57 -15.53
N TYR A 228 4.08 79.25 -15.50
CA TYR A 228 3.02 78.26 -15.49
C TYR A 228 2.87 77.65 -14.10
N GLY A 229 1.65 77.69 -13.57
CA GLY A 229 1.33 76.94 -12.38
C GLY A 229 0.91 75.51 -12.71
N ASP A 230 1.03 74.65 -11.70
CA ASP A 230 0.71 73.24 -11.90
C ASP A 230 -0.80 73.03 -11.93
N ILE A 231 -1.21 71.88 -12.47
CA ILE A 231 -2.60 71.45 -12.46
C ILE A 231 -2.86 70.71 -11.16
N LEU A 232 -3.76 71.23 -10.35
CA LEU A 232 -3.94 70.74 -8.99
C LEU A 232 -5.33 70.19 -8.77
N PRO A 233 -5.48 69.14 -7.95
CA PRO A 233 -6.81 68.60 -7.66
C PRO A 233 -7.53 69.47 -6.63
N SER A 234 -8.80 69.77 -6.92
CA SER A 234 -9.61 70.56 -5.99
C SER A 234 -10.17 69.73 -4.85
N GLY A 235 -10.21 68.40 -5.02
CA GLY A 235 -10.76 67.51 -4.01
C GLY A 235 -12.18 67.05 -4.25
N ASP A 236 -12.84 67.59 -5.29
CA ASP A 236 -14.21 67.20 -5.63
C ASP A 236 -14.31 66.51 -6.97
N GLY A 237 -13.18 66.06 -7.53
CA GLY A 237 -13.18 65.44 -8.83
C GLY A 237 -12.85 66.38 -9.97
N THR A 238 -12.65 67.66 -9.69
CA THR A 238 -12.26 68.65 -10.70
C THR A 238 -10.90 69.23 -10.34
N TYR A 239 -10.34 70.00 -11.26
CA TYR A 239 -8.98 70.48 -11.13
C TYR A 239 -8.93 71.98 -11.37
N GLN A 240 -7.78 72.57 -11.03
CA GLN A 240 -7.55 74.00 -11.18
C GLN A 240 -6.10 74.23 -11.58
N ALA A 241 -5.87 75.33 -12.28
CA ALA A 241 -4.53 75.69 -12.75
C ALA A 241 -4.52 77.19 -13.02
N TRP A 242 -3.33 77.71 -13.34
CA TRP A 242 -3.19 79.12 -13.65
C TRP A 242 -1.92 79.33 -14.47
N ALA A 243 -1.75 80.58 -14.92
CA ALA A 243 -0.57 80.99 -15.67
C ALA A 243 -0.46 82.52 -15.57
N SER A 244 0.70 83.00 -15.11
CA SER A 244 0.92 84.42 -14.92
C SER A 244 1.90 84.95 -15.94
N ILE A 245 1.98 86.29 -16.01
CA ILE A 245 2.92 86.97 -16.89
C ILE A 245 3.15 88.37 -16.32
N GLU A 246 4.36 88.88 -16.53
CA GLU A 246 4.76 90.17 -15.98
C GLU A 246 4.41 91.29 -16.95
N LEU A 247 3.84 92.37 -16.43
CA LEU A 247 3.39 93.48 -17.25
C LEU A 247 4.51 94.51 -17.45
N ASP A 248 4.59 95.05 -18.66
CA ASP A 248 5.55 96.09 -19.00
C ASP A 248 5.04 97.43 -18.47
N PRO A 249 5.75 98.04 -17.52
CA PRO A 249 5.26 99.31 -16.95
C PRO A 249 5.42 100.49 -17.88
N GLN A 250 6.26 100.40 -18.91
CA GLN A 250 6.56 101.54 -19.76
C GLN A 250 5.80 101.54 -21.09
N SER A 251 5.25 100.40 -21.50
CA SER A 251 4.51 100.30 -22.74
C SER A 251 3.29 99.42 -22.54
N SER A 252 2.17 99.82 -23.15
CA SER A 252 0.95 99.02 -23.12
C SER A 252 0.98 98.01 -24.25
N ASN A 253 0.52 96.80 -23.97
CA ASN A 253 0.42 95.74 -24.95
C ASN A 253 -0.95 95.09 -24.86
N LEU A 254 -1.29 94.31 -25.88
CA LEU A 254 -2.55 93.58 -25.91
C LEU A 254 -2.27 92.15 -25.44
N TYR A 255 -2.46 91.92 -24.14
CA TYR A 255 -2.32 90.60 -23.56
C TYR A 255 -3.66 89.87 -23.61
N SER A 256 -3.62 88.59 -24.01
CA SER A 256 -4.82 87.78 -24.08
C SER A 256 -4.48 86.36 -23.63
N CYS A 257 -5.27 85.84 -22.70
CA CYS A 257 -5.08 84.48 -22.22
C CYS A 257 -5.79 83.49 -23.14
N HIS A 258 -5.14 82.38 -23.41
CA HIS A 258 -5.68 81.33 -24.26
C HIS A 258 -5.76 80.03 -23.45
N VAL A 259 -6.92 79.38 -23.50
CA VAL A 259 -7.15 78.14 -22.78
C VAL A 259 -7.71 77.11 -23.75
N GLU A 260 -7.11 75.92 -23.74
CA GLU A 260 -7.56 74.79 -24.56
C GLU A 260 -7.92 73.63 -23.64
N HIS A 261 -9.12 73.10 -23.81
CA HIS A 261 -9.58 72.01 -22.95
C HIS A 261 -10.64 71.21 -23.68
N SER A 262 -10.37 69.92 -23.89
CA SER A 262 -11.34 68.95 -24.42
C SER A 262 -11.93 69.41 -25.75
N GLY A 263 -11.07 69.90 -26.64
CA GLY A 263 -11.49 70.28 -27.97
C GLY A 263 -12.15 71.64 -28.10
N VAL A 264 -12.08 72.49 -27.08
CA VAL A 264 -12.69 73.81 -27.12
C VAL A 264 -11.63 74.85 -26.79
N HIS A 265 -11.45 75.83 -27.67
CA HIS A 265 -10.48 76.89 -27.46
CA HIS A 265 -10.48 76.89 -27.48
C HIS A 265 -11.17 78.12 -26.89
N MET A 266 -10.46 78.82 -26.00
CA MET A 266 -11.03 79.95 -25.28
C MET A 266 -10.01 81.08 -25.22
N VAL A 267 -10.48 82.32 -25.41
CA VAL A 267 -9.63 83.51 -25.41
C VAL A 267 -10.23 84.55 -24.49
N LEU A 268 -9.39 85.13 -23.63
CA LEU A 268 -9.77 86.24 -22.75
C LEU A 268 -8.84 87.40 -23.03
N GLN A 269 -9.36 88.43 -23.70
CA GLN A 269 -8.58 89.64 -23.97
C GLN A 269 -8.64 90.56 -22.75
N VAL A 270 -7.47 91.05 -22.34
CA VAL A 270 -7.37 92.00 -21.23
C VAL A 270 -7.52 93.40 -21.81
N PRO A 271 -8.54 94.17 -21.40
CA PRO A 271 -8.80 95.50 -21.96
C PRO A 271 -8.00 96.60 -21.27
N MET B 1 22.33 58.10 -3.64
CA MET B 1 20.89 58.22 -3.55
C MET B 1 20.44 59.63 -3.88
N ILE B 2 19.46 59.76 -4.77
CA ILE B 2 18.87 61.05 -5.10
C ILE B 2 17.54 61.14 -4.36
N GLN B 3 17.54 61.89 -3.26
CA GLN B 3 16.32 62.17 -2.50
C GLN B 3 15.77 63.52 -2.93
N ARG B 4 14.49 63.55 -3.27
CA ARG B 4 13.86 64.75 -3.82
C ARG B 4 12.93 65.36 -2.78
N THR B 5 13.02 66.68 -2.62
CA THR B 5 12.26 67.37 -1.59
C THR B 5 10.84 67.64 -2.08
N PRO B 6 9.86 67.67 -1.16
CA PRO B 6 8.47 67.81 -1.58
C PRO B 6 8.16 69.24 -2.02
N LYS B 7 7.37 69.34 -3.09
CA LYS B 7 6.78 70.61 -3.50
C LYS B 7 5.45 70.78 -2.79
N ILE B 8 5.26 71.94 -2.17
CA ILE B 8 4.13 72.20 -1.29
C ILE B 8 3.33 73.36 -1.85
N GLN B 9 2.03 73.14 -2.03
CA GLN B 9 1.13 74.16 -2.55
C GLN B 9 -0.16 74.14 -1.73
N VAL B 10 -0.54 75.30 -1.20
CA VAL B 10 -1.74 75.45 -0.38
C VAL B 10 -2.73 76.30 -1.15
N TYR B 11 -3.98 75.86 -1.20
CA TYR B 11 -5.00 76.51 -2.01
C TYR B 11 -6.37 76.04 -1.55
N SER B 12 -7.38 76.84 -1.88
CA SER B 12 -8.76 76.50 -1.56
C SER B 12 -9.41 75.78 -2.74
N ARG B 13 -10.36 74.90 -2.43
CA ARG B 13 -11.07 74.17 -3.47
C ARG B 13 -11.78 75.16 -4.41
N HIS B 14 -12.55 76.08 -3.84
CA HIS B 14 -13.21 77.14 -4.58
C HIS B 14 -12.52 78.47 -4.32
N PRO B 15 -12.75 79.49 -5.16
CA PRO B 15 -12.36 80.84 -4.80
C PRO B 15 -12.97 81.23 -3.46
N ALA B 16 -12.12 81.53 -2.49
CA ALA B 16 -12.55 81.72 -1.12
C ALA B 16 -13.15 83.11 -0.93
N GLU B 17 -14.35 83.15 -0.36
CA GLU B 17 -14.95 84.38 0.13
C GLU B 17 -15.16 84.26 1.64
N ASN B 18 -14.83 85.32 2.36
CA ASN B 18 -14.90 85.29 3.82
C ASN B 18 -16.31 84.97 4.28
N GLY B 19 -16.42 84.04 5.23
CA GLY B 19 -17.69 83.59 5.73
C GLY B 19 -18.33 82.46 4.95
N LYS B 20 -17.89 82.22 3.71
CA LYS B 20 -18.47 81.19 2.86
C LYS B 20 -17.70 79.89 3.04
N SER B 21 -18.44 78.79 3.22
CA SER B 21 -17.81 77.50 3.48
C SER B 21 -16.98 77.06 2.27
N ASN B 22 -15.82 76.47 2.54
CA ASN B 22 -14.89 76.11 1.49
C ASN B 22 -14.06 74.91 1.97
N PHE B 23 -13.04 74.55 1.20
CA PHE B 23 -12.12 73.49 1.55
C PHE B 23 -10.69 73.98 1.34
N LEU B 24 -9.83 73.74 2.32
CA LEU B 24 -8.42 74.12 2.24
C LEU B 24 -7.59 72.89 1.87
N ASN B 25 -6.80 73.00 0.82
CA ASN B 25 -6.01 71.90 0.29
C ASN B 25 -4.52 72.16 0.49
N CYS B 26 -3.78 71.10 0.80
CA CYS B 26 -2.32 71.11 0.79
C CYS B 26 -1.87 69.94 -0.07
N TYR B 27 -1.38 70.25 -1.26
CA TYR B 27 -0.96 69.24 -2.23
C TYR B 27 0.55 69.10 -2.17
N VAL B 28 1.02 67.91 -1.78
CA VAL B 28 2.44 67.64 -1.58
C VAL B 28 2.87 66.63 -2.63
N SER B 29 3.75 67.04 -3.53
CA SER B 29 4.07 66.23 -4.70
C SER B 29 5.58 66.26 -4.98
N GLY B 30 6.03 65.29 -5.77
CA GLY B 30 7.38 65.28 -6.28
C GLY B 30 8.45 64.84 -5.29
N PHE B 31 8.08 64.20 -4.20
CA PHE B 31 9.05 63.83 -3.17
C PHE B 31 9.42 62.36 -3.27
N HIS B 32 10.61 62.04 -2.77
CA HIS B 32 11.13 60.68 -2.72
C HIS B 32 12.20 60.61 -1.64
N PRO B 33 12.20 59.59 -0.77
CA PRO B 33 11.28 58.46 -0.71
C PRO B 33 9.89 58.80 -0.18
N SER B 34 9.09 57.81 0.23
CA SER B 34 7.67 57.99 0.42
C SER B 34 7.26 58.35 1.84
N ASP B 35 8.16 58.25 2.81
CA ASP B 35 7.81 58.62 4.18
C ASP B 35 7.61 60.13 4.27
N ILE B 36 6.48 60.56 4.81
CA ILE B 36 6.18 61.98 4.91
C ILE B 36 5.13 62.19 6.00
N GLU B 37 5.20 63.34 6.65
CA GLU B 37 4.21 63.77 7.64
C GLU B 37 3.72 65.16 7.26
N VAL B 38 2.40 65.32 7.20
CA VAL B 38 1.79 66.57 6.75
C VAL B 38 0.76 67.00 7.79
N ASP B 39 0.74 68.31 8.09
CA ASP B 39 -0.19 68.87 9.06
C ASP B 39 -0.77 70.16 8.51
N LEU B 40 -2.06 70.38 8.76
CA LEU B 40 -2.72 71.63 8.46
C LEU B 40 -2.79 72.49 9.72
N LEU B 41 -2.48 73.77 9.57
CA LEU B 41 -2.36 74.67 10.71
C LEU B 41 -3.37 75.80 10.58
N LYS B 42 -4.04 76.12 11.69
CA LYS B 42 -4.89 77.30 11.82
C LYS B 42 -4.32 78.17 12.92
N ASN B 43 -3.85 79.36 12.54
CA ASN B 43 -3.21 80.30 13.48
C ASN B 43 -2.04 79.64 14.22
N GLY B 44 -1.32 78.76 13.54
CA GLY B 44 -0.20 78.06 14.12
C GLY B 44 -0.53 76.78 14.87
N GLU B 45 -1.80 76.39 14.92
CA GLU B 45 -2.24 75.23 15.66
C GLU B 45 -2.66 74.12 14.70
N ARG B 46 -2.29 72.89 15.04
CA ARG B 46 -2.65 71.74 14.21
C ARG B 46 -4.16 71.52 14.22
N ILE B 47 -4.71 71.26 13.05
CA ILE B 47 -6.14 70.94 12.93
C ILE B 47 -6.32 69.45 13.18
N GLU B 48 -7.32 69.12 14.01
CA GLU B 48 -7.54 67.73 14.39
C GLU B 48 -8.10 66.91 13.23
N LYS B 49 -9.28 67.30 12.73
CA LYS B 49 -9.97 66.56 11.68
C LYS B 49 -9.42 66.99 10.33
N VAL B 50 -8.38 66.30 9.87
CA VAL B 50 -7.77 66.53 8.57
C VAL B 50 -7.83 65.24 7.77
N GLU B 51 -8.28 65.33 6.53
CA GLU B 51 -8.37 64.19 5.63
C GLU B 51 -7.23 64.21 4.63
N HIS B 52 -6.95 63.04 4.05
CA HIS B 52 -5.89 62.94 3.06
C HIS B 52 -6.15 61.75 2.15
N SER B 53 -5.72 61.87 0.91
CA SER B 53 -5.82 60.78 -0.05
C SER B 53 -4.76 59.71 0.25
N ASP B 54 -4.85 58.61 -0.48
CA ASP B 54 -3.80 57.60 -0.39
C ASP B 54 -2.55 58.08 -1.10
N LEU B 55 -1.42 57.48 -0.73
CA LEU B 55 -0.17 57.77 -1.41
C LEU B 55 -0.31 57.43 -2.89
N SER B 56 0.03 58.39 -3.75
CA SER B 56 -0.12 58.23 -5.18
C SER B 56 1.24 58.21 -5.87
N PHE B 57 1.26 57.66 -7.07
CA PHE B 57 2.49 57.41 -7.82
C PHE B 57 2.50 58.25 -9.09
N SER B 58 3.66 58.80 -9.41
CA SER B 58 3.87 59.56 -10.64
C SER B 58 4.78 58.79 -11.58
N LYS B 59 4.75 59.19 -12.85
CA LYS B 59 5.53 58.51 -13.88
C LYS B 59 7.03 58.70 -13.67
N ASP B 60 7.43 59.79 -13.02
CA ASP B 60 8.83 60.04 -12.76
C ASP B 60 9.32 59.41 -11.47
N TRP B 61 8.55 58.47 -10.91
CA TRP B 61 8.84 57.66 -9.73
C TRP B 61 8.65 58.43 -8.42
N SER B 62 8.24 59.69 -8.47
CA SER B 62 7.95 60.43 -7.25
C SER B 62 6.51 60.20 -6.82
N PHE B 63 6.21 60.60 -5.59
CA PHE B 63 4.90 60.39 -4.99
C PHE B 63 4.21 61.72 -4.75
N TYR B 64 2.88 61.69 -4.65
CA TYR B 64 2.12 62.89 -4.32
C TYR B 64 0.96 62.54 -3.41
N LEU B 65 0.55 63.54 -2.63
CA LEU B 65 -0.50 63.41 -1.63
C LEU B 65 -1.32 64.69 -1.58
N LEU B 66 -2.58 64.56 -1.21
CA LEU B 66 -3.47 65.70 -1.02
C LEU B 66 -4.03 65.66 0.39
N TYR B 67 -3.74 66.70 1.17
CA TYR B 67 -4.30 66.88 2.50
C TYR B 67 -5.31 68.01 2.46
N TYR B 68 -6.50 67.77 3.01
CA TYR B 68 -7.58 68.74 2.91
C TYR B 68 -8.44 68.71 4.16
N THR B 69 -8.99 69.88 4.50
CA THR B 69 -9.94 69.99 5.59
C THR B 69 -11.02 70.99 5.18
N GLU B 70 -12.20 70.84 5.78
CA GLU B 70 -13.27 71.78 5.56
C GLU B 70 -13.11 72.97 6.50
N PHE B 71 -13.32 74.17 5.97
CA PHE B 71 -13.14 75.37 6.77
C PHE B 71 -13.98 76.50 6.19
N THR B 72 -13.98 77.61 6.91
CA THR B 72 -14.68 78.83 6.48
C THR B 72 -13.71 80.00 6.65
N PRO B 73 -13.23 80.60 5.58
CA PRO B 73 -12.20 81.65 5.71
C PRO B 73 -12.75 82.90 6.38
N THR B 74 -11.94 83.46 7.27
CA THR B 74 -12.24 84.73 7.93
C THR B 74 -11.08 85.68 7.71
N GLU B 75 -11.31 86.95 8.03
CA GLU B 75 -10.28 87.97 7.84
C GLU B 75 -9.17 87.83 8.87
N LYS B 76 -9.47 87.27 10.04
CA LYS B 76 -8.50 87.19 11.12
C LYS B 76 -7.68 85.90 11.10
N ASP B 77 -8.26 84.79 10.64
CA ASP B 77 -7.62 83.49 10.75
C ASP B 77 -6.54 83.32 9.68
N GLU B 78 -5.40 82.77 10.10
CA GLU B 78 -4.28 82.47 9.22
C GLU B 78 -4.12 80.96 9.10
N TYR B 79 -3.87 80.49 7.88
CA TYR B 79 -3.78 79.06 7.60
C TYR B 79 -2.43 78.73 6.97
N ALA B 80 -1.93 77.54 7.27
CA ALA B 80 -0.63 77.11 6.78
C ALA B 80 -0.58 75.59 6.74
N CYS B 81 0.37 75.08 5.97
CA CYS B 81 0.63 73.65 5.87
C CYS B 81 2.06 73.37 6.32
N ARG B 82 2.24 72.34 7.14
CA ARG B 82 3.53 72.00 7.70
C ARG B 82 3.91 70.59 7.24
N VAL B 83 5.03 70.50 6.53
CA VAL B 83 5.49 69.24 5.93
C VAL B 83 6.85 68.89 6.51
N ASN B 84 7.02 67.63 6.89
CA ASN B 84 8.30 67.10 7.31
C ASN B 84 8.69 65.92 6.42
N HIS B 85 9.96 65.88 6.03
CA HIS B 85 10.47 64.87 5.11
C HIS B 85 11.91 64.60 5.48
N VAL B 86 12.46 63.50 4.94
CA VAL B 86 13.85 63.18 5.18
C VAL B 86 14.78 64.21 4.55
N THR B 87 14.30 64.93 3.53
CA THR B 87 15.09 65.96 2.86
C THR B 87 15.00 67.32 3.53
N LEU B 88 14.31 67.41 4.67
CA LEU B 88 14.09 68.67 5.37
C LEU B 88 14.79 68.61 6.72
N SER B 89 15.68 69.57 6.98
CA SER B 89 16.36 69.65 8.27
C SER B 89 15.36 69.86 9.40
N GLN B 90 14.45 70.81 9.23
CA GLN B 90 13.34 71.06 10.14
C GLN B 90 12.08 71.17 9.32
N PRO B 91 10.91 70.96 9.93
CA PRO B 91 9.66 71.06 9.19
C PRO B 91 9.53 72.40 8.46
N LYS B 92 9.03 72.34 7.23
CA LYS B 92 8.80 73.53 6.41
C LYS B 92 7.33 73.92 6.50
N ILE B 93 7.07 75.21 6.70
CA ILE B 93 5.73 75.75 6.85
C ILE B 93 5.42 76.64 5.65
N VAL B 94 4.28 76.40 5.02
CA VAL B 94 3.82 77.17 3.87
C VAL B 94 2.44 77.73 4.19
N LYS B 95 2.36 79.06 4.26
CA LYS B 95 1.11 79.72 4.64
C LYS B 95 0.19 79.86 3.44
N TRP B 96 -1.11 79.74 3.69
CA TRP B 96 -2.10 79.98 2.65
C TRP B 96 -2.18 81.47 2.34
N ASP B 97 -2.07 81.81 1.06
CA ASP B 97 -2.10 83.19 0.61
C ASP B 97 -3.10 83.33 -0.52
N ARG B 98 -4.05 84.25 -0.37
CA ARG B 98 -5.03 84.53 -1.42
C ARG B 98 -5.01 86.01 -1.79
N MET C 1 23.71 -11.42 -2.62
CA MET C 1 23.66 -12.86 -2.40
C MET C 1 23.03 -13.55 -3.60
N ARG C 2 23.51 -14.76 -3.91
CA ARG C 2 23.01 -15.53 -5.04
C ARG C 2 21.64 -16.12 -4.70
N THR C 3 21.09 -16.88 -5.66
CA THR C 3 19.79 -17.51 -5.49
C THR C 3 19.96 -18.86 -4.80
N HIS C 4 19.23 -19.05 -3.69
CA HIS C 4 19.27 -20.29 -2.93
C HIS C 4 17.87 -20.90 -2.85
N SER C 5 17.82 -22.21 -2.63
CA SER C 5 16.56 -22.92 -2.62
C SER C 5 16.60 -24.04 -1.60
N LEU C 6 15.43 -24.34 -1.04
CA LEU C 6 15.22 -25.45 -0.12
C LEU C 6 14.04 -26.26 -0.64
N ARG C 7 14.21 -27.58 -0.73
CA ARG C 7 13.15 -28.42 -1.27
C ARG C 7 13.22 -29.81 -0.67
N TYR C 8 12.04 -30.39 -0.42
CA TYR C 8 11.92 -31.72 0.14
C TYR C 8 11.17 -32.63 -0.83
N PHE C 9 11.67 -33.85 -0.99
CA PHE C 9 11.07 -34.83 -1.88
C PHE C 9 10.50 -36.00 -1.09
N ARG C 10 9.47 -36.63 -1.65
CA ARG C 10 8.94 -37.89 -1.16
C ARG C 10 8.79 -38.86 -2.31
N LEU C 11 9.17 -40.11 -2.08
CA LEU C 11 9.02 -41.16 -3.08
C LEU C 11 8.33 -42.35 -2.43
N GLY C 12 7.21 -42.77 -3.01
CA GLY C 12 6.51 -43.94 -2.53
C GLY C 12 6.41 -44.98 -3.63
N VAL C 13 6.71 -46.24 -3.32
CA VAL C 13 6.70 -47.32 -4.28
C VAL C 13 5.77 -48.41 -3.77
N SER C 14 4.77 -48.77 -4.56
CA SER C 14 3.91 -49.90 -4.26
C SER C 14 4.56 -51.19 -4.75
N ASP C 15 4.41 -52.26 -3.97
CA ASP C 15 5.05 -53.54 -4.24
C ASP C 15 6.54 -53.38 -4.58
N PRO C 16 7.34 -52.83 -3.66
CA PRO C 16 8.77 -52.68 -3.94
C PRO C 16 9.46 -54.04 -3.89
N ILE C 17 10.28 -54.31 -4.91
CA ILE C 17 11.06 -55.54 -4.93
C ILE C 17 12.16 -55.42 -3.88
N HIS C 18 12.86 -56.52 -3.60
CA HIS C 18 13.90 -56.52 -2.59
C HIS C 18 14.97 -55.48 -2.92
N GLY C 19 15.33 -54.68 -1.92
CA GLY C 19 16.34 -53.66 -2.07
C GLY C 19 15.81 -52.26 -2.31
N VAL C 20 14.52 -52.11 -2.59
CA VAL C 20 13.90 -50.82 -2.85
C VAL C 20 12.99 -50.47 -1.67
N PRO C 21 13.24 -49.37 -0.97
CA PRO C 21 12.37 -49.01 0.14
C PRO C 21 10.96 -48.63 -0.34
N GLU C 22 10.01 -48.75 0.58
CA GLU C 22 8.63 -48.38 0.28
C GLU C 22 8.43 -46.88 0.29
N PHE C 23 9.27 -46.15 1.02
CA PHE C 23 9.10 -44.71 1.18
C PHE C 23 10.47 -44.08 1.42
N ILE C 24 10.77 -43.01 0.69
CA ILE C 24 12.01 -42.27 0.85
C ILE C 24 11.68 -40.78 0.88
N SER C 25 12.30 -40.07 1.83
CA SER C 25 12.19 -38.61 1.90
C SER C 25 13.60 -38.03 2.01
N VAL C 26 13.92 -37.08 1.13
CA VAL C 26 15.24 -36.45 1.10
C VAL C 26 15.05 -34.95 0.98
N GLY C 27 15.79 -34.19 1.78
CA GLY C 27 15.77 -32.73 1.75
C GLY C 27 17.04 -32.18 1.14
N TYR C 28 16.92 -31.06 0.44
CA TYR C 28 18.04 -30.43 -0.25
C TYR C 28 18.09 -28.94 0.05
N VAL C 29 19.29 -28.42 0.26
CA VAL C 29 19.57 -27.00 0.19
C VAL C 29 20.44 -26.81 -1.05
N ASP C 30 19.91 -26.10 -2.05
CA ASP C 30 20.53 -26.05 -3.37
C ASP C 30 20.74 -27.47 -3.89
N SER C 31 22.00 -27.81 -4.23
CA SER C 31 22.33 -29.14 -4.73
C SER C 31 22.82 -30.08 -3.64
N HIS C 32 22.87 -29.63 -2.38
CA HIS C 32 23.41 -30.45 -1.30
C HIS C 32 22.29 -31.17 -0.57
N PRO C 33 22.38 -32.48 -0.38
CA PRO C 33 21.43 -33.15 0.51
C PRO C 33 21.66 -32.73 1.95
N ILE C 34 20.57 -32.60 2.71
CA ILE C 34 20.65 -32.18 4.10
C ILE C 34 20.00 -33.19 5.04
N THR C 35 18.90 -33.81 4.61
CA THR C 35 18.17 -34.76 5.45
C THR C 35 17.81 -35.99 4.63
N THR C 36 17.59 -37.10 5.34
CA THR C 36 17.18 -38.32 4.67
C THR C 36 16.34 -39.16 5.63
N TYR C 37 15.41 -39.92 5.05
CA TYR C 37 14.55 -40.83 5.79
C TYR C 37 14.03 -41.87 4.80
N ASP C 38 13.87 -43.10 5.27
CA ASP C 38 13.25 -44.12 4.45
C ASP C 38 12.56 -45.14 5.35
N SER C 39 11.69 -45.94 4.71
CA SER C 39 10.86 -46.89 5.44
C SER C 39 11.64 -48.07 6.00
N VAL C 40 12.92 -48.21 5.66
CA VAL C 40 13.74 -49.29 6.18
C VAL C 40 14.40 -48.91 7.51
N THR C 41 14.94 -47.68 7.60
CA THR C 41 15.53 -47.24 8.85
C THR C 41 14.49 -46.64 9.79
N ARG C 42 13.45 -46.02 9.24
CA ARG C 42 12.41 -45.34 10.02
C ARG C 42 13.01 -44.28 10.93
N GLN C 43 14.14 -43.70 10.51
CA GLN C 43 14.82 -42.64 11.24
C GLN C 43 15.17 -41.51 10.29
N LYS C 44 14.96 -40.28 10.73
CA LYS C 44 15.42 -39.12 9.98
C LYS C 44 16.83 -38.76 10.43
N GLU C 45 17.77 -38.81 9.50
CA GLU C 45 19.17 -38.55 9.81
C GLU C 45 19.67 -37.36 9.00
N PRO C 46 20.69 -36.65 9.48
CA PRO C 46 21.30 -35.61 8.67
C PRO C 46 22.19 -36.18 7.58
N ARG C 47 22.30 -35.42 6.48
CA ARG C 47 23.13 -35.77 5.34
CA ARG C 47 23.15 -35.80 5.37
C ARG C 47 24.26 -34.78 5.09
N ALA C 48 24.35 -33.72 5.89
CA ALA C 48 25.39 -32.71 5.73
C ALA C 48 26.03 -32.44 7.09
N PRO C 49 27.35 -32.27 7.14
CA PRO C 49 28.01 -32.04 8.44
C PRO C 49 27.47 -30.83 9.18
N TRP C 50 27.21 -29.73 8.47
CA TRP C 50 26.72 -28.52 9.14
C TRP C 50 25.27 -28.65 9.59
N MET C 51 24.53 -29.64 9.07
CA MET C 51 23.19 -29.91 9.59
C MET C 51 23.26 -30.68 10.90
N ALA C 52 24.13 -31.70 10.98
CA ALA C 52 24.26 -32.48 12.21
C ALA C 52 24.79 -31.64 13.37
N GLU C 53 25.64 -30.66 13.09
CA GLU C 53 26.28 -29.90 14.16
C GLU C 53 25.35 -28.87 14.77
N ASN C 54 24.42 -28.32 14.01
CA ASN C 54 23.61 -27.19 14.47
C ASN C 54 22.17 -27.57 14.81
N LEU C 55 21.83 -28.86 14.78
CA LEU C 55 20.49 -29.31 15.12
C LEU C 55 20.58 -30.40 16.18
N ALA C 56 20.03 -30.12 17.36
CA ALA C 56 20.11 -31.06 18.47
C ALA C 56 19.32 -32.34 18.15
N PRO C 57 19.61 -33.43 18.86
CA PRO C 57 18.88 -34.68 18.61
C PRO C 57 17.37 -34.56 18.79
N ASP C 58 16.90 -33.61 19.60
CA ASP C 58 15.46 -33.43 19.76
C ASP C 58 14.79 -33.09 18.43
N HIS C 59 15.50 -32.38 17.56
CA HIS C 59 14.94 -32.05 16.24
C HIS C 59 14.75 -33.29 15.40
N TRP C 60 15.76 -34.17 15.36
CA TRP C 60 15.65 -35.38 14.55
C TRP C 60 14.64 -36.36 15.13
N GLU C 61 14.51 -36.40 16.46
CA GLU C 61 13.48 -37.25 17.07
C GLU C 61 12.09 -36.77 16.69
N ARG C 62 11.87 -35.46 16.69
CA ARG C 62 10.53 -34.93 16.40
C ARG C 62 10.12 -35.23 14.96
N TYR C 63 10.99 -34.92 14.00
CA TYR C 63 10.64 -35.13 12.60
C TYR C 63 10.69 -36.60 12.19
N THR C 64 11.36 -37.45 12.97
CA THR C 64 11.22 -38.90 12.76
C THR C 64 9.78 -39.34 12.99
N GLN C 65 9.15 -38.79 14.02
CA GLN C 65 7.75 -39.11 14.31
C GLN C 65 6.82 -38.59 13.21
N LEU C 66 7.11 -37.41 12.67
CA LEU C 66 6.27 -36.86 11.61
C LEU C 66 6.42 -37.68 10.32
N LEU C 67 7.65 -38.04 9.97
CA LEU C 67 7.88 -38.76 8.72
C LEU C 67 7.28 -40.16 8.76
N ARG C 68 7.28 -40.80 9.92
CA ARG C 68 6.61 -42.10 10.05
C ARG C 68 5.13 -41.97 9.73
N GLY C 69 4.49 -40.88 10.15
CA GLY C 69 3.11 -40.65 9.79
C GLY C 69 2.92 -40.33 8.33
N TRP C 70 3.78 -39.46 7.78
CA TRP C 70 3.69 -39.13 6.36
C TRP C 70 4.00 -40.34 5.49
N GLN C 71 4.81 -41.27 6.00
CA GLN C 71 5.01 -42.54 5.30
C GLN C 71 3.71 -43.32 5.20
N GLN C 72 2.91 -43.31 6.28
CA GLN C 72 1.63 -43.99 6.26
C GLN C 72 0.63 -43.24 5.38
N MET C 73 0.67 -41.91 5.39
CA MET C 73 -0.21 -41.12 4.52
C MET C 73 0.07 -41.42 3.05
N PHE C 74 1.35 -41.42 2.67
CA PHE C 74 1.72 -41.65 1.28
C PHE C 74 1.28 -43.02 0.80
N LYS C 75 1.46 -44.04 1.65
CA LYS C 75 1.09 -45.41 1.28
C LYS C 75 -0.40 -45.51 0.95
N VAL C 76 -1.25 -44.91 1.79
CA VAL C 76 -2.69 -44.99 1.57
C VAL C 76 -3.08 -44.20 0.32
N GLU C 77 -2.52 -43.00 0.15
CA GLU C 77 -2.85 -42.19 -1.02
C GLU C 77 -2.44 -42.88 -2.31
N LEU C 78 -1.33 -43.62 -2.30
CA LEU C 78 -0.92 -44.35 -3.49
C LEU C 78 -1.91 -45.46 -3.82
N LYS C 79 -2.45 -46.13 -2.80
CA LYS C 79 -3.42 -47.18 -3.06
C LYS C 79 -4.70 -46.62 -3.67
N ARG C 80 -5.11 -45.43 -3.22
CA ARG C 80 -6.32 -44.81 -3.77
C ARG C 80 -6.11 -44.35 -5.22
N LEU C 81 -4.90 -43.89 -5.55
CA LEU C 81 -4.62 -43.53 -6.94
C LEU C 81 -4.65 -44.75 -7.84
N GLN C 82 -4.04 -45.86 -7.41
CA GLN C 82 -4.08 -47.08 -8.21
C GLN C 82 -5.51 -47.56 -8.40
N ARG C 83 -6.37 -47.36 -7.41
CA ARG C 83 -7.78 -47.74 -7.56
C ARG C 83 -8.48 -46.85 -8.59
N HIS C 84 -8.16 -45.55 -8.60
CA HIS C 84 -8.81 -44.64 -9.55
C HIS C 84 -8.43 -44.99 -10.99
N TYR C 85 -7.18 -45.40 -11.22
CA TYR C 85 -6.73 -45.77 -12.56
C TYR C 85 -6.99 -47.24 -12.89
N ASN C 86 -7.47 -48.02 -11.93
CA ASN C 86 -7.56 -49.48 -12.09
C ASN C 86 -6.21 -50.06 -12.48
N HIS C 87 -5.17 -49.65 -11.77
CA HIS C 87 -3.82 -50.11 -12.00
C HIS C 87 -3.43 -51.15 -10.97
N SER C 88 -2.74 -52.19 -11.42
CA SER C 88 -2.15 -53.19 -10.55
C SER C 88 -0.64 -53.18 -10.75
N GLY C 89 0.06 -53.87 -9.85
CA GLY C 89 1.50 -53.94 -9.91
C GLY C 89 2.17 -52.78 -9.18
N SER C 90 3.41 -52.53 -9.56
CA SER C 90 4.23 -51.52 -8.90
C SER C 90 4.05 -50.17 -9.57
N HIS C 91 3.78 -49.15 -8.76
CA HIS C 91 3.65 -47.79 -9.25
C HIS C 91 4.28 -46.84 -8.23
N THR C 92 4.55 -45.61 -8.66
CA THR C 92 5.25 -44.65 -7.84
C THR C 92 4.40 -43.41 -7.59
N TYR C 93 4.67 -42.76 -6.46
CA TYR C 93 4.01 -41.53 -6.04
C TYR C 93 5.08 -40.60 -5.51
N GLN C 94 5.14 -39.38 -6.05
CA GLN C 94 6.22 -38.45 -5.70
C GLN C 94 5.65 -37.09 -5.34
N ARG C 95 6.38 -36.40 -4.47
CA ARG C 95 5.98 -35.09 -3.96
C ARG C 95 7.21 -34.21 -3.86
N MET C 96 7.12 -32.99 -4.37
CA MET C 96 8.19 -32.00 -4.23
C MET C 96 7.59 -30.71 -3.69
N ILE C 97 8.08 -30.26 -2.54
CA ILE C 97 7.70 -28.98 -1.98
C ILE C 97 8.98 -28.20 -1.73
N GLY C 98 8.88 -26.88 -1.77
CA GLY C 98 10.05 -26.06 -1.50
C GLY C 98 9.82 -24.61 -1.87
N CYS C 99 10.90 -23.84 -1.69
CA CYS C 99 10.86 -22.40 -1.90
C CYS C 99 12.23 -21.93 -2.35
N GLU C 100 12.26 -20.72 -2.90
CA GLU C 100 13.49 -20.09 -3.36
C GLU C 100 13.60 -18.68 -2.81
N LEU C 101 14.83 -18.28 -2.49
CA LEU C 101 15.14 -16.92 -2.10
C LEU C 101 15.99 -16.31 -3.22
N LEU C 102 15.40 -15.36 -3.95
CA LEU C 102 16.06 -14.81 -5.12
C LEU C 102 17.14 -13.81 -4.71
N GLU C 103 17.91 -13.37 -5.70
CA GLU C 103 18.99 -12.41 -5.44
C GLU C 103 18.43 -11.07 -5.01
N ASP C 104 17.30 -10.65 -5.57
CA ASP C 104 16.70 -9.35 -5.28
C ASP C 104 15.72 -9.39 -4.13
N GLY C 105 15.83 -10.38 -3.23
CA GLY C 105 14.94 -10.48 -2.10
C GLY C 105 13.58 -11.07 -2.39
N SER C 106 13.22 -11.24 -3.66
CA SER C 106 11.94 -11.87 -3.99
C SER C 106 11.99 -13.35 -3.65
N THR C 107 10.80 -13.94 -3.47
CA THR C 107 10.68 -15.34 -3.10
C THR C 107 9.68 -16.03 -4.01
N THR C 108 9.84 -17.35 -4.13
CA THR C 108 8.90 -18.22 -4.82
C THR C 108 8.66 -19.46 -3.98
N GLY C 109 7.59 -20.17 -4.32
CA GLY C 109 7.24 -21.40 -3.61
C GLY C 109 6.53 -22.34 -4.56
N PHE C 110 6.66 -23.64 -4.28
CA PHE C 110 6.12 -24.66 -5.17
C PHE C 110 5.77 -25.90 -4.37
N LEU C 111 4.78 -26.64 -4.88
CA LEU C 111 4.32 -27.89 -4.28
C LEU C 111 3.67 -28.72 -5.38
N GLN C 112 4.27 -29.86 -5.70
CA GLN C 112 3.86 -30.65 -6.86
C GLN C 112 3.82 -32.12 -6.49
N TYR C 113 2.93 -32.85 -7.15
CA TYR C 113 2.80 -34.29 -7.00
C TYR C 113 2.94 -34.96 -8.37
N ALA C 114 3.42 -36.19 -8.36
CA ALA C 114 3.61 -36.96 -9.59
C ALA C 114 3.20 -38.40 -9.37
N TYR C 115 2.57 -38.98 -10.40
CA TYR C 115 2.20 -40.38 -10.41
C TYR C 115 2.93 -41.05 -11.55
N ASP C 116 3.71 -42.09 -11.23
CA ASP C 116 4.57 -42.78 -12.21
C ASP C 116 5.54 -41.81 -12.88
N GLY C 117 6.07 -40.87 -12.10
CA GLY C 117 7.05 -39.93 -12.62
C GLY C 117 6.51 -38.92 -13.61
N GLN C 118 5.20 -38.66 -13.60
CA GLN C 118 4.58 -37.70 -14.50
C GLN C 118 3.77 -36.70 -13.68
N ASP C 119 3.76 -35.45 -14.12
CA ASP C 119 3.01 -34.39 -13.44
C ASP C 119 1.59 -34.84 -13.15
N PHE C 120 1.18 -34.67 -11.89
CA PHE C 120 -0.16 -35.08 -11.45
C PHE C 120 -0.95 -33.91 -10.88
N LEU C 121 -0.39 -33.18 -9.92
CA LEU C 121 -1.06 -32.02 -9.33
C LEU C 121 -0.02 -30.92 -9.09
N ILE C 122 -0.39 -29.69 -9.43
CA ILE C 122 0.48 -28.52 -9.25
C ILE C 122 -0.27 -27.49 -8.44
N PHE C 123 0.25 -27.15 -7.27
CA PHE C 123 -0.38 -26.16 -6.40
C PHE C 123 0.03 -24.75 -6.81
N ASN C 124 -0.94 -23.86 -6.82
CA ASN C 124 -0.71 -22.45 -7.10
C ASN C 124 -1.03 -21.67 -5.82
N LYS C 125 0.02 -21.23 -5.12
CA LYS C 125 -0.17 -20.52 -3.87
C LYS C 125 -0.75 -19.14 -4.06
N ASP C 126 -0.74 -18.61 -5.30
CA ASP C 126 -1.25 -17.26 -5.53
C ASP C 126 -2.77 -17.25 -5.65
N THR C 127 -3.35 -18.29 -6.24
CA THR C 127 -4.80 -18.39 -6.36
C THR C 127 -5.40 -19.44 -5.43
N LEU C 128 -4.57 -20.13 -4.64
CA LEU C 128 -5.03 -21.15 -3.70
C LEU C 128 -5.84 -22.24 -4.41
N SER C 129 -5.32 -22.71 -5.54
CA SER C 129 -5.99 -23.74 -6.32
C SER C 129 -4.99 -24.79 -6.76
N TRP C 130 -5.50 -25.99 -7.04
CA TRP C 130 -4.70 -27.10 -7.53
C TRP C 130 -4.97 -27.32 -9.01
N LEU C 131 -3.91 -27.43 -9.81
CA LEU C 131 -4.02 -27.72 -11.23
C LEU C 131 -3.90 -29.22 -11.45
N ALA C 132 -4.91 -29.82 -12.06
CA ALA C 132 -4.99 -31.26 -12.27
C ALA C 132 -4.76 -31.60 -13.74
N VAL C 133 -3.99 -32.67 -13.97
CA VAL C 133 -3.64 -33.04 -15.34
C VAL C 133 -4.66 -33.97 -16.00
N ASP C 134 -5.46 -34.70 -15.23
CA ASP C 134 -6.45 -35.61 -15.82
C ASP C 134 -7.66 -35.69 -14.90
N ASN C 135 -8.58 -36.60 -15.22
CA ASN C 135 -9.81 -36.71 -14.46
CA ASN C 135 -9.81 -36.71 -14.46
C ASN C 135 -9.58 -37.30 -13.08
N VAL C 136 -8.64 -38.25 -12.96
CA VAL C 136 -8.31 -38.79 -11.65
C VAL C 136 -7.73 -37.70 -10.75
N ALA C 137 -6.82 -36.89 -11.29
CA ALA C 137 -6.28 -35.78 -10.52
C ALA C 137 -7.35 -34.76 -10.18
N HIS C 138 -8.31 -34.56 -11.08
CA HIS C 138 -9.40 -33.62 -10.78
C HIS C 138 -10.26 -34.10 -9.62
N THR C 139 -10.39 -35.42 -9.45
CA THR C 139 -11.09 -35.95 -8.29
C THR C 139 -10.36 -35.58 -7.00
N ILE C 140 -9.04 -35.75 -6.99
CA ILE C 140 -8.25 -35.39 -5.82
C ILE C 140 -8.28 -33.88 -5.60
N LYS C 141 -8.28 -33.12 -6.68
CA LYS C 141 -8.28 -31.66 -6.58
C LYS C 141 -9.51 -31.15 -5.83
N GLN C 142 -10.70 -31.60 -6.23
CA GLN C 142 -11.92 -31.12 -5.60
C GLN C 142 -11.95 -31.43 -4.11
N ALA C 143 -11.36 -32.55 -3.70
CA ALA C 143 -11.31 -32.87 -2.27
C ALA C 143 -10.41 -31.90 -1.52
N TRP C 144 -9.24 -31.61 -2.08
CA TRP C 144 -8.28 -30.75 -1.38
C TRP C 144 -8.73 -29.31 -1.33
N GLU C 145 -9.38 -28.83 -2.39
CA GLU C 145 -9.86 -27.45 -2.42
C GLU C 145 -11.10 -27.23 -1.57
N ALA C 146 -11.71 -28.29 -1.04
CA ALA C 146 -12.83 -28.11 -0.13
C ALA C 146 -12.37 -27.64 1.24
N ASN C 147 -11.19 -28.09 1.67
CA ASN C 147 -10.62 -27.67 2.95
C ASN C 147 -9.93 -26.33 2.74
N GLN C 148 -10.67 -25.26 3.00
CA GLN C 148 -10.15 -23.92 2.75
C GLN C 148 -8.98 -23.59 3.67
N HIS C 149 -9.04 -24.06 4.92
CA HIS C 149 -8.00 -23.71 5.89
C HIS C 149 -6.66 -24.36 5.55
N GLU C 150 -6.70 -25.59 5.04
CA GLU C 150 -5.44 -26.26 4.70
C GLU C 150 -4.76 -25.56 3.52
N LEU C 151 -5.55 -25.08 2.56
CA LEU C 151 -4.99 -24.28 1.48
C LEU C 151 -4.29 -23.04 2.02
N LEU C 152 -4.90 -22.37 3.00
CA LEU C 152 -4.26 -21.22 3.63
C LEU C 152 -3.00 -21.64 4.37
N TYR C 153 -3.07 -22.76 5.10
CA TYR C 153 -1.88 -23.26 5.79
C TYR C 153 -0.74 -23.51 4.83
N GLN C 154 -1.04 -24.09 3.66
CA GLN C 154 0.00 -24.40 2.70
C GLN C 154 0.62 -23.14 2.12
N LYS C 155 -0.20 -22.09 1.92
CA LYS C 155 0.34 -20.83 1.42
C LYS C 155 1.28 -20.19 2.44
N ASN C 156 0.89 -20.21 3.72
CA ASN C 156 1.76 -19.62 4.74
C ASN C 156 3.05 -20.39 4.92
N TRP C 157 3.01 -21.72 4.75
CA TRP C 157 4.25 -22.50 4.91
C TRP C 157 5.23 -22.20 3.78
N LEU C 158 4.73 -22.11 2.54
CA LEU C 158 5.60 -21.86 1.40
C LEU C 158 6.22 -20.47 1.45
N GLU C 159 5.44 -19.46 1.87
CA GLU C 159 5.92 -18.08 1.82
C GLU C 159 6.67 -17.66 3.06
N GLU C 160 6.34 -18.19 4.24
CA GLU C 160 6.95 -17.77 5.49
C GLU C 160 7.83 -18.85 6.10
N GLU C 161 7.27 -20.02 6.42
CA GLU C 161 8.02 -21.02 7.17
C GLU C 161 9.16 -21.60 6.33
N CYS C 162 8.90 -21.91 5.07
CA CYS C 162 9.94 -22.47 4.20
C CYS C 162 11.10 -21.49 4.04
N ILE C 163 10.79 -20.20 3.84
CA ILE C 163 11.83 -19.20 3.67
C ILE C 163 12.64 -19.05 4.95
N ALA C 164 11.98 -19.13 6.10
CA ALA C 164 12.70 -19.03 7.37
C ALA C 164 13.60 -20.23 7.58
N TRP C 165 13.16 -21.43 7.20
CA TRP C 165 14.02 -22.60 7.29
C TRP C 165 15.24 -22.46 6.38
N LEU C 166 15.04 -21.97 5.16
CA LEU C 166 16.14 -21.81 4.22
C LEU C 166 17.16 -20.79 4.72
N LYS C 167 16.69 -19.67 5.26
CA LYS C 167 17.60 -18.70 5.85
C LYS C 167 18.37 -19.30 7.00
N ARG C 168 17.70 -20.13 7.81
CA ARG C 168 18.37 -20.77 8.93
C ARG C 168 19.45 -21.74 8.45
N PHE C 169 19.14 -22.56 7.45
CA PHE C 169 20.13 -23.51 6.95
C PHE C 169 21.25 -22.82 6.19
N LEU C 170 20.96 -21.68 5.57
CA LEU C 170 21.99 -20.95 4.86
CA LEU C 170 21.99 -20.95 4.86
C LEU C 170 23.10 -20.48 5.80
N GLU C 171 22.73 -20.10 7.02
CA GLU C 171 23.73 -19.69 8.00
C GLU C 171 24.52 -20.88 8.51
N TYR C 172 23.85 -22.02 8.74
CA TYR C 172 24.52 -23.21 9.23
C TYR C 172 25.65 -23.64 8.30
N GLY C 173 25.38 -23.70 7.00
CA GLY C 173 26.38 -24.12 6.04
C GLY C 173 26.89 -22.98 5.16
N LYS C 174 27.06 -21.80 5.74
CA LYS C 174 27.51 -20.65 4.94
C LYS C 174 28.89 -20.87 4.35
N ASP C 175 29.77 -21.58 5.08
CA ASP C 175 31.11 -21.83 4.56
C ASP C 175 31.10 -22.72 3.32
N THR C 176 30.04 -23.52 3.13
CA THR C 176 29.90 -24.36 1.95
C THR C 176 29.00 -23.71 0.90
N LEU C 177 27.83 -23.23 1.29
CA LEU C 177 26.81 -22.79 0.33
C LEU C 177 27.15 -21.44 -0.30
N GLN C 178 27.83 -20.55 0.43
CA GLN C 178 28.07 -19.20 -0.04
C GLN C 178 29.52 -18.98 -0.46
N ARG C 179 30.31 -20.03 -0.59
CA ARG C 179 31.66 -19.90 -1.09
C ARG C 179 31.65 -19.76 -2.62
N THR C 180 32.79 -19.41 -3.18
CA THR C 180 32.94 -19.28 -4.62
C THR C 180 34.27 -19.89 -5.03
N GLU C 181 34.23 -20.85 -5.94
CA GLU C 181 35.44 -21.40 -6.55
C GLU C 181 35.39 -21.09 -8.04
N PRO C 182 36.22 -20.18 -8.54
CA PRO C 182 36.14 -19.81 -9.95
C PRO C 182 36.53 -20.98 -10.85
N PRO C 183 36.03 -21.01 -12.08
CA PRO C 183 36.31 -22.15 -12.95
C PRO C 183 37.67 -22.04 -13.64
N LEU C 184 38.21 -23.21 -13.97
CA LEU C 184 39.38 -23.31 -14.84
C LEU C 184 38.88 -23.59 -16.26
N VAL C 185 39.11 -22.65 -17.17
CA VAL C 185 38.55 -22.73 -18.52
C VAL C 185 39.69 -22.87 -19.52
N ARG C 186 39.48 -23.74 -20.51
CA ARG C 186 40.45 -23.95 -21.57
C ARG C 186 39.70 -24.14 -22.89
N VAL C 187 40.39 -23.84 -23.99
CA VAL C 187 39.86 -24.00 -25.33
C VAL C 187 40.70 -25.02 -26.07
N ASN C 188 40.06 -26.05 -26.60
CA ASN C 188 40.73 -27.10 -27.35
C ASN C 188 40.28 -27.06 -28.81
N ARG C 189 41.26 -27.11 -29.71
CA ARG C 189 41.04 -27.07 -31.15
C ARG C 189 41.60 -28.32 -31.80
N LYS C 190 40.84 -28.89 -32.74
CA LYS C 190 41.28 -30.08 -33.44
C LYS C 190 40.52 -30.19 -34.75
N GLU C 191 41.20 -30.66 -35.79
CA GLU C 191 40.56 -31.03 -37.04
C GLU C 191 40.06 -32.46 -36.93
N THR C 192 38.74 -32.63 -36.90
CA THR C 192 38.14 -33.95 -36.70
C THR C 192 37.95 -34.66 -38.03
N PHE C 193 36.76 -34.52 -38.62
CA PHE C 193 36.53 -34.98 -39.97
C PHE C 193 37.24 -34.02 -40.93
N PRO C 194 37.87 -34.54 -42.00
CA PRO C 194 38.63 -33.66 -42.91
C PRO C 194 37.88 -32.43 -43.35
N GLY C 195 38.40 -31.25 -42.98
CA GLY C 195 37.77 -29.99 -43.28
C GLY C 195 36.90 -29.44 -42.17
N VAL C 196 36.72 -30.17 -41.07
CA VAL C 196 35.87 -29.77 -39.97
C VAL C 196 36.74 -29.61 -38.73
N THR C 197 36.79 -28.40 -38.20
CA THR C 197 37.53 -28.10 -36.98
C THR C 197 36.54 -27.91 -35.82
N ALA C 198 36.75 -28.66 -34.74
CA ALA C 198 35.90 -28.59 -33.57
C ALA C 198 36.59 -27.78 -32.48
N LEU C 199 35.90 -26.77 -31.97
CA LEU C 199 36.39 -25.96 -30.87
C LEU C 199 35.64 -26.34 -29.60
N PHE C 200 36.36 -26.83 -28.60
CA PHE C 200 35.76 -27.21 -27.33
C PHE C 200 36.21 -26.23 -26.26
N CYS C 201 35.24 -25.59 -25.59
CA CYS C 201 35.50 -24.72 -24.46
C CYS C 201 35.09 -25.48 -23.20
N LYS C 202 36.08 -25.84 -22.38
CA LYS C 202 35.88 -26.74 -21.25
C LYS C 202 36.20 -26.04 -19.95
N ALA C 203 35.33 -26.22 -18.95
CA ALA C 203 35.49 -25.63 -17.63
C ALA C 203 35.38 -26.70 -16.57
N HIS C 204 36.10 -26.53 -15.47
CA HIS C 204 36.03 -27.46 -14.36
C HIS C 204 36.53 -26.77 -13.10
N GLY C 205 36.23 -27.40 -11.97
CA GLY C 205 36.72 -26.92 -10.69
C GLY C 205 35.91 -25.81 -10.05
N PHE C 206 34.70 -25.55 -10.52
CA PHE C 206 33.95 -24.40 -10.04
C PHE C 206 32.82 -24.81 -9.10
N TYR C 207 32.46 -23.88 -8.22
CA TYR C 207 31.27 -23.93 -7.37
C TYR C 207 30.82 -22.49 -7.22
N PRO C 208 29.52 -22.20 -7.26
CA PRO C 208 28.38 -23.12 -7.42
C PRO C 208 28.28 -23.72 -8.81
N PRO C 209 27.47 -24.76 -9.01
CA PRO C 209 27.38 -25.38 -10.34
C PRO C 209 26.85 -24.47 -11.42
N GLU C 210 26.10 -23.43 -11.09
CA GLU C 210 25.53 -22.55 -12.10
C GLU C 210 26.64 -21.79 -12.82
N ILE C 211 26.73 -21.98 -14.14
CA ILE C 211 27.72 -21.30 -14.96
C ILE C 211 27.12 -21.05 -16.34
N TYR C 212 27.52 -19.94 -16.95
CA TYR C 212 27.08 -19.57 -18.28
C TYR C 212 28.26 -19.62 -19.25
N MET C 213 28.07 -20.36 -20.35
CA MET C 213 29.10 -20.50 -21.38
C MET C 213 28.45 -20.37 -22.75
N THR C 214 29.13 -19.70 -23.66
CA THR C 214 28.64 -19.56 -25.03
C THR C 214 29.79 -19.13 -25.93
N TRP C 215 29.58 -19.31 -27.23
CA TRP C 215 30.56 -18.95 -28.25
C TRP C 215 30.08 -17.72 -29.01
N MET C 216 31.01 -16.79 -29.25
CA MET C 216 30.71 -15.55 -29.95
C MET C 216 31.50 -15.49 -31.25
N LYS C 217 30.86 -14.98 -32.29
CA LYS C 217 31.50 -14.73 -33.57
C LYS C 217 31.75 -13.23 -33.72
N ASN C 218 33.02 -12.87 -33.92
CA ASN C 218 33.42 -11.47 -34.10
C ASN C 218 32.95 -10.61 -32.92
N GLY C 219 32.91 -11.20 -31.73
CA GLY C 219 32.56 -10.47 -30.53
C GLY C 219 31.16 -9.87 -30.52
N GLU C 220 30.28 -10.31 -31.41
CA GLU C 220 28.95 -9.72 -31.50
C GLU C 220 27.86 -10.79 -31.63
N GLU C 221 27.79 -11.44 -32.78
CA GLU C 221 26.77 -12.45 -33.01
C GLU C 221 27.12 -13.75 -32.29
N ILE C 222 26.10 -14.46 -31.85
CA ILE C 222 26.25 -15.76 -31.20
C ILE C 222 26.29 -16.83 -32.27
N VAL C 223 27.12 -17.85 -32.07
CA VAL C 223 27.32 -18.88 -33.07
C VAL C 223 26.08 -19.78 -33.14
N GLN C 224 25.64 -20.09 -34.34
CA GLN C 224 24.56 -21.04 -34.53
C GLN C 224 25.06 -22.47 -34.32
N GLU C 225 24.18 -23.31 -33.77
CA GLU C 225 24.47 -24.72 -33.51
C GLU C 225 25.67 -24.86 -32.56
N ILE C 226 25.41 -24.58 -31.29
CA ILE C 226 26.36 -24.79 -30.21
C ILE C 226 25.93 -26.04 -29.44
N ASP C 227 26.87 -26.95 -29.22
CA ASP C 227 26.61 -28.15 -28.44
C ASP C 227 26.99 -27.88 -26.98
N TYR C 228 26.07 -28.17 -26.06
CA TYR C 228 26.26 -27.88 -24.65
C TYR C 228 26.44 -29.17 -23.86
N GLY C 229 27.45 -29.18 -23.00
CA GLY C 229 27.66 -30.29 -22.09
C GLY C 229 26.96 -30.05 -20.75
N ASP C 230 26.56 -31.14 -20.12
CA ASP C 230 25.90 -31.04 -18.83
C ASP C 230 26.87 -30.51 -17.78
N ILE C 231 26.32 -29.88 -16.75
CA ILE C 231 27.10 -29.46 -15.58
C ILE C 231 27.20 -30.67 -14.66
N LEU C 232 28.34 -31.36 -14.71
CA LEU C 232 28.52 -32.64 -14.03
C LEU C 232 29.30 -32.47 -12.73
N PRO C 233 28.90 -33.20 -11.69
CA PRO C 233 29.67 -33.16 -10.44
C PRO C 233 30.99 -33.90 -10.59
N SER C 234 32.07 -33.29 -10.10
CA SER C 234 33.39 -33.89 -10.20
C SER C 234 33.71 -34.81 -9.03
N GLY C 235 32.90 -34.82 -7.98
CA GLY C 235 33.09 -35.67 -6.85
C GLY C 235 33.83 -35.04 -5.68
N ASP C 236 34.37 -33.83 -5.86
CA ASP C 236 35.09 -33.13 -4.81
C ASP C 236 34.38 -31.85 -4.37
N GLY C 237 33.07 -31.76 -4.60
CA GLY C 237 32.33 -30.56 -4.30
C GLY C 237 32.31 -29.53 -5.40
N THR C 238 33.08 -29.72 -6.47
CA THR C 238 33.11 -28.81 -7.60
C THR C 238 32.53 -29.50 -8.84
N TYR C 239 32.29 -28.70 -9.87
CA TYR C 239 31.55 -29.14 -11.06
C TYR C 239 32.33 -28.81 -12.31
N GLN C 240 31.85 -29.34 -13.44
CA GLN C 240 32.49 -29.15 -14.73
C GLN C 240 31.43 -29.14 -15.84
N ALA C 241 31.75 -28.44 -16.93
CA ALA C 241 30.84 -28.32 -18.06
C ALA C 241 31.66 -27.92 -19.28
N TRP C 242 31.00 -27.88 -20.44
CA TRP C 242 31.66 -27.47 -21.67
C TRP C 242 30.63 -27.03 -22.70
N ALA C 243 31.13 -26.49 -23.81
CA ALA C 243 30.33 -26.09 -24.96
C ALA C 243 31.24 -26.07 -26.18
N SER C 244 30.70 -26.50 -27.33
CA SER C 244 31.52 -26.68 -28.51
C SER C 244 30.79 -26.21 -29.77
N ILE C 245 31.57 -25.83 -30.78
CA ILE C 245 31.07 -25.39 -32.09
C ILE C 245 31.96 -25.98 -33.17
N GLU C 246 31.57 -25.73 -34.42
CA GLU C 246 32.31 -26.16 -35.60
C GLU C 246 32.97 -24.96 -36.27
N LEU C 247 33.91 -25.25 -37.18
CA LEU C 247 34.67 -24.22 -37.86
C LEU C 247 34.63 -24.44 -39.36
N ASP C 248 35.10 -23.44 -40.10
CA ASP C 248 35.05 -23.44 -41.56
C ASP C 248 36.37 -23.92 -42.16
N LEU C 254 36.90 -14.99 -36.50
CA LEU C 254 37.35 -14.75 -35.13
C LEU C 254 36.33 -15.25 -34.11
N TYR C 255 36.70 -16.29 -33.38
CA TYR C 255 35.80 -16.91 -32.42
C TYR C 255 36.35 -16.75 -31.01
N SER C 256 35.44 -16.67 -30.04
CA SER C 256 35.81 -16.48 -28.65
C SER C 256 34.80 -17.19 -27.76
N CYS C 257 35.31 -17.84 -26.72
CA CYS C 257 34.45 -18.46 -25.72
C CYS C 257 34.22 -17.46 -24.59
N HIS C 258 32.96 -17.27 -24.20
CA HIS C 258 32.57 -16.38 -23.12
C HIS C 258 32.02 -17.19 -21.97
N VAL C 259 32.52 -16.93 -20.77
CA VAL C 259 32.15 -17.67 -19.58
C VAL C 259 31.77 -16.68 -18.48
N GLU C 260 30.59 -16.87 -17.89
CA GLU C 260 30.13 -16.07 -16.77
C GLU C 260 29.92 -17.00 -15.58
N HIS C 261 30.47 -16.60 -14.43
CA HIS C 261 30.31 -17.41 -13.22
C HIS C 261 30.48 -16.51 -12.00
N SER C 262 29.47 -16.51 -11.13
CA SER C 262 29.53 -15.85 -9.82
C SER C 262 30.01 -14.40 -9.91
N GLY C 263 29.54 -13.70 -10.94
CA GLY C 263 29.73 -12.27 -11.06
C GLY C 263 30.91 -11.83 -11.89
N VAL C 264 31.84 -12.72 -12.22
CA VAL C 264 33.00 -12.36 -13.04
C VAL C 264 32.82 -12.97 -14.42
N HIS C 265 33.22 -12.22 -15.44
CA HIS C 265 33.07 -12.62 -16.83
C HIS C 265 34.44 -12.91 -17.42
N MET C 266 34.50 -13.89 -18.31
CA MET C 266 35.76 -14.39 -18.83
C MET C 266 35.63 -14.62 -20.33
N VAL C 267 36.64 -14.18 -21.08
CA VAL C 267 36.67 -14.30 -22.53
C VAL C 267 37.94 -15.02 -22.93
N LEU C 268 37.82 -16.06 -23.76
CA LEU C 268 38.95 -16.83 -24.27
C LEU C 268 38.92 -16.76 -25.79
N GLN C 269 39.82 -15.98 -26.37
CA GLN C 269 39.88 -15.81 -27.80
C GLN C 269 40.66 -16.94 -28.45
N VAL C 270 40.15 -17.44 -29.58
CA VAL C 270 40.84 -18.47 -30.34
C VAL C 270 41.82 -17.77 -31.29
N PRO C 271 43.11 -18.12 -31.26
CA PRO C 271 44.14 -17.47 -32.08
C PRO C 271 43.83 -17.52 -33.57
N GLY D 2 12.11 -18.51 25.30
CA GLY D 2 11.43 -19.73 24.92
C GLY D 2 10.20 -19.48 24.06
N GLN D 3 9.18 -20.32 24.23
CA GLN D 3 7.93 -20.20 23.50
C GLN D 3 6.80 -19.96 24.49
N ASN D 4 6.01 -18.92 24.24
CA ASN D 4 5.05 -18.45 25.23
C ASN D 4 3.73 -18.06 24.55
N ILE D 5 2.62 -18.42 25.20
CA ILE D 5 1.29 -17.99 24.82
C ILE D 5 0.68 -17.27 26.02
N ASP D 6 0.17 -16.07 25.79
CA ASP D 6 -0.39 -15.24 26.86
C ASP D 6 -1.80 -14.81 26.49
N GLN D 7 -2.76 -15.17 27.34
CA GLN D 7 -4.12 -14.68 27.26
C GLN D 7 -4.58 -14.37 28.68
N PRO D 8 -5.48 -13.40 28.85
CA PRO D 8 -5.91 -13.01 30.20
C PRO D 8 -6.49 -14.19 30.97
N THR D 9 -6.34 -14.14 32.29
CA THR D 9 -6.84 -15.22 33.14
C THR D 9 -8.37 -15.23 33.18
N GLU D 10 -8.98 -14.04 33.23
CA GLU D 10 -10.42 -13.96 33.42
C GLU D 10 -10.93 -12.66 32.84
N MET D 11 -12.11 -12.70 32.23
CA MET D 11 -12.74 -11.52 31.68
C MET D 11 -14.22 -11.53 32.01
N THR D 12 -14.77 -10.34 32.28
CA THR D 12 -16.17 -10.19 32.66
C THR D 12 -16.80 -9.12 31.79
N ALA D 13 -17.93 -9.46 31.15
CA ALA D 13 -18.70 -8.50 30.37
C ALA D 13 -20.18 -8.69 30.70
N THR D 14 -20.99 -7.78 30.19
CA THR D 14 -22.43 -7.77 30.47
C THR D 14 -23.18 -8.50 29.36
N GLU D 15 -24.21 -9.25 29.76
CA GLU D 15 -25.08 -9.95 28.82
C GLU D 15 -25.58 -9.00 27.75
N GLY D 16 -25.44 -9.42 26.49
CA GLY D 16 -25.86 -8.62 25.36
C GLY D 16 -24.81 -7.69 24.81
N ALA D 17 -23.66 -7.56 25.47
CA ALA D 17 -22.62 -6.66 25.03
C ALA D 17 -21.63 -7.41 24.15
N ILE D 18 -20.40 -6.89 24.03
CA ILE D 18 -19.37 -7.45 23.18
C ILE D 18 -18.10 -7.61 24.01
N VAL D 19 -17.40 -8.72 23.82
CA VAL D 19 -16.14 -8.99 24.53
C VAL D 19 -15.11 -9.50 23.53
N GLN D 20 -13.86 -9.11 23.75
CA GLN D 20 -12.75 -9.47 22.87
C GLN D 20 -11.65 -10.09 23.72
N ILE D 21 -11.36 -11.37 23.46
CA ILE D 21 -10.39 -12.13 24.24
C ILE D 21 -9.08 -12.17 23.46
N ASN D 22 -8.03 -11.57 24.02
CA ASN D 22 -6.75 -11.47 23.34
C ASN D 22 -5.89 -12.69 23.60
N CYS D 23 -4.99 -12.97 22.65
CA CYS D 23 -4.04 -14.07 22.78
C CYS D 23 -2.79 -13.66 22.01
N THR D 24 -1.73 -13.33 22.74
CA THR D 24 -0.44 -13.00 22.13
C THR D 24 0.49 -14.20 22.23
N TYR D 25 1.30 -14.41 21.19
CA TYR D 25 2.18 -15.56 21.13
C TYR D 25 3.60 -15.15 20.75
N GLN D 26 4.57 -15.80 21.38
CA GLN D 26 5.99 -15.67 21.02
C GLN D 26 6.50 -17.08 20.77
N THR D 27 6.51 -17.48 19.50
CA THR D 27 6.98 -18.80 19.11
C THR D 27 8.01 -18.68 18.01
N SER D 28 8.89 -19.67 17.92
CA SER D 28 9.82 -19.80 16.80
C SER D 28 9.09 -20.59 15.72
N GLY D 29 8.64 -19.88 14.70
CA GLY D 29 7.80 -20.52 13.69
C GLY D 29 6.32 -20.43 14.03
N PHE D 30 5.50 -20.48 12.99
CA PHE D 30 4.06 -20.31 13.16
C PHE D 30 3.36 -21.06 12.05
N ASN D 31 2.46 -21.98 12.42
CA ASN D 31 1.69 -22.74 11.44
C ASN D 31 0.19 -22.67 11.73
N GLY D 32 -0.26 -21.64 12.43
CA GLY D 32 -1.68 -21.49 12.71
C GLY D 32 -2.01 -21.25 14.16
N LEU D 33 -3.13 -20.58 14.41
CA LEU D 33 -3.61 -20.33 15.77
C LEU D 33 -5.04 -20.87 15.88
N PHE D 34 -5.28 -21.61 16.96
CA PHE D 34 -6.58 -22.23 17.20
C PHE D 34 -7.25 -21.59 18.41
N TRP D 35 -8.57 -21.59 18.39
CA TRP D 35 -9.38 -21.22 19.55
C TRP D 35 -10.31 -22.38 19.87
N TYR D 36 -10.36 -22.75 21.14
CA TYR D 36 -11.25 -23.79 21.63
C TYR D 36 -12.13 -23.24 22.73
N GLN D 37 -13.36 -23.75 22.80
CA GLN D 37 -14.30 -23.42 23.86
C GLN D 37 -14.41 -24.63 24.80
N GLN D 38 -14.33 -24.37 26.10
CA GLN D 38 -14.44 -25.43 27.10
C GLN D 38 -15.38 -24.95 28.20
N HIS D 39 -16.60 -25.46 28.19
CA HIS D 39 -17.50 -25.24 29.31
C HIS D 39 -16.99 -25.99 30.53
N ALA D 40 -17.45 -25.54 31.70
CA ALA D 40 -16.96 -26.09 32.97
C ALA D 40 -17.27 -27.57 33.06
N GLY D 41 -16.26 -28.35 33.44
CA GLY D 41 -16.38 -29.79 33.50
C GLY D 41 -16.56 -30.49 32.18
N GLU D 42 -16.50 -29.76 31.07
CA GLU D 42 -16.69 -30.32 29.74
C GLU D 42 -15.34 -30.47 29.02
N ALA D 43 -15.40 -30.99 27.81
CA ALA D 43 -14.25 -31.16 26.92
C ALA D 43 -14.13 -29.98 25.97
N PRO D 44 -12.91 -29.56 25.65
CA PRO D 44 -12.73 -28.47 24.69
C PRO D 44 -13.27 -28.84 23.32
N THR D 45 -13.86 -27.87 22.64
CA THR D 45 -14.36 -28.05 21.28
C THR D 45 -13.79 -26.96 20.39
N PHE D 46 -13.52 -27.32 19.15
CA PHE D 46 -12.88 -26.41 18.20
C PHE D 46 -13.81 -25.24 17.84
N LEU D 47 -13.23 -24.05 17.76
CA LEU D 47 -13.98 -22.85 17.40
C LEU D 47 -13.49 -22.22 16.10
N SER D 48 -12.19 -22.02 15.95
CA SER D 48 -11.69 -21.28 14.80
C SER D 48 -10.22 -21.62 14.56
N TYR D 49 -9.77 -21.33 13.34
CA TYR D 49 -8.38 -21.48 12.94
C TYR D 49 -7.98 -20.31 12.07
N ASN D 50 -6.85 -19.69 12.39
CA ASN D 50 -6.30 -18.59 11.62
C ASN D 50 -4.82 -18.85 11.35
N VAL D 51 -4.37 -18.51 10.14
CA VAL D 51 -2.97 -18.69 9.78
C VAL D 51 -2.51 -17.50 8.95
N LEU D 52 -3.42 -16.88 8.20
CA LEU D 52 -3.12 -15.66 7.46
C LEU D 52 -3.82 -14.47 8.08
N ASP D 53 -3.32 -13.28 7.75
CA ASP D 53 -3.86 -12.05 8.33
C ASP D 53 -5.29 -11.81 7.84
N GLY D 54 -6.17 -11.50 8.78
CA GLY D 54 -7.56 -11.24 8.46
C GLY D 54 -8.46 -11.62 9.61
N LEU D 55 -9.76 -11.52 9.35
CA LEU D 55 -10.79 -11.77 10.35
C LEU D 55 -11.80 -12.76 9.78
N GLU D 56 -12.05 -13.84 10.50
CA GLU D 56 -13.02 -14.86 10.09
C GLU D 56 -14.22 -14.81 11.04
N GLU D 57 -15.42 -14.83 10.47
CA GLU D 57 -16.66 -14.72 11.22
C GLU D 57 -17.46 -16.00 11.09
N LYS D 58 -17.91 -16.53 12.25
CA LYS D 58 -18.71 -17.75 12.31
C LYS D 58 -19.87 -17.50 13.28
N GLY D 59 -20.93 -16.89 12.78
CA GLY D 59 -22.08 -16.59 13.62
C GLY D 59 -21.81 -15.39 14.49
N ARG D 60 -22.13 -15.50 15.78
CA ARG D 60 -21.81 -14.44 16.73
C ARG D 60 -20.33 -14.38 17.06
N PHE D 61 -19.54 -15.38 16.66
CA PHE D 61 -18.13 -15.45 17.01
C PHE D 61 -17.27 -15.06 15.82
N SER D 62 -16.15 -14.40 16.11
CA SER D 62 -15.19 -14.02 15.08
C SER D 62 -13.79 -14.12 15.67
N SER D 63 -12.83 -14.50 14.82
CA SER D 63 -11.44 -14.65 15.22
C SER D 63 -10.56 -13.87 14.26
N PHE D 64 -9.65 -13.07 14.80
CA PHE D 64 -8.77 -12.20 14.03
C PHE D 64 -7.33 -12.61 14.26
N LEU D 65 -6.49 -12.43 13.24
CA LEU D 65 -5.07 -12.74 13.36
C LEU D 65 -4.24 -11.64 12.71
N SER D 66 -3.16 -11.26 13.38
CA SER D 66 -2.15 -10.37 12.82
C SER D 66 -0.79 -11.01 13.06
N ARG D 67 -0.17 -11.54 12.00
CA ARG D 67 1.09 -12.27 12.18
C ARG D 67 2.25 -11.33 12.45
N SER D 68 2.22 -10.11 11.89
CA SER D 68 3.30 -9.17 12.16
C SER D 68 3.27 -8.70 13.61
N LYS D 69 2.07 -8.47 14.15
CA LYS D 69 1.94 -8.09 15.56
C LYS D 69 1.99 -9.29 16.50
N GLY D 70 1.92 -10.50 15.98
CA GLY D 70 2.01 -11.68 16.82
C GLY D 70 0.91 -11.81 17.86
N TYR D 71 -0.33 -11.50 17.48
CA TYR D 71 -1.44 -11.64 18.41
C TYR D 71 -2.72 -11.95 17.64
N SER D 72 -3.65 -12.57 18.35
CA SER D 72 -4.98 -12.87 17.84
C SER D 72 -5.99 -12.50 18.91
N TYR D 73 -7.25 -12.35 18.49
CA TYR D 73 -8.32 -12.19 19.46
C TYR D 73 -9.55 -12.95 18.99
N LEU D 74 -10.35 -13.37 19.97
CA LEU D 74 -11.64 -14.01 19.75
C LEU D 74 -12.73 -13.01 20.12
N LEU D 75 -13.56 -12.66 19.16
CA LEU D 75 -14.61 -11.66 19.34
C LEU D 75 -15.96 -12.35 19.51
N LEU D 76 -16.67 -11.99 20.57
CA LEU D 76 -18.00 -12.51 20.85
C LEU D 76 -18.98 -11.37 20.84
N LYS D 77 -19.99 -11.47 19.96
CA LYS D 77 -21.02 -10.45 19.82
C LYS D 77 -22.34 -10.94 20.39
N GLU D 78 -23.13 -10.01 20.93
CA GLU D 78 -24.46 -10.30 21.47
C GLU D 78 -24.38 -11.40 22.54
N LEU D 79 -23.61 -11.10 23.58
CA LEU D 79 -23.28 -12.09 24.60
C LEU D 79 -24.54 -12.64 25.26
N GLN D 80 -24.56 -13.96 25.45
CA GLN D 80 -25.60 -14.66 26.18
C GLN D 80 -24.98 -15.31 27.41
N MET D 81 -25.83 -15.74 28.34
CA MET D 81 -25.34 -16.43 29.52
C MET D 81 -24.64 -17.72 29.15
N LYS D 82 -25.12 -18.41 28.11
CA LYS D 82 -24.52 -19.67 27.68
C LYS D 82 -23.11 -19.50 27.13
N ASP D 83 -22.66 -18.26 26.90
CA ASP D 83 -21.29 -18.02 26.46
C ASP D 83 -20.29 -18.10 27.62
N SER D 84 -20.76 -18.23 28.85
CA SER D 84 -19.86 -18.42 29.99
C SER D 84 -19.09 -19.73 29.84
N ALA D 85 -17.78 -19.63 29.70
CA ALA D 85 -16.93 -20.79 29.47
C ALA D 85 -15.48 -20.33 29.56
N SER D 86 -14.56 -21.29 29.48
CA SER D 86 -13.15 -21.00 29.26
C SER D 86 -12.86 -21.02 27.77
N TYR D 87 -12.01 -20.11 27.33
CA TYR D 87 -11.61 -20.01 25.94
C TYR D 87 -10.11 -20.20 25.84
N LEU D 88 -9.70 -21.28 25.17
CA LEU D 88 -8.30 -21.67 25.10
C LEU D 88 -7.74 -21.32 23.73
N CYS D 89 -6.54 -20.74 23.71
CA CYS D 89 -5.85 -20.37 22.48
CA CYS D 89 -5.87 -20.40 22.47
C CYS D 89 -4.57 -21.19 22.37
N ALA D 90 -4.35 -21.78 21.20
CA ALA D 90 -3.20 -22.65 20.98
C ALA D 90 -2.56 -22.34 19.64
N VAL D 91 -1.24 -22.38 19.60
CA VAL D 91 -0.47 -22.08 18.41
C VAL D 91 0.37 -23.30 18.04
N LYS D 92 0.41 -23.60 16.73
CA LYS D 92 1.31 -24.61 16.20
C LYS D 92 2.63 -23.96 15.82
N ASP D 93 3.73 -24.43 16.41
CA ASP D 93 5.04 -23.85 16.16
C ASP D 93 5.62 -24.42 14.86
N SER D 94 6.90 -24.14 14.59
CA SER D 94 7.53 -24.61 13.36
CA SER D 94 7.52 -24.61 13.36
C SER D 94 7.65 -26.12 13.31
N ASN D 95 7.57 -26.80 14.45
CA ASN D 95 7.64 -28.25 14.51
C ASN D 95 6.27 -28.89 14.69
N TYR D 96 5.20 -28.16 14.38
CA TYR D 96 3.84 -28.67 14.39
C TYR D 96 3.39 -29.12 15.77
N GLN D 97 3.95 -28.52 16.81
CA GLN D 97 3.57 -28.81 18.19
C GLN D 97 2.60 -27.72 18.67
N LEU D 98 1.51 -28.15 19.29
CA LEU D 98 0.53 -27.22 19.83
C LEU D 98 1.01 -26.67 21.16
N ILE D 99 1.18 -25.35 21.24
CA ILE D 99 1.50 -24.67 22.49
C ILE D 99 0.23 -24.01 23.00
N TRP D 100 -0.20 -24.40 24.20
CA TRP D 100 -1.50 -24.02 24.72
C TRP D 100 -1.37 -22.84 25.68
N GLY D 101 -2.26 -21.87 25.53
CA GLY D 101 -2.43 -20.88 26.57
C GLY D 101 -3.19 -21.45 27.76
N ALA D 102 -3.04 -20.78 28.90
CA ALA D 102 -3.68 -21.26 30.13
C ALA D 102 -5.19 -21.08 30.12
N GLY D 103 -5.75 -20.44 29.10
CA GLY D 103 -7.20 -20.28 29.03
C GLY D 103 -7.69 -18.99 29.65
N THR D 104 -8.81 -18.52 29.14
CA THR D 104 -9.48 -17.32 29.66
C THR D 104 -10.89 -17.69 30.08
N LYS D 105 -11.18 -17.55 31.36
CA LYS D 105 -12.53 -17.77 31.86
C LYS D 105 -13.38 -16.53 31.62
N LEU D 106 -14.47 -16.68 30.88
CA LEU D 106 -15.36 -15.57 30.56
C LEU D 106 -16.58 -15.62 31.46
N ILE D 107 -16.78 -14.58 32.25
CA ILE D 107 -17.93 -14.43 33.13
C ILE D 107 -18.90 -13.43 32.50
N ILE D 108 -20.17 -13.80 32.43
CA ILE D 108 -21.21 -12.98 31.83
C ILE D 108 -22.13 -12.50 32.94
N LYS D 109 -22.21 -11.19 33.13
CA LYS D 109 -23.15 -10.66 34.12
C LYS D 109 -24.51 -10.47 33.47
N PRO D 110 -25.59 -10.94 34.09
CA PRO D 110 -26.93 -10.70 33.53
C PRO D 110 -27.38 -9.27 33.79
N ASP D 111 -28.21 -8.76 32.90
CA ASP D 111 -28.74 -7.41 33.01
C ASP D 111 -30.03 -7.48 33.80
N ILE D 112 -29.93 -7.28 35.11
CA ILE D 112 -31.07 -7.38 36.02
C ILE D 112 -31.98 -6.18 35.78
N GLN D 113 -33.18 -6.43 35.26
CA GLN D 113 -34.09 -5.34 34.93
C GLN D 113 -34.66 -4.68 36.18
N ASN D 114 -35.11 -5.49 37.14
CA ASN D 114 -35.74 -4.99 38.36
C ASN D 114 -35.02 -5.60 39.56
N PRO D 115 -33.97 -4.97 40.05
CA PRO D 115 -33.29 -5.49 41.25
C PRO D 115 -34.20 -5.38 42.47
N ASP D 116 -34.12 -6.39 43.33
CA ASP D 116 -34.92 -6.44 44.54
C ASP D 116 -34.13 -7.11 45.65
N PRO D 117 -33.01 -6.51 46.09
CA PRO D 117 -32.11 -7.20 47.03
C PRO D 117 -32.81 -7.59 48.32
N ALA D 118 -32.54 -8.80 48.78
CA ALA D 118 -33.17 -9.34 49.98
C ALA D 118 -32.35 -10.53 50.47
N VAL D 119 -32.49 -10.83 51.76
CA VAL D 119 -31.84 -11.97 52.40
C VAL D 119 -32.93 -12.76 53.12
N TYR D 120 -33.19 -13.97 52.66
CA TYR D 120 -34.23 -14.82 53.23
C TYR D 120 -33.62 -15.97 54.01
N GLN D 121 -34.38 -16.46 54.98
CA GLN D 121 -33.98 -17.61 55.79
C GLN D 121 -34.86 -18.80 55.41
N LEU D 122 -34.23 -19.95 55.22
CA LEU D 122 -34.91 -21.17 54.81
C LEU D 122 -34.72 -22.24 55.86
N ARG D 123 -35.79 -22.96 56.16
CA ARG D 123 -35.78 -24.00 57.17
C ARG D 123 -35.46 -25.35 56.54
N ASP D 124 -34.82 -26.22 57.31
CA ASP D 124 -34.51 -27.57 56.85
C ASP D 124 -35.79 -28.36 56.67
N SER D 125 -35.85 -29.13 55.58
CA SER D 125 -37.02 -29.94 55.30
C SER D 125 -37.12 -31.16 56.21
N LYS D 126 -36.06 -31.49 56.94
CA LYS D 126 -36.09 -32.64 57.85
C LYS D 126 -36.29 -32.18 59.29
N SER D 127 -35.21 -31.74 59.94
CA SER D 127 -35.28 -31.28 61.33
C SER D 127 -34.59 -29.94 61.46
N SER D 128 -35.04 -29.17 62.46
CA SER D 128 -34.50 -27.83 62.74
C SER D 128 -34.65 -26.92 61.52
N SER D 131 -31.98 -22.80 58.44
CA SER D 131 -30.60 -23.23 58.71
C SER D 131 -29.67 -22.66 57.65
N VAL D 132 -30.23 -22.07 56.61
CA VAL D 132 -29.49 -21.57 55.46
C VAL D 132 -30.04 -20.20 55.07
N CYS D 133 -29.15 -19.24 54.84
CA CYS D 133 -29.54 -17.90 54.42
C CYS D 133 -29.32 -17.74 52.92
N LEU D 134 -30.18 -16.95 52.28
CA LEU D 134 -30.19 -16.79 50.83
C LEU D 134 -30.20 -15.32 50.48
N PHE D 135 -29.10 -14.82 49.92
CA PHE D 135 -29.01 -13.48 49.36
C PHE D 135 -29.35 -13.57 47.88
N THR D 136 -30.37 -12.83 47.44
CA THR D 136 -30.90 -13.01 46.09
C THR D 136 -31.44 -11.70 45.54
N ASP D 137 -31.69 -11.70 44.24
CA ASP D 137 -32.39 -10.64 43.50
C ASP D 137 -31.64 -9.32 43.53
N PHE D 138 -30.32 -9.34 43.68
CA PHE D 138 -29.53 -8.12 43.66
C PHE D 138 -28.99 -7.86 42.25
N ASP D 139 -28.58 -6.62 42.03
CA ASP D 139 -28.03 -6.22 40.75
C ASP D 139 -26.67 -6.87 40.51
N SER D 140 -26.34 -7.08 39.24
CA SER D 140 -25.09 -7.76 38.88
C SER D 140 -23.86 -6.98 39.30
N GLN D 141 -24.01 -5.69 39.65
CA GLN D 141 -22.86 -4.92 40.11
C GLN D 141 -22.40 -5.34 41.49
N THR D 142 -23.26 -5.98 42.27
CA THR D 142 -22.90 -6.40 43.62
C THR D 142 -21.98 -7.60 43.58
N ASN D 143 -20.88 -7.53 44.32
CA ASN D 143 -19.95 -8.63 44.48
C ASN D 143 -20.03 -9.17 45.90
N VAL D 144 -20.03 -10.50 46.03
CA VAL D 144 -20.16 -11.17 47.31
C VAL D 144 -18.78 -11.53 47.83
N SER D 145 -18.43 -11.01 49.00
CA SER D 145 -17.17 -11.34 49.62
C SER D 145 -17.25 -12.74 50.25
N GLN D 146 -16.10 -13.42 50.24
CA GLN D 146 -16.04 -14.76 50.82
C GLN D 146 -16.17 -14.70 52.33
N SER D 147 -16.28 -15.88 52.94
CA SER D 147 -16.47 -15.99 54.38
C SER D 147 -15.16 -15.72 55.12
N LYS D 148 -15.25 -14.97 56.21
CA LYS D 148 -14.10 -14.74 57.08
C LYS D 148 -13.99 -15.81 58.15
N ASP D 149 -15.12 -16.29 58.66
CA ASP D 149 -15.11 -17.32 59.69
C ASP D 149 -14.79 -18.68 59.06
N SER D 150 -14.07 -19.51 59.83
CA SER D 150 -13.69 -20.83 59.36
C SER D 150 -14.83 -21.84 59.44
N ASP D 151 -15.92 -21.52 60.12
CA ASP D 151 -17.09 -22.38 60.19
C ASP D 151 -18.34 -21.73 59.59
N VAL D 152 -18.19 -20.60 58.92
CA VAL D 152 -19.24 -19.99 58.12
C VAL D 152 -18.90 -20.21 56.66
N TYR D 153 -19.88 -20.63 55.87
CA TYR D 153 -19.67 -20.99 54.47
C TYR D 153 -20.55 -20.11 53.59
N ILE D 154 -19.91 -19.28 52.77
CA ILE D 154 -20.59 -18.43 51.81
C ILE D 154 -20.14 -18.84 50.42
N THR D 155 -21.09 -18.97 49.50
CA THR D 155 -20.80 -19.42 48.15
C THR D 155 -20.70 -18.22 47.20
N ASP D 156 -20.25 -18.50 45.99
CA ASP D 156 -20.10 -17.46 44.98
C ASP D 156 -21.47 -17.06 44.43
N LYS D 157 -21.46 -15.99 43.63
CA LYS D 157 -22.68 -15.54 42.96
C LYS D 157 -23.12 -16.59 41.93
N CYS D 158 -24.43 -16.71 41.77
CA CYS D 158 -25.03 -17.72 40.91
C CYS D 158 -26.18 -17.08 40.15
N VAL D 159 -26.23 -17.32 38.84
CA VAL D 159 -27.23 -16.69 37.97
C VAL D 159 -28.30 -17.72 37.64
N LEU D 160 -29.53 -17.42 38.03
CA LEU D 160 -30.70 -18.22 37.73
C LEU D 160 -31.32 -17.79 36.41
N ASP D 161 -32.11 -18.68 35.81
CA ASP D 161 -32.87 -18.34 34.61
C ASP D 161 -34.12 -19.20 34.58
N MET D 162 -35.27 -18.58 34.82
CA MET D 162 -36.57 -19.22 34.67
C MET D 162 -37.04 -18.98 33.24
N ARG D 163 -36.85 -19.98 32.38
CA ARG D 163 -37.09 -19.79 30.95
C ARG D 163 -38.55 -19.48 30.63
N SER D 164 -39.48 -20.05 31.41
CA SER D 164 -40.90 -19.82 31.12
C SER D 164 -41.29 -18.38 31.41
N MET D 165 -40.75 -17.78 32.46
CA MET D 165 -41.08 -16.42 32.84
C MET D 165 -40.16 -15.38 32.20
N ASP D 166 -39.08 -15.80 31.55
CA ASP D 166 -38.06 -14.91 31.01
C ASP D 166 -37.54 -13.98 32.12
N PHE D 167 -37.00 -14.61 33.17
CA PHE D 167 -36.60 -13.91 34.38
C PHE D 167 -35.27 -14.48 34.85
N LYS D 168 -34.28 -13.61 35.06
CA LYS D 168 -32.99 -13.99 35.60
C LYS D 168 -32.77 -13.30 36.93
N SER D 169 -31.94 -13.92 37.77
CA SER D 169 -31.69 -13.39 39.10
C SER D 169 -30.36 -13.92 39.62
N ASN D 170 -29.65 -13.08 40.35
CA ASN D 170 -28.43 -13.48 41.05
C ASN D 170 -28.78 -14.06 42.42
N SER D 171 -27.87 -14.86 42.96
CA SER D 171 -28.09 -15.46 44.27
C SER D 171 -26.77 -15.94 44.85
N ALA D 172 -26.70 -15.91 46.18
CA ALA D 172 -25.58 -16.46 46.93
C ALA D 172 -26.12 -17.02 48.24
N VAL D 173 -25.50 -18.09 48.72
CA VAL D 173 -25.99 -18.85 49.86
C VAL D 173 -24.96 -18.81 50.98
N ALA D 174 -25.44 -18.66 52.22
CA ALA D 174 -24.60 -18.72 53.41
C ALA D 174 -25.23 -19.65 54.44
N TRP D 175 -24.40 -20.47 55.08
CA TRP D 175 -24.86 -21.38 56.12
C TRP D 175 -23.73 -21.59 57.11
N SER D 176 -24.10 -22.07 58.30
CA SER D 176 -23.12 -22.29 59.36
C SER D 176 -23.70 -23.22 60.41
N ASN D 177 -22.80 -23.92 61.11
CA ASN D 177 -23.15 -24.79 62.22
C ASN D 177 -23.02 -24.12 63.57
N LYS D 178 -22.56 -22.87 63.62
CA LYS D 178 -22.36 -22.18 64.88
C LYS D 178 -23.70 -21.77 65.49
N SER D 179 -23.66 -21.39 66.77
CA SER D 179 -24.87 -20.96 67.46
C SER D 179 -25.17 -19.49 67.21
N ASP D 180 -24.14 -18.68 66.95
CA ASP D 180 -24.32 -17.25 66.72
C ASP D 180 -24.90 -16.91 65.36
N PHE D 181 -24.70 -17.79 64.37
CA PHE D 181 -25.02 -17.46 62.98
C PHE D 181 -26.49 -17.06 62.82
N ALA D 182 -26.71 -15.86 62.29
CA ALA D 182 -28.03 -15.36 61.96
C ALA D 182 -27.96 -14.67 60.60
N CYS D 183 -29.07 -14.74 59.85
CA CYS D 183 -29.07 -14.20 58.49
C CYS D 183 -28.87 -12.70 58.45
N ALA D 184 -29.12 -11.99 59.56
CA ALA D 184 -28.94 -10.55 59.57
C ALA D 184 -27.48 -10.15 59.41
N ASN D 185 -26.56 -10.98 59.91
CA ASN D 185 -25.12 -10.67 59.86
C ASN D 185 -24.36 -11.68 59.00
N ALA D 186 -25.04 -12.41 58.13
CA ALA D 186 -24.38 -13.44 57.34
C ALA D 186 -23.51 -12.86 56.24
N PHE D 187 -23.96 -11.78 55.60
CA PHE D 187 -23.26 -11.19 54.47
C PHE D 187 -22.64 -9.84 54.83
N ASN D 188 -22.07 -9.73 56.03
CA ASN D 188 -21.49 -8.47 56.45
C ASN D 188 -20.13 -8.20 55.81
N ASN D 189 -19.38 -9.25 55.48
CA ASN D 189 -18.10 -9.05 54.81
C ASN D 189 -18.24 -8.51 53.40
N SER D 190 -19.43 -8.62 52.81
CA SER D 190 -19.69 -8.11 51.48
C SER D 190 -20.31 -6.73 51.54
N ILE D 191 -20.28 -6.03 50.40
CA ILE D 191 -20.85 -4.69 50.27
C ILE D 191 -22.21 -4.86 49.59
N ILE D 192 -23.27 -4.85 50.40
CA ILE D 192 -24.61 -5.14 49.91
C ILE D 192 -25.40 -3.86 49.72
N PRO D 193 -26.46 -3.86 48.92
CA PRO D 193 -27.23 -2.61 48.70
C PRO D 193 -27.84 -2.09 50.00
N GLU D 194 -28.03 -0.77 50.04
CA GLU D 194 -28.58 -0.15 51.23
C GLU D 194 -30.04 -0.53 51.45
N ASP D 195 -30.80 -0.66 50.36
CA ASP D 195 -32.24 -0.94 50.47
C ASP D 195 -32.50 -2.44 50.50
N THR D 196 -31.58 -3.21 51.06
CA THR D 196 -31.76 -4.65 51.11
C THR D 196 -32.83 -5.03 52.13
N PHE D 197 -33.73 -5.93 51.74
CA PHE D 197 -34.88 -6.32 52.53
C PHE D 197 -34.51 -7.49 53.43
N PHE D 198 -34.51 -7.26 54.75
CA PHE D 198 -34.27 -8.29 55.75
C PHE D 198 -35.58 -8.57 56.49
N PRO D 199 -36.37 -9.56 56.07
CA PRO D 199 -37.62 -9.85 56.78
C PRO D 199 -37.36 -10.50 58.12
N SER D 200 -38.18 -10.15 59.10
CA SER D 200 -38.05 -10.67 60.46
C SER D 200 -38.26 -12.18 60.50
N GLY E 4 -17.93 -39.62 18.89
CA GLY E 4 -16.65 -39.23 18.35
C GLY E 4 -15.49 -39.94 19.03
N VAL E 5 -14.89 -39.27 20.01
CA VAL E 5 -13.80 -39.83 20.81
C VAL E 5 -14.37 -40.29 22.14
N THR E 6 -14.09 -41.54 22.50
CA THR E 6 -14.62 -42.15 23.71
C THR E 6 -13.46 -42.51 24.63
N GLN E 7 -13.58 -42.14 25.91
CA GLN E 7 -12.59 -42.54 26.90
C GLN E 7 -13.30 -42.97 28.18
N THR E 8 -12.65 -43.87 28.91
CA THR E 8 -13.16 -44.42 30.16
C THR E 8 -11.99 -44.62 31.12
N PRO E 9 -12.24 -44.54 32.43
CA PRO E 9 -13.51 -44.24 33.09
C PRO E 9 -13.71 -42.74 33.27
N LYS E 10 -14.92 -42.30 33.59
CA LYS E 10 -15.15 -40.87 33.80
C LYS E 10 -14.58 -40.40 35.13
N PHE E 11 -14.68 -41.23 36.17
CA PHE E 11 -14.13 -40.92 37.48
C PHE E 11 -13.38 -42.14 38.01
N GLN E 12 -12.37 -41.90 38.83
CA GLN E 12 -11.58 -42.98 39.41
C GLN E 12 -10.85 -42.46 40.64
N VAL E 13 -10.91 -43.22 41.73
CA VAL E 13 -10.13 -42.97 42.94
C VAL E 13 -9.06 -44.04 43.04
N LEU E 14 -7.84 -43.62 43.33
CA LEU E 14 -6.70 -44.53 43.36
C LEU E 14 -5.88 -44.34 44.62
N LYS E 15 -5.46 -45.44 45.20
CA LYS E 15 -4.47 -45.41 46.27
C LYS E 15 -3.08 -45.34 45.69
N THR E 16 -2.18 -44.63 46.38
CA THR E 16 -0.82 -44.46 45.88
C THR E 16 -0.14 -45.82 45.70
N GLY E 17 0.53 -45.98 44.56
CA GLY E 17 1.19 -47.21 44.20
C GLY E 17 0.39 -48.12 43.28
N GLN E 18 -0.92 -47.89 43.17
CA GLN E 18 -1.75 -48.70 42.29
C GLN E 18 -1.36 -48.49 40.83
N SER E 19 -1.76 -49.44 40.00
CA SER E 19 -1.65 -49.31 38.55
C SER E 19 -3.01 -48.96 37.97
N MET E 20 -2.98 -48.27 36.83
CA MET E 20 -4.21 -47.80 36.21
C MET E 20 -4.00 -47.70 34.71
N THR E 21 -5.02 -48.08 33.95
CA THR E 21 -5.01 -47.94 32.49
C THR E 21 -6.24 -47.17 32.06
N LEU E 22 -6.01 -46.04 31.37
CA LEU E 22 -7.09 -45.25 30.81
C LEU E 22 -7.28 -45.64 29.35
N GLN E 23 -8.53 -45.84 28.96
CA GLN E 23 -8.87 -46.32 27.63
C GLN E 23 -9.39 -45.17 26.76
N CYS E 24 -9.03 -45.21 25.48
CA CYS E 24 -9.47 -44.20 24.53
C CYS E 24 -9.60 -44.84 23.15
N ALA E 25 -10.70 -44.54 22.47
CA ALA E 25 -10.98 -45.08 21.16
C ALA E 25 -11.67 -44.02 20.30
N GLN E 26 -11.30 -43.96 19.02
CA GLN E 26 -11.86 -43.01 18.08
C GLN E 26 -12.38 -43.75 16.85
N ASP E 27 -13.58 -43.36 16.40
CA ASP E 27 -14.24 -43.99 15.26
C ASP E 27 -14.32 -43.06 14.07
N MET E 28 -13.28 -42.26 13.85
CA MET E 28 -13.26 -41.28 12.77
C MET E 28 -12.12 -41.53 11.78
N ASN E 29 -11.47 -42.68 11.86
CA ASN E 29 -10.37 -43.04 10.96
C ASN E 29 -9.22 -42.03 11.05
N HIS E 30 -8.99 -41.52 12.26
CA HIS E 30 -7.90 -40.58 12.49
C HIS E 30 -6.59 -41.34 12.71
N ASN E 31 -5.50 -40.77 12.21
CA ASN E 31 -4.19 -41.39 12.36
C ASN E 31 -3.47 -40.93 13.62
N SER E 32 -3.71 -39.71 14.07
CA SER E 32 -3.02 -39.14 15.23
C SER E 32 -3.92 -39.20 16.46
N MET E 33 -3.30 -39.48 17.61
CA MET E 33 -4.00 -39.50 18.88
C MET E 33 -3.07 -38.99 19.97
N TYR E 34 -3.66 -38.43 21.03
CA TYR E 34 -2.93 -37.70 22.03
C TYR E 34 -3.51 -37.99 23.40
N TRP E 35 -2.69 -37.82 24.43
CA TRP E 35 -3.14 -37.86 25.81
C TRP E 35 -2.66 -36.59 26.51
N TYR E 36 -3.61 -35.79 26.99
CA TYR E 36 -3.34 -34.56 27.72
C TYR E 36 -3.79 -34.72 29.17
N ARG E 37 -3.17 -33.94 30.04
CA ARG E 37 -3.69 -33.68 31.38
C ARG E 37 -3.93 -32.19 31.53
N GLN E 38 -5.01 -31.82 32.21
CA GLN E 38 -5.38 -30.43 32.40
C GLN E 38 -5.33 -30.12 33.89
N ASP E 39 -4.40 -29.27 34.29
CA ASP E 39 -4.28 -28.87 35.67
C ASP E 39 -4.61 -27.39 35.82
N PRO E 40 -5.25 -27.00 36.91
CA PRO E 40 -5.73 -25.62 37.05
C PRO E 40 -4.59 -24.62 37.01
N GLY E 41 -4.78 -23.56 36.23
CA GLY E 41 -3.82 -22.48 36.14
C GLY E 41 -2.72 -22.65 35.11
N MET E 42 -2.83 -23.61 34.21
CA MET E 42 -1.82 -23.81 33.19
C MET E 42 -2.46 -24.47 31.98
N GLY E 43 -1.83 -24.28 30.82
CA GLY E 43 -2.35 -24.84 29.60
C GLY E 43 -2.26 -26.35 29.57
N LEU E 44 -3.00 -26.94 28.62
CA LEU E 44 -2.94 -28.38 28.40
C LEU E 44 -1.49 -28.82 28.19
N ARG E 45 -1.13 -29.95 28.78
CA ARG E 45 0.22 -30.49 28.68
C ARG E 45 0.17 -31.88 28.10
N LEU E 46 0.97 -32.10 27.06
CA LEU E 46 0.96 -33.37 26.34
C LEU E 46 1.78 -34.41 27.08
N ILE E 47 1.18 -35.59 27.30
CA ILE E 47 1.83 -36.68 28.00
C ILE E 47 2.55 -37.56 26.98
N TYR E 48 1.78 -38.21 26.12
CA TYR E 48 2.31 -38.99 25.01
C TYR E 48 1.40 -38.77 23.80
N TYR E 49 1.98 -38.93 22.61
CA TYR E 49 1.22 -38.82 21.37
C TYR E 49 1.65 -39.92 20.42
N SER E 50 0.76 -40.23 19.47
CA SER E 50 1.00 -41.25 18.45
C SER E 50 0.68 -40.63 17.09
N ALA E 51 1.72 -40.22 16.37
CA ALA E 51 1.53 -39.52 15.11
C ALA E 51 0.79 -40.39 14.09
N SER E 52 0.95 -41.71 14.18
CA SER E 52 0.22 -42.62 13.31
C SER E 52 0.20 -43.99 13.97
N GLU E 53 -0.67 -44.85 13.45
CA GLU E 53 -0.71 -46.24 13.88
C GLU E 53 0.67 -46.88 13.72
N GLY E 54 1.20 -47.37 14.83
CA GLY E 54 2.51 -48.01 14.82
C GLY E 54 3.67 -47.18 15.30
N THR E 55 3.42 -46.03 15.94
CA THR E 55 4.50 -45.25 16.53
C THR E 55 3.92 -44.37 17.63
N THR E 56 4.72 -44.18 18.69
CA THR E 56 4.38 -43.29 19.79
C THR E 56 5.65 -42.53 20.18
N ASP E 57 5.45 -41.45 20.93
CA ASP E 57 6.59 -40.65 21.34
C ASP E 57 6.24 -39.85 22.59
N LYS E 58 7.26 -39.53 23.38
CA LYS E 58 7.06 -38.78 24.61
C LYS E 58 6.54 -37.38 24.31
N GLY E 59 5.73 -36.87 25.22
CA GLY E 59 5.25 -35.50 25.17
C GLY E 59 6.03 -34.62 26.12
N GLU E 60 5.31 -33.67 26.73
CA GLU E 60 5.97 -32.73 27.64
C GLU E 60 6.22 -33.36 29.01
N VAL E 61 5.28 -34.17 29.49
CA VAL E 61 5.38 -34.73 30.84
C VAL E 61 5.17 -36.24 30.80
N PRO E 62 6.12 -37.01 30.26
CA PRO E 62 5.89 -38.46 30.12
C PRO E 62 6.18 -39.27 31.38
N ASN E 63 6.93 -38.73 32.33
CA ASN E 63 7.37 -39.51 33.48
C ASN E 63 6.19 -39.93 34.34
N GLY E 64 6.19 -41.19 34.76
CA GLY E 64 5.08 -41.78 35.48
C GLY E 64 4.02 -42.40 34.60
N TYR E 65 4.14 -42.29 33.28
CA TYR E 65 3.17 -42.84 32.35
C TYR E 65 3.89 -43.63 31.26
N ASN E 66 3.10 -44.41 30.53
CA ASN E 66 3.52 -44.97 29.25
C ASN E 66 2.24 -45.30 28.49
N VAL E 67 2.38 -45.49 27.18
CA VAL E 67 1.22 -45.63 26.30
C VAL E 67 1.43 -46.81 25.36
N SER E 68 0.31 -47.29 24.82
CA SER E 68 0.32 -48.35 23.82
C SER E 68 -0.67 -47.98 22.72
N ARG E 69 -0.15 -47.72 21.53
CA ARG E 69 -0.99 -47.53 20.35
C ARG E 69 -1.36 -48.92 19.84
N LEU E 70 -2.45 -49.47 20.39
CA LEU E 70 -2.83 -50.85 20.08
C LEU E 70 -3.12 -51.01 18.60
N ASN E 71 -3.91 -50.11 18.04
CA ASN E 71 -4.26 -50.13 16.62
C ASN E 71 -4.58 -48.69 16.20
N LYS E 72 -5.11 -48.55 14.99
CA LYS E 72 -5.48 -47.21 14.52
C LYS E 72 -6.61 -46.60 15.34
N ARG E 73 -7.39 -47.41 16.03
CA ARG E 73 -8.54 -46.94 16.78
C ARG E 73 -8.22 -46.54 18.22
N GLU E 74 -7.32 -47.27 18.89
CA GLU E 74 -7.20 -47.20 20.34
C GLU E 74 -5.81 -46.75 20.76
N PHE E 75 -5.77 -45.92 21.81
CA PHE E 75 -4.54 -45.35 22.35
C PHE E 75 -4.67 -45.38 23.88
N SER E 76 -4.01 -46.34 24.51
CA SER E 76 -4.15 -46.55 25.95
C SER E 76 -3.12 -45.76 26.73
N LEU E 77 -3.55 -45.19 27.85
CA LEU E 77 -2.68 -44.48 28.77
C LEU E 77 -2.55 -45.29 30.06
N ARG E 78 -1.31 -45.54 30.48
CA ARG E 78 -1.03 -46.43 31.59
C ARG E 78 -0.30 -45.65 32.68
N LEU E 79 -0.79 -45.77 33.92
CA LEU E 79 -0.12 -45.21 35.09
C LEU E 79 0.59 -46.35 35.82
N GLU E 80 1.92 -46.34 35.78
CA GLU E 80 2.71 -47.42 36.38
C GLU E 80 2.50 -47.49 37.89
N SER E 81 3.12 -46.58 38.63
CA SER E 81 2.95 -46.50 40.08
C SER E 81 2.29 -45.15 40.37
N ALA E 82 0.99 -45.19 40.70
CA ALA E 82 0.22 -43.96 40.87
C ALA E 82 0.76 -43.12 42.02
N ALA E 83 0.96 -41.85 41.76
CA ALA E 83 1.41 -40.88 42.75
C ALA E 83 0.38 -39.77 42.91
N PRO E 84 0.29 -39.16 44.09
CA PRO E 84 -0.69 -38.08 44.28
C PRO E 84 -0.55 -36.92 43.31
N SER E 85 0.66 -36.68 42.76
CA SER E 85 0.84 -35.59 41.82
C SER E 85 0.12 -35.86 40.50
N GLN E 86 -0.24 -37.11 40.22
CA GLN E 86 -0.95 -37.46 39.00
C GLN E 86 -2.45 -37.22 39.10
N THR E 87 -2.93 -36.74 40.25
CA THR E 87 -4.31 -36.29 40.37
C THR E 87 -4.54 -35.13 39.40
N SER E 88 -5.43 -35.34 38.44
CA SER E 88 -5.65 -34.38 37.36
C SER E 88 -6.90 -34.81 36.59
N VAL E 89 -7.23 -34.02 35.57
CA VAL E 89 -8.24 -34.38 34.58
C VAL E 89 -7.49 -34.73 33.30
N TYR E 90 -7.74 -35.94 32.79
CA TYR E 90 -7.01 -36.45 31.62
C TYR E 90 -7.90 -36.38 30.39
N PHE E 91 -7.34 -35.89 29.29
CA PHE E 91 -8.08 -35.74 28.04
C PHE E 91 -7.37 -36.48 26.92
N CYS E 92 -8.15 -37.24 26.16
CA CYS E 92 -7.68 -37.91 24.95
CA CYS E 92 -7.67 -37.89 24.96
C CYS E 92 -8.17 -37.14 23.73
N ALA E 93 -7.31 -36.97 22.75
CA ALA E 93 -7.67 -36.25 21.54
C ALA E 93 -7.17 -37.00 20.31
N SER E 94 -7.77 -36.68 19.17
CA SER E 94 -7.35 -37.27 17.91
C SER E 94 -7.55 -36.26 16.80
N SER E 95 -6.62 -36.26 15.84
CA SER E 95 -6.71 -35.47 14.63
C SER E 95 -6.42 -36.37 13.45
N VAL E 96 -6.78 -35.90 12.25
CA VAL E 96 -6.60 -36.72 11.04
C VAL E 96 -5.12 -37.03 10.84
N TRP E 97 -4.30 -36.00 10.63
CA TRP E 97 -2.86 -36.16 10.54
C TRP E 97 -2.16 -35.16 11.43
N THR E 98 -1.11 -35.59 12.11
CA THR E 98 -0.15 -34.64 12.63
C THR E 98 0.70 -34.12 11.47
N GLY E 99 1.01 -32.83 11.50
CA GLY E 99 1.77 -32.21 10.44
C GLY E 99 0.95 -31.40 9.46
N GLU E 100 -0.36 -31.66 9.38
CA GLU E 100 -1.24 -30.79 8.60
C GLU E 100 -1.69 -29.64 9.51
N GLY E 101 -1.53 -28.42 9.02
CA GLY E 101 -1.55 -27.27 9.92
C GLY E 101 -2.93 -26.93 10.45
N SER E 102 -3.96 -27.11 9.64
CA SER E 102 -5.31 -26.69 10.00
C SER E 102 -6.11 -27.77 10.70
N GLY E 103 -5.54 -28.97 10.88
CA GLY E 103 -6.28 -30.05 11.51
C GLY E 103 -6.54 -29.79 12.98
N GLU E 104 -7.80 -29.82 13.39
CA GLU E 104 -8.16 -29.55 14.77
C GLU E 104 -8.17 -30.85 15.59
N LEU E 105 -8.21 -30.68 16.90
CA LEU E 105 -8.31 -31.80 17.82
C LEU E 105 -9.77 -32.11 18.15
N PHE E 106 -10.05 -33.38 18.35
CA PHE E 106 -11.35 -33.85 18.82
C PHE E 106 -11.14 -34.51 20.18
N PHE E 107 -11.71 -33.92 21.22
CA PHE E 107 -11.44 -34.34 22.60
C PHE E 107 -12.51 -35.31 23.10
N GLY E 108 -12.06 -36.27 23.91
CA GLY E 108 -12.98 -37.07 24.69
C GLY E 108 -13.47 -36.29 25.92
N GLU E 109 -14.44 -36.87 26.60
CA GLU E 109 -15.12 -36.16 27.69
C GLU E 109 -14.23 -35.97 28.92
N GLY E 110 -13.10 -36.65 29.01
CA GLY E 110 -12.19 -36.43 30.11
C GLY E 110 -12.34 -37.47 31.22
N SER E 111 -11.27 -37.64 31.99
CA SER E 111 -11.23 -38.59 33.10
C SER E 111 -10.66 -37.89 34.33
N ARG E 112 -11.46 -37.83 35.39
CA ARG E 112 -11.04 -37.21 36.64
CA ARG E 112 -11.03 -37.21 36.64
C ARG E 112 -10.39 -38.27 37.53
N LEU E 113 -9.07 -38.22 37.65
CA LEU E 113 -8.31 -39.16 38.48
C LEU E 113 -7.87 -38.47 39.75
N THR E 114 -8.05 -39.14 40.88
CA THR E 114 -7.63 -38.64 42.19
C THR E 114 -6.86 -39.73 42.89
N VAL E 115 -5.60 -39.44 43.22
CA VAL E 115 -4.70 -40.39 43.87
C VAL E 115 -4.53 -39.97 45.33
N LEU E 116 -4.76 -40.90 46.24
CA LEU E 116 -4.72 -40.63 47.68
C LEU E 116 -3.71 -41.56 48.33
N GLU E 117 -3.08 -41.07 49.41
CA GLU E 117 -2.21 -41.93 50.20
C GLU E 117 -2.99 -43.06 50.84
N ASP E 118 -4.21 -42.78 51.29
CA ASP E 118 -5.10 -43.80 51.83
C ASP E 118 -6.53 -43.41 51.49
N LEU E 119 -7.40 -44.42 51.46
CA LEU E 119 -8.80 -44.24 51.10
C LEU E 119 -9.67 -43.91 52.31
N LYS E 120 -9.09 -43.70 53.49
CA LYS E 120 -9.87 -43.52 54.70
C LYS E 120 -10.59 -42.17 54.74
N ASN E 121 -10.17 -41.20 53.94
CA ASN E 121 -10.81 -39.89 53.91
CA ASN E 121 -10.79 -39.88 53.89
C ASN E 121 -11.87 -39.77 52.83
N VAL E 122 -12.18 -40.87 52.12
CA VAL E 122 -13.19 -40.84 51.08
C VAL E 122 -14.57 -40.91 51.74
N PHE E 123 -15.40 -39.89 51.51
CA PHE E 123 -16.70 -39.81 52.13
C PHE E 123 -17.77 -39.43 51.11
N PRO E 124 -18.93 -40.07 51.16
CA PRO E 124 -20.05 -39.63 50.32
C PRO E 124 -20.65 -38.36 50.87
N PRO E 125 -21.46 -37.64 50.09
CA PRO E 125 -22.05 -36.40 50.58
C PRO E 125 -23.32 -36.62 51.38
N GLU E 126 -23.58 -35.67 52.27
CA GLU E 126 -24.86 -35.56 52.95
C GLU E 126 -25.69 -34.50 52.23
N VAL E 127 -26.84 -34.91 51.70
CA VAL E 127 -27.69 -34.05 50.88
C VAL E 127 -28.89 -33.60 51.70
N ALA E 128 -29.22 -32.32 51.62
CA ALA E 128 -30.35 -31.75 52.32
C ALA E 128 -31.00 -30.67 51.47
N VAL E 129 -32.33 -30.59 51.54
CA VAL E 129 -33.12 -29.63 50.79
C VAL E 129 -33.74 -28.65 51.77
N PHE E 130 -33.73 -27.37 51.42
CA PHE E 130 -34.27 -26.31 52.25
C PHE E 130 -35.42 -25.63 51.52
N GLU E 131 -36.56 -25.51 52.20
CA GLU E 131 -37.81 -25.08 51.59
C GLU E 131 -37.87 -23.56 51.50
N PRO E 132 -38.59 -23.03 50.51
CA PRO E 132 -38.61 -21.58 50.28
C PRO E 132 -39.11 -20.81 51.48
N SER E 133 -38.60 -19.59 51.65
CA SER E 133 -39.04 -18.71 52.72
C SER E 133 -40.42 -18.16 52.39
N GLU E 134 -41.30 -18.12 53.40
CA GLU E 134 -42.60 -17.51 53.23
C GLU E 134 -42.46 -16.02 52.93
N ALA E 135 -41.38 -15.39 53.41
CA ALA E 135 -41.15 -13.98 53.11
C ALA E 135 -40.82 -13.78 51.64
N GLU E 136 -40.05 -14.70 51.05
CA GLU E 136 -39.75 -14.59 49.62
C GLU E 136 -41.00 -14.78 48.78
N ILE E 137 -41.83 -15.76 49.13
CA ILE E 137 -43.07 -15.99 48.40
C ILE E 137 -43.96 -14.75 48.45
N SER E 138 -44.02 -14.10 49.61
CA SER E 138 -44.83 -12.91 49.75
C SER E 138 -44.23 -11.72 49.02
N HIS E 139 -42.89 -11.61 49.02
CA HIS E 139 -42.24 -10.42 48.48
C HIS E 139 -42.09 -10.48 46.96
N THR E 140 -41.88 -11.66 46.39
CA THR E 140 -41.57 -11.80 44.98
C THR E 140 -42.53 -12.69 44.21
N GLN E 141 -43.46 -13.37 44.89
CA GLN E 141 -44.31 -14.38 44.26
C GLN E 141 -43.50 -15.50 43.62
N LYS E 142 -42.28 -15.71 44.12
CA LYS E 142 -41.41 -16.78 43.64
C LYS E 142 -40.91 -17.59 44.84
N ALA E 143 -40.57 -18.85 44.58
CA ALA E 143 -40.13 -19.76 45.62
C ALA E 143 -38.79 -20.36 45.22
N THR E 144 -37.82 -20.30 46.12
CA THR E 144 -36.48 -20.79 45.87
C THR E 144 -36.16 -21.95 46.81
N LEU E 145 -35.78 -23.08 46.24
CA LEU E 145 -35.35 -24.25 47.01
C LEU E 145 -33.83 -24.37 46.90
N VAL E 146 -33.18 -24.63 48.04
CA VAL E 146 -31.73 -24.71 48.11
C VAL E 146 -31.35 -26.14 48.51
N CYS E 147 -30.41 -26.72 47.78
CA CYS E 147 -29.87 -28.04 48.06
C CYS E 147 -28.42 -27.92 48.51
N LEU E 148 -28.07 -28.66 49.55
CA LEU E 148 -26.72 -28.64 50.11
C LEU E 148 -26.15 -30.05 50.14
N ALA E 149 -24.97 -30.21 49.56
CA ALA E 149 -24.22 -31.47 49.60
C ALA E 149 -22.90 -31.20 50.32
N THR E 150 -22.73 -31.77 51.50
CA THR E 150 -21.64 -31.41 52.39
C THR E 150 -20.83 -32.63 52.79
N GLY E 151 -19.57 -32.38 53.16
CA GLY E 151 -18.74 -33.39 53.78
C GLY E 151 -18.23 -34.48 52.86
N PHE E 152 -18.30 -34.29 51.56
CA PHE E 152 -17.86 -35.33 50.64
C PHE E 152 -16.42 -35.12 50.21
N TYR E 153 -15.79 -36.20 49.73
CA TYR E 153 -14.42 -36.23 49.28
C TYR E 153 -14.15 -37.53 48.53
N PRO E 154 -13.51 -37.48 47.35
CA PRO E 154 -12.99 -36.30 46.66
C PRO E 154 -14.09 -35.52 45.93
N ASP E 155 -13.71 -34.49 45.16
CA ASP E 155 -14.68 -33.67 44.42
C ASP E 155 -15.11 -34.43 43.17
N HIS E 156 -15.97 -35.43 43.37
CA HIS E 156 -16.47 -36.30 42.30
C HIS E 156 -18.00 -36.35 42.40
N VAL E 157 -18.66 -35.22 42.15
CA VAL E 157 -20.10 -35.13 42.30
C VAL E 157 -20.73 -34.52 41.06
N GLU E 158 -21.96 -34.94 40.78
CA GLU E 158 -22.80 -34.34 39.75
C GLU E 158 -24.19 -34.14 40.35
N LEU E 159 -24.63 -32.89 40.45
CA LEU E 159 -25.90 -32.55 41.06
C LEU E 159 -26.96 -32.35 39.99
N SER E 160 -28.21 -32.61 40.36
CA SER E 160 -29.34 -32.44 39.45
C SER E 160 -30.61 -32.28 40.27
N TRP E 161 -31.60 -31.63 39.65
CA TRP E 161 -32.89 -31.40 40.27
C TRP E 161 -33.96 -32.23 39.56
N TRP E 162 -34.90 -32.75 40.33
CA TRP E 162 -35.96 -33.63 39.81
C TRP E 162 -37.29 -33.17 40.37
N VAL E 163 -38.25 -32.89 39.49
CA VAL E 163 -39.59 -32.49 39.88
C VAL E 163 -40.56 -33.51 39.32
N ASN E 164 -41.27 -34.21 40.20
CA ASN E 164 -42.25 -35.23 39.82
C ASN E 164 -41.62 -36.34 39.01
N GLY E 165 -40.37 -36.68 39.34
CA GLY E 165 -39.69 -37.74 38.62
C GLY E 165 -39.12 -37.34 37.28
N LYS E 166 -39.20 -36.06 36.93
CA LYS E 166 -38.65 -35.54 35.69
C LYS E 166 -37.59 -34.51 36.01
N GLU E 167 -36.39 -34.70 35.46
CA GLU E 167 -35.28 -33.79 35.73
C GLU E 167 -35.50 -32.46 35.02
N VAL E 168 -35.29 -31.36 35.74
CA VAL E 168 -35.54 -30.02 35.21
C VAL E 168 -34.22 -29.26 35.13
N HIS E 169 -34.21 -28.25 34.27
CA HIS E 169 -33.04 -27.40 34.05
C HIS E 169 -33.34 -25.92 34.18
N SER E 170 -34.51 -25.48 33.71
CA SER E 170 -34.87 -24.08 33.86
C SER E 170 -35.08 -23.75 35.33
N GLY E 171 -34.66 -22.55 35.73
CA GLY E 171 -34.79 -22.16 37.11
C GLY E 171 -33.77 -22.78 38.04
N VAL E 172 -32.67 -23.29 37.50
CA VAL E 172 -31.67 -24.02 38.27
C VAL E 172 -30.32 -23.39 38.07
N CYS E 173 -29.58 -23.23 39.17
CA CYS E 173 -28.18 -22.77 39.16
CA CYS E 173 -28.18 -22.85 39.10
C CYS E 173 -27.42 -23.61 40.18
N THR E 174 -26.25 -24.13 39.81
CA THR E 174 -25.44 -24.93 40.71
C THR E 174 -24.02 -24.40 40.68
N ASP E 175 -23.41 -24.30 41.86
CA ASP E 175 -22.07 -23.75 41.98
C ASP E 175 -21.12 -24.45 41.02
N PRO E 176 -20.30 -23.71 40.26
CA PRO E 176 -19.37 -24.39 39.33
C PRO E 176 -18.35 -25.23 40.04
N GLN E 177 -17.73 -24.69 41.10
CA GLN E 177 -16.74 -25.42 41.88
C GLN E 177 -17.15 -25.47 43.34
N PRO E 178 -17.01 -26.63 43.99
CA PRO E 178 -17.34 -26.71 45.41
C PRO E 178 -16.34 -25.95 46.27
N LEU E 179 -16.76 -25.62 47.48
CA LEU E 179 -15.90 -24.94 48.43
C LEU E 179 -15.36 -25.92 49.47
N LYS E 180 -14.26 -25.53 50.09
CA LYS E 180 -13.56 -26.37 51.05
C LYS E 180 -14.09 -26.11 52.46
N GLU E 181 -14.48 -27.18 53.16
CA GLU E 181 -14.96 -27.02 54.53
C GLU E 181 -13.80 -26.74 55.48
N GLN E 182 -12.63 -27.33 55.23
CA GLN E 182 -11.43 -27.09 56.01
C GLN E 182 -10.37 -26.49 55.08
N PRO E 183 -10.51 -25.22 54.71
CA PRO E 183 -9.69 -24.66 53.61
C PRO E 183 -8.20 -24.67 53.89
N ALA E 184 -7.77 -24.87 55.13
CA ALA E 184 -6.35 -24.95 55.42
C ALA E 184 -5.79 -26.35 55.20
N LEU E 185 -6.62 -27.38 55.23
CA LEU E 185 -6.15 -28.75 55.13
C LEU E 185 -5.87 -29.14 53.69
N ASN E 186 -4.89 -30.03 53.52
CA ASN E 186 -4.55 -30.52 52.19
C ASN E 186 -5.66 -31.38 51.62
N ASP E 187 -6.26 -32.24 52.45
CA ASP E 187 -7.30 -33.18 52.04
C ASP E 187 -8.68 -32.75 52.53
N SER E 188 -8.97 -31.45 52.46
CA SER E 188 -10.23 -30.93 52.96
C SER E 188 -11.42 -31.56 52.25
N ARG E 189 -12.54 -31.63 52.95
CA ARG E 189 -13.78 -32.11 52.35
C ARG E 189 -14.54 -30.95 51.73
N TYR E 190 -15.53 -31.28 50.92
CA TYR E 190 -16.15 -30.32 50.02
C TYR E 190 -17.62 -30.12 50.34
N ALA E 191 -18.13 -28.96 49.94
CA ALA E 191 -19.53 -28.60 50.07
C ALA E 191 -20.00 -27.96 48.77
N LEU E 192 -21.20 -28.32 48.34
CA LEU E 192 -21.75 -27.83 47.08
C LEU E 192 -23.21 -27.47 47.26
N SER E 193 -23.60 -26.30 46.77
CA SER E 193 -24.97 -25.81 46.91
C SER E 193 -25.58 -25.58 45.54
N SER E 194 -26.90 -25.64 45.50
CA SER E 194 -27.66 -25.41 44.27
C SER E 194 -29.02 -24.86 44.63
N ARG E 195 -29.58 -24.07 43.71
CA ARG E 195 -30.87 -23.44 43.92
C ARG E 195 -31.80 -23.74 42.76
N LEU E 196 -33.04 -24.10 43.09
CA LEU E 196 -34.11 -24.27 42.12
C LEU E 196 -35.23 -23.32 42.49
N ARG E 197 -35.58 -22.42 41.57
CA ARG E 197 -36.57 -21.38 41.83
C ARG E 197 -37.76 -21.59 40.91
N VAL E 198 -38.95 -21.69 41.51
CA VAL E 198 -40.20 -21.84 40.77
C VAL E 198 -41.14 -20.74 41.22
N SER E 199 -42.25 -20.61 40.49
CA SER E 199 -43.28 -19.66 40.87
C SER E 199 -43.92 -20.09 42.19
N ALA E 200 -44.41 -19.11 42.94
CA ALA E 200 -45.04 -19.40 44.22
C ALA E 200 -46.25 -20.31 44.07
N THR E 201 -46.97 -20.18 42.95
CA THR E 201 -48.11 -21.06 42.70
C THR E 201 -47.68 -22.50 42.56
N PHE E 202 -46.56 -22.73 41.86
CA PHE E 202 -46.08 -24.10 41.66
C PHE E 202 -45.67 -24.73 42.98
N TRP E 203 -45.04 -23.95 43.86
CA TRP E 203 -44.57 -24.50 45.14
C TRP E 203 -45.72 -24.83 46.07
N GLN E 204 -46.80 -24.04 46.04
CA GLN E 204 -47.91 -24.24 46.96
C GLN E 204 -48.81 -25.39 46.57
N ASN E 205 -48.54 -26.06 45.45
CA ASN E 205 -49.32 -27.23 45.05
C ASN E 205 -48.65 -28.48 45.62
N PRO E 206 -49.27 -29.16 46.59
CA PRO E 206 -48.64 -30.36 47.17
C PRO E 206 -48.59 -31.55 46.22
N ARG E 207 -49.24 -31.48 45.06
CA ARG E 207 -49.12 -32.53 44.05
C ARG E 207 -47.81 -32.44 43.29
N ASN E 208 -46.85 -31.65 43.76
CA ASN E 208 -45.55 -31.49 43.13
C ASN E 208 -44.46 -31.96 44.10
N HIS E 209 -43.63 -32.87 43.63
CA HIS E 209 -42.54 -33.44 44.42
C HIS E 209 -41.22 -32.86 43.92
N PHE E 210 -40.41 -32.35 44.84
CA PHE E 210 -39.10 -31.78 44.52
C PHE E 210 -38.02 -32.65 45.15
N ARG E 211 -37.05 -33.07 44.36
CA ARG E 211 -35.99 -33.94 44.83
C ARG E 211 -34.65 -33.48 44.28
N CYS E 212 -33.66 -33.38 45.15
CA CYS E 212 -32.29 -33.03 44.77
C CYS E 212 -31.43 -34.29 44.79
N GLN E 213 -30.84 -34.61 43.65
CA GLN E 213 -30.08 -35.85 43.47
C GLN E 213 -28.62 -35.52 43.24
N VAL E 214 -27.73 -36.19 43.99
CA VAL E 214 -26.29 -36.00 43.88
C VAL E 214 -25.66 -37.35 43.58
N GLN E 215 -25.11 -37.48 42.38
CA GLN E 215 -24.35 -38.67 42.00
C GLN E 215 -22.92 -38.53 42.52
N PHE E 216 -22.50 -39.44 43.38
CA PHE E 216 -21.16 -39.45 43.95
C PHE E 216 -20.37 -40.60 43.37
N TYR E 217 -19.12 -40.32 42.99
CA TYR E 217 -18.22 -41.32 42.42
C TYR E 217 -17.11 -41.57 43.42
N GLY E 218 -17.11 -42.76 44.01
CA GLY E 218 -16.11 -43.10 45.01
C GLY E 218 -15.36 -44.39 44.70
N LEU E 219 -15.38 -45.33 45.63
CA LEU E 219 -14.65 -46.57 45.47
C LEU E 219 -15.41 -47.55 44.59
N SER E 220 -14.66 -48.35 43.84
CA SER E 220 -15.25 -49.43 43.06
C SER E 220 -15.41 -50.64 43.98
N GLU E 221 -15.81 -51.78 43.42
CA GLU E 221 -16.04 -52.96 44.24
C GLU E 221 -14.77 -53.77 44.48
N ASN E 222 -13.77 -53.65 43.61
CA ASN E 222 -12.51 -54.35 43.82
C ASN E 222 -11.75 -53.82 45.03
N ASP E 223 -12.05 -52.62 45.47
CA ASP E 223 -11.36 -52.03 46.61
C ASP E 223 -11.82 -52.69 47.90
N GLU E 224 -10.86 -53.10 48.73
CA GLU E 224 -11.15 -53.75 50.00
C GLU E 224 -11.34 -52.70 51.09
N TRP E 225 -12.47 -52.78 51.79
CA TRP E 225 -12.82 -51.82 52.84
C TRP E 225 -12.87 -52.56 54.17
N THR E 226 -12.09 -52.08 55.15
CA THR E 226 -12.01 -52.72 56.45
C THR E 226 -12.58 -51.89 57.58
N GLN E 227 -12.83 -50.61 57.37
CA GLN E 227 -13.37 -49.76 58.43
C GLN E 227 -14.80 -50.17 58.76
N ASP E 228 -15.24 -49.80 59.97
CA ASP E 228 -16.56 -50.19 60.42
C ASP E 228 -17.67 -49.41 59.71
N ARG E 229 -17.41 -48.16 59.35
CA ARG E 229 -18.41 -47.39 58.63
C ARG E 229 -18.59 -47.94 57.22
N ALA E 230 -19.71 -47.58 56.60
CA ALA E 230 -20.06 -48.12 55.29
C ALA E 230 -19.02 -47.72 54.24
N LYS E 231 -18.78 -48.64 53.32
CA LYS E 231 -17.78 -48.45 52.27
C LYS E 231 -18.23 -47.34 51.33
N PRO E 232 -17.43 -46.27 51.16
CA PRO E 232 -17.88 -45.12 50.34
C PRO E 232 -17.88 -45.42 48.84
N VAL E 233 -18.78 -46.30 48.41
CA VAL E 233 -18.86 -46.68 47.00
C VAL E 233 -19.54 -45.59 46.20
N THR E 234 -19.31 -45.59 44.89
CA THR E 234 -20.11 -44.79 43.96
C THR E 234 -21.59 -45.02 44.22
N GLN E 235 -22.34 -43.93 44.39
CA GLN E 235 -23.72 -44.04 44.85
C GLN E 235 -24.44 -42.73 44.53
N ILE E 236 -25.72 -42.69 44.90
CA ILE E 236 -26.57 -41.52 44.77
C ILE E 236 -27.14 -41.18 46.14
N VAL E 237 -27.10 -39.91 46.51
CA VAL E 237 -27.71 -39.42 47.74
C VAL E 237 -28.72 -38.34 47.36
N SER E 238 -29.94 -38.47 47.87
CA SER E 238 -31.02 -37.57 47.51
C SER E 238 -31.68 -37.01 48.76
N ALA E 239 -32.30 -35.84 48.59
CA ALA E 239 -33.17 -35.23 49.58
C ALA E 239 -34.37 -34.65 48.83
N GLU E 240 -35.48 -34.48 49.55
CA GLU E 240 -36.73 -34.15 48.88
C GLU E 240 -37.60 -33.27 49.75
N ALA E 241 -38.58 -32.64 49.12
CA ALA E 241 -39.57 -31.82 49.79
C ALA E 241 -40.83 -31.79 48.94
N TRP E 242 -41.98 -31.70 49.60
CA TRP E 242 -43.27 -31.65 48.93
C TRP E 242 -43.81 -30.23 48.90
N GLY E 243 -44.76 -30.00 48.00
CA GLY E 243 -45.42 -28.70 47.96
C GLY E 243 -46.20 -28.45 49.24
N ARG E 244 -46.14 -27.21 49.71
CA ARG E 244 -46.75 -26.81 50.97
C ARG E 244 -47.56 -25.54 50.78
N ALA E 245 -48.67 -25.45 51.49
CA ALA E 245 -49.53 -24.28 51.43
C ALA E 245 -49.71 -23.62 52.79
N MET F 1 2.06 -45.75 -18.50
CA MET F 1 3.27 -45.74 -17.71
C MET F 1 4.50 -45.50 -18.58
N ILE F 2 5.17 -44.37 -18.38
CA ILE F 2 6.36 -44.01 -19.15
C ILE F 2 7.59 -44.25 -18.29
N GLN F 3 8.48 -45.11 -18.77
CA GLN F 3 9.75 -45.38 -18.11
C GLN F 3 10.87 -44.72 -18.89
N ARG F 4 11.86 -44.21 -18.18
CA ARG F 4 12.97 -43.47 -18.78
C ARG F 4 14.28 -44.18 -18.50
N THR F 5 15.05 -44.44 -19.54
CA THR F 5 16.30 -45.16 -19.42
C THR F 5 17.41 -44.22 -18.96
N PRO F 6 18.38 -44.72 -18.19
CA PRO F 6 19.36 -43.83 -17.59
C PRO F 6 20.36 -43.29 -18.59
N LYS F 7 20.70 -42.02 -18.43
CA LYS F 7 21.84 -41.44 -19.13
C LYS F 7 23.10 -41.74 -18.33
N ILE F 8 24.13 -42.23 -19.01
CA ILE F 8 25.36 -42.67 -18.37
C ILE F 8 26.52 -41.87 -18.92
N GLN F 9 27.18 -41.10 -18.06
CA GLN F 9 28.29 -40.25 -18.45
C GLN F 9 29.51 -40.60 -17.61
N VAL F 10 30.61 -40.92 -18.27
CA VAL F 10 31.83 -41.35 -17.61
C VAL F 10 32.92 -40.32 -17.91
N TYR F 11 33.56 -39.81 -16.85
CA TYR F 11 34.49 -38.70 -16.98
C TYR F 11 35.39 -38.68 -15.77
N SER F 12 36.57 -38.09 -15.94
CA SER F 12 37.54 -37.96 -14.88
C SER F 12 37.33 -36.66 -14.10
N ARG F 13 37.68 -36.69 -12.81
CA ARG F 13 37.53 -35.52 -11.96
C ARG F 13 38.38 -34.36 -12.47
N HIS F 14 39.61 -34.65 -12.87
CA HIS F 14 40.53 -33.67 -13.44
C HIS F 14 40.85 -34.06 -14.88
N PRO F 15 41.35 -33.12 -15.68
CA PRO F 15 41.86 -33.49 -17.01
C PRO F 15 42.85 -34.63 -16.93
N ALA F 16 42.54 -35.74 -17.60
CA ALA F 16 43.25 -36.98 -17.38
C ALA F 16 44.61 -36.99 -18.08
N GLU F 17 45.60 -37.57 -17.42
CA GLU F 17 46.92 -37.78 -17.96
C GLU F 17 47.40 -39.16 -17.56
N ASN F 18 47.94 -39.92 -18.53
CA ASN F 18 48.39 -41.27 -18.25
C ASN F 18 49.47 -41.25 -17.18
N GLY F 19 49.34 -42.13 -16.19
CA GLY F 19 50.32 -42.25 -15.14
C GLY F 19 50.16 -41.29 -13.97
N LYS F 20 49.15 -40.42 -14.00
CA LYS F 20 48.92 -39.45 -12.95
C LYS F 20 47.62 -39.77 -12.22
N SER F 21 47.68 -39.79 -10.89
CA SER F 21 46.54 -40.18 -10.08
C SER F 21 45.36 -39.26 -10.32
N ASN F 22 44.17 -39.84 -10.42
CA ASN F 22 42.96 -39.09 -10.75
C ASN F 22 41.77 -39.79 -10.11
N PHE F 23 40.57 -39.39 -10.51
CA PHE F 23 39.34 -40.02 -10.05
C PHE F 23 38.43 -40.21 -11.25
N LEU F 24 37.86 -41.41 -11.40
CA LEU F 24 36.94 -41.71 -12.48
C LEU F 24 35.50 -41.65 -11.96
N ASN F 25 34.66 -40.91 -12.66
CA ASN F 25 33.27 -40.70 -12.27
C ASN F 25 32.33 -41.40 -13.24
N CYS F 26 31.23 -41.93 -12.71
CA CYS F 26 30.12 -42.42 -13.52
C CYS F 26 28.85 -41.76 -13.00
N TYR F 27 28.31 -40.83 -13.78
CA TYR F 27 27.11 -40.08 -13.42
C TYR F 27 25.93 -40.70 -14.15
N VAL F 28 25.02 -41.31 -13.39
CA VAL F 28 23.84 -41.97 -13.92
C VAL F 28 22.63 -41.13 -13.55
N SER F 29 21.89 -40.66 -14.56
CA SER F 29 20.84 -39.68 -14.30
C SER F 29 19.67 -39.91 -15.25
N GLY F 30 18.55 -39.28 -14.91
CA GLY F 30 17.40 -39.20 -15.79
C GLY F 30 16.60 -40.48 -15.93
N PHE F 31 16.76 -41.42 -15.01
CA PHE F 31 16.05 -42.68 -15.10
C PHE F 31 14.83 -42.69 -14.18
N HIS F 32 13.89 -43.58 -14.52
CA HIS F 32 12.67 -43.81 -13.76
C HIS F 32 12.07 -45.14 -14.22
N PRO F 33 11.73 -46.05 -13.30
CA PRO F 33 11.74 -45.95 -11.83
C PRO F 33 13.13 -46.02 -11.19
N SER F 34 13.19 -46.16 -9.86
CA SER F 34 14.38 -45.86 -9.09
C SER F 34 15.36 -47.03 -8.96
N ASP F 35 14.88 -48.27 -9.06
CA ASP F 35 15.77 -49.42 -8.90
C ASP F 35 16.80 -49.45 -10.03
N ILE F 36 18.08 -49.49 -9.66
CA ILE F 36 19.16 -49.44 -10.63
C ILE F 36 20.39 -50.08 -10.01
N GLU F 37 21.27 -50.61 -10.86
CA GLU F 37 22.49 -51.28 -10.43
C GLU F 37 23.66 -50.71 -11.19
N VAL F 38 24.67 -50.21 -10.48
CA VAL F 38 25.83 -49.58 -11.08
C VAL F 38 27.08 -50.24 -10.54
N ASP F 39 28.04 -50.51 -11.43
CA ASP F 39 29.34 -51.05 -11.06
C ASP F 39 30.38 -50.45 -11.99
N LEU F 40 31.60 -50.29 -11.46
CA LEU F 40 32.73 -49.79 -12.23
C LEU F 40 33.63 -50.95 -12.62
N LEU F 41 34.11 -50.93 -13.85
CA LEU F 41 34.89 -52.03 -14.42
C LEU F 41 36.28 -51.54 -14.81
N LYS F 42 37.28 -52.38 -14.53
CA LYS F 42 38.65 -52.17 -15.00
C LYS F 42 39.04 -53.42 -15.80
N ASN F 43 39.22 -53.25 -17.11
CA ASN F 43 39.54 -54.36 -18.02
C ASN F 43 38.49 -55.46 -17.96
N GLY F 44 37.24 -55.09 -17.70
CA GLY F 44 36.14 -56.01 -17.62
C GLY F 44 35.81 -56.49 -16.21
N GLU F 45 36.77 -56.44 -15.30
CA GLU F 45 36.57 -56.90 -13.94
C GLU F 45 36.04 -55.78 -13.07
N ARG F 46 35.13 -56.12 -12.16
CA ARG F 46 34.50 -55.14 -11.29
C ARG F 46 35.52 -54.59 -10.28
N ILE F 47 35.35 -53.32 -9.93
CA ILE F 47 36.20 -52.64 -8.95
C ILE F 47 35.47 -52.64 -7.61
N GLU F 48 36.18 -52.97 -6.55
CA GLU F 48 35.57 -53.16 -5.24
C GLU F 48 35.58 -51.90 -4.39
N LYS F 49 36.65 -51.10 -4.47
CA LYS F 49 36.73 -49.84 -3.73
C LYS F 49 36.07 -48.74 -4.54
N VAL F 50 34.74 -48.67 -4.43
CA VAL F 50 33.93 -47.75 -5.21
C VAL F 50 32.97 -47.03 -4.26
N GLU F 51 33.07 -45.70 -4.22
CA GLU F 51 32.15 -44.88 -3.46
C GLU F 51 30.96 -44.48 -4.33
N HIS F 52 29.85 -44.14 -3.66
CA HIS F 52 28.66 -43.74 -4.40
C HIS F 52 27.77 -42.88 -3.51
N SER F 53 27.11 -41.91 -4.13
CA SER F 53 26.14 -41.10 -3.42
C SER F 53 24.86 -41.88 -3.19
N ASP F 54 23.97 -41.29 -2.40
CA ASP F 54 22.63 -41.85 -2.25
C ASP F 54 21.79 -41.52 -3.47
N LEU F 55 20.66 -42.22 -3.60
CA LEU F 55 19.73 -41.90 -4.67
C LEU F 55 19.23 -40.47 -4.52
N SER F 56 19.27 -39.72 -5.62
CA SER F 56 18.94 -38.31 -5.61
C SER F 56 17.75 -38.01 -6.52
N PHE F 57 17.13 -36.87 -6.29
CA PHE F 57 15.87 -36.52 -6.94
C PHE F 57 16.05 -35.27 -7.79
N SER F 58 15.47 -35.30 -8.99
CA SER F 58 15.43 -34.16 -9.89
C SER F 58 14.03 -33.56 -9.91
N LYS F 59 13.96 -32.30 -10.33
CA LYS F 59 12.68 -31.60 -10.41
C LYS F 59 11.73 -32.23 -11.43
N ASP F 60 12.26 -32.95 -12.43
CA ASP F 60 11.44 -33.59 -13.44
C ASP F 60 10.97 -34.98 -13.04
N TRP F 61 11.17 -35.36 -11.78
CA TRP F 61 10.73 -36.60 -11.13
C TRP F 61 11.64 -37.80 -11.44
N SER F 62 12.71 -37.62 -12.20
CA SER F 62 13.67 -38.70 -12.40
C SER F 62 14.70 -38.68 -11.28
N PHE F 63 15.65 -39.61 -11.34
CA PHE F 63 16.63 -39.79 -10.27
C PHE F 63 18.04 -39.77 -10.85
N TYR F 64 19.02 -39.51 -9.98
CA TYR F 64 20.41 -39.51 -10.43
C TYR F 64 21.31 -40.04 -9.31
N LEU F 65 22.48 -40.52 -9.74
CA LEU F 65 23.46 -41.16 -8.86
C LEU F 65 24.87 -40.84 -9.36
N LEU F 66 25.82 -40.85 -8.43
CA LEU F 66 27.22 -40.63 -8.77
C LEU F 66 28.06 -41.76 -8.17
N TYR F 67 28.76 -42.48 -9.01
CA TYR F 67 29.72 -43.49 -8.60
C TYR F 67 31.11 -43.06 -9.02
N TYR F 68 32.08 -43.21 -8.12
CA TYR F 68 33.45 -42.83 -8.43
C TYR F 68 34.43 -43.72 -7.69
N THR F 69 35.66 -43.73 -8.22
CA THR F 69 36.75 -44.47 -7.61
C THR F 69 38.06 -43.78 -7.97
N GLU F 70 39.09 -44.06 -7.17
CA GLU F 70 40.42 -43.53 -7.44
C GLU F 70 41.14 -44.46 -8.42
N PHE F 71 41.78 -43.86 -9.42
CA PHE F 71 42.48 -44.65 -10.42
C PHE F 71 43.63 -43.83 -10.99
N THR F 72 44.59 -44.53 -11.58
CA THR F 72 45.67 -43.91 -12.34
C THR F 72 45.55 -44.38 -13.78
N PRO F 73 45.12 -43.52 -14.70
CA PRO F 73 44.89 -43.97 -16.08
C PRO F 73 46.19 -44.39 -16.76
N THR F 74 46.10 -45.47 -17.53
CA THR F 74 47.21 -45.96 -18.33
C THR F 74 46.70 -46.22 -19.74
N GLU F 75 47.64 -46.31 -20.69
CA GLU F 75 47.27 -46.63 -22.07
C GLU F 75 46.67 -48.02 -22.16
N LYS F 76 47.15 -48.96 -21.35
CA LYS F 76 46.70 -50.34 -21.45
C LYS F 76 45.33 -50.54 -20.80
N ASP F 77 45.11 -49.96 -19.62
CA ASP F 77 43.90 -50.23 -18.86
C ASP F 77 42.68 -49.59 -19.53
N GLU F 78 41.60 -50.37 -19.62
CA GLU F 78 40.32 -49.89 -20.12
C GLU F 78 39.34 -49.80 -18.96
N TYR F 79 38.70 -48.65 -18.81
CA TYR F 79 37.72 -48.42 -17.77
C TYR F 79 36.34 -48.25 -18.37
N ALA F 80 35.32 -48.59 -17.60
CA ALA F 80 33.94 -48.52 -18.08
C ALA F 80 32.99 -48.49 -16.89
N CYS F 81 31.71 -48.26 -17.19
CA CYS F 81 30.65 -48.23 -16.20
C CYS F 81 29.53 -49.14 -16.67
N ARG F 82 29.13 -50.09 -15.83
CA ARG F 82 28.10 -51.06 -16.18
C ARG F 82 26.84 -50.75 -15.37
N VAL F 83 25.73 -50.55 -16.07
CA VAL F 83 24.48 -50.12 -15.46
C VAL F 83 23.37 -51.05 -15.93
N ASN F 84 22.53 -51.49 -14.98
CA ASN F 84 21.36 -52.28 -15.30
C ASN F 84 20.11 -51.58 -14.79
N HIS F 85 19.05 -51.63 -15.59
CA HIS F 85 17.81 -50.92 -15.29
C HIS F 85 16.67 -51.68 -15.97
N VAL F 86 15.46 -51.47 -15.46
CA VAL F 86 14.30 -52.19 -15.98
C VAL F 86 14.09 -51.91 -17.46
N THR F 87 14.51 -50.74 -17.94
CA THR F 87 14.40 -50.39 -19.35
C THR F 87 15.45 -51.07 -20.22
N LEU F 88 16.35 -51.84 -19.63
CA LEU F 88 17.45 -52.48 -20.35
C LEU F 88 17.27 -53.99 -20.32
N SER F 89 17.39 -54.62 -21.50
CA SER F 89 17.32 -56.08 -21.57
C SER F 89 18.51 -56.73 -20.88
N GLN F 90 19.71 -56.31 -21.26
CA GLN F 90 20.95 -56.77 -20.63
C GLN F 90 21.70 -55.56 -20.08
N PRO F 91 22.64 -55.76 -19.16
CA PRO F 91 23.40 -54.62 -18.62
C PRO F 91 24.15 -53.88 -19.72
N LYS F 92 24.19 -52.55 -19.60
CA LYS F 92 24.86 -51.68 -20.56
C LYS F 92 26.25 -51.33 -20.05
N ILE F 93 27.27 -51.57 -20.87
CA ILE F 93 28.65 -51.27 -20.54
C ILE F 93 29.07 -50.04 -21.33
N VAL F 94 29.38 -48.95 -20.62
CA VAL F 94 29.72 -47.67 -21.24
C VAL F 94 31.20 -47.40 -20.97
N LYS F 95 32.01 -47.42 -22.03
CA LYS F 95 33.45 -47.25 -21.87
C LYS F 95 33.81 -45.78 -21.68
N TRP F 96 34.85 -45.55 -20.90
CA TRP F 96 35.41 -44.21 -20.74
C TRP F 96 36.09 -43.77 -22.03
N ASP F 97 35.87 -42.52 -22.43
CA ASP F 97 36.48 -42.01 -23.66
C ASP F 97 37.86 -41.43 -23.44
N ARG F 98 38.46 -41.65 -22.26
CA ARG F 98 39.83 -41.24 -21.96
C ARG F 98 39.98 -39.72 -22.07
N ASP F 99 38.97 -38.99 -21.61
CA ASP F 99 38.95 -37.53 -21.62
C ASP F 99 39.27 -36.99 -23.01
N MET F 100 38.60 -37.55 -24.01
CA MET F 100 38.77 -37.14 -25.40
C MET F 100 37.98 -35.87 -25.68
N GLN G 3 -15.01 29.72 -21.54
CA GLN G 3 -13.67 29.17 -21.68
C GLN G 3 -13.75 27.78 -22.30
N ASN G 4 -12.95 27.53 -23.34
CA ASN G 4 -13.07 26.28 -24.08
C ASN G 4 -11.78 26.01 -24.85
N ILE G 5 -11.34 24.76 -24.82
CA ILE G 5 -10.15 24.33 -25.55
CA ILE G 5 -10.14 24.32 -25.53
C ILE G 5 -10.41 22.92 -26.09
N ASP G 6 -10.03 22.71 -27.35
CA ASP G 6 -10.33 21.45 -28.01
C ASP G 6 -9.13 20.98 -28.83
N GLN G 7 -8.93 19.66 -28.84
CA GLN G 7 -7.92 18.99 -29.64
C GLN G 7 -8.44 17.60 -29.93
N PRO G 8 -8.06 17.01 -31.06
CA PRO G 8 -8.59 15.68 -31.41
C PRO G 8 -8.24 14.64 -30.36
N THR G 9 -9.11 13.64 -30.23
CA THR G 9 -8.95 12.63 -29.19
C THR G 9 -7.72 11.75 -29.46
N GLU G 10 -7.50 11.39 -30.72
CA GLU G 10 -6.48 10.41 -31.05
C GLU G 10 -6.11 10.58 -32.52
N MET G 11 -4.84 10.32 -32.83
CA MET G 11 -4.33 10.41 -34.19
C MET G 11 -3.36 9.27 -34.46
N THR G 12 -3.36 8.79 -35.70
CA THR G 12 -2.51 7.69 -36.11
C THR G 12 -1.71 8.10 -37.35
N ALA G 13 -0.40 7.92 -37.30
CA ALA G 13 0.46 8.18 -38.43
C ALA G 13 1.51 7.08 -38.52
N THR G 14 2.28 7.09 -39.59
CA THR G 14 3.26 6.06 -39.87
C THR G 14 4.66 6.54 -39.49
N GLU G 15 5.49 5.59 -39.06
CA GLU G 15 6.89 5.87 -38.73
C GLU G 15 7.57 6.57 -39.90
N GLY G 16 8.30 7.64 -39.59
CA GLY G 16 9.00 8.42 -40.59
C GLY G 16 8.18 9.52 -41.24
N ALA G 17 6.86 9.58 -40.98
CA ALA G 17 6.00 10.56 -41.62
C ALA G 17 5.97 11.84 -40.80
N ILE G 18 5.04 12.74 -41.14
CA ILE G 18 4.86 14.00 -40.45
C ILE G 18 3.43 14.06 -39.94
N VAL G 19 3.25 14.56 -38.71
CA VAL G 19 1.92 14.67 -38.10
C VAL G 19 1.76 16.06 -37.51
N GLN G 20 0.55 16.60 -37.64
CA GLN G 20 0.23 17.94 -37.16
C GLN G 20 -0.94 17.83 -36.18
N ILE G 21 -0.70 18.14 -34.92
CA ILE G 21 -1.71 18.04 -33.87
C ILE G 21 -2.30 19.43 -33.65
N ASN G 22 -3.59 19.57 -33.88
CA ASN G 22 -4.25 20.86 -33.80
C ASN G 22 -4.78 21.14 -32.40
N CYS G 23 -4.94 22.42 -32.09
CA CYS G 23 -5.52 22.88 -30.83
C CYS G 23 -6.16 24.22 -31.06
N THR G 24 -7.48 24.31 -30.82
CA THR G 24 -8.20 25.56 -30.88
C THR G 24 -8.72 25.92 -29.50
N TYR G 25 -8.79 27.22 -29.22
CA TYR G 25 -9.20 27.69 -27.91
C TYR G 25 -10.13 28.89 -28.04
N GLN G 26 -11.15 28.93 -27.19
CA GLN G 26 -12.01 30.11 -27.01
C GLN G 26 -11.81 30.57 -25.58
N THR G 27 -11.06 31.65 -25.39
CA THR G 27 -10.78 32.17 -24.06
C THR G 27 -11.07 33.67 -24.05
N SER G 28 -11.29 34.18 -22.83
CA SER G 28 -11.31 35.61 -22.59
C SER G 28 -9.89 36.02 -22.23
N GLY G 29 -9.21 36.70 -23.15
CA GLY G 29 -7.82 37.05 -22.94
C GLY G 29 -6.88 35.90 -23.26
N PHE G 30 -5.64 36.21 -23.62
CA PHE G 30 -4.67 35.20 -24.01
C PHE G 30 -3.30 35.61 -23.48
N ASN G 31 -2.64 34.69 -22.77
CA ASN G 31 -1.33 34.96 -22.20
C ASN G 31 -0.32 33.87 -22.54
N GLY G 32 -0.60 33.04 -23.55
CA GLY G 32 0.33 32.01 -23.97
C GLY G 32 -0.29 30.64 -24.08
N LEU G 33 0.27 29.83 -24.97
CA LEU G 33 -0.19 28.46 -25.21
C LEU G 33 0.98 27.51 -25.01
N PHE G 34 0.77 26.47 -24.21
CA PHE G 34 1.79 25.47 -23.91
C PHE G 34 1.44 24.14 -24.57
N TRP G 35 2.48 23.42 -25.00
CA TRP G 35 2.36 22.03 -25.38
C TRP G 35 3.15 21.18 -24.39
N TYR G 36 2.52 20.11 -23.91
CA TYR G 36 3.17 19.16 -23.03
C TYR G 36 3.10 17.76 -23.65
N GLN G 37 4.10 16.95 -23.35
CA GLN G 37 4.15 15.56 -23.79
C GLN G 37 3.99 14.66 -22.57
N GLN G 38 3.11 13.67 -22.68
CA GLN G 38 2.87 12.72 -21.59
C GLN G 38 2.87 11.31 -22.15
N HIS G 39 3.92 10.55 -21.85
CA HIS G 39 3.92 9.13 -22.17
C HIS G 39 2.99 8.38 -21.22
N ALA G 40 2.55 7.21 -21.66
CA ALA G 40 1.60 6.41 -20.91
C ALA G 40 2.18 6.04 -19.53
N GLY G 41 1.44 6.37 -18.48
CA GLY G 41 1.83 6.07 -17.13
C GLY G 41 2.79 7.05 -16.49
N GLU G 42 3.27 8.06 -17.23
CA GLU G 42 4.30 8.95 -16.74
C GLU G 42 3.76 10.38 -16.62
N ALA G 43 4.66 11.31 -16.28
CA ALA G 43 4.31 12.69 -16.02
C ALA G 43 4.41 13.53 -17.29
N PRO G 44 3.54 14.54 -17.43
CA PRO G 44 3.68 15.46 -18.55
C PRO G 44 4.95 16.29 -18.42
N THR G 45 5.61 16.50 -19.55
CA THR G 45 6.81 17.33 -19.60
C THR G 45 6.63 18.41 -20.65
N PHE G 46 7.26 19.56 -20.40
CA PHE G 46 7.08 20.74 -21.23
C PHE G 46 7.72 20.54 -22.60
N LEU G 47 7.01 20.96 -23.65
CA LEU G 47 7.48 20.87 -25.02
C LEU G 47 7.78 22.24 -25.62
N SER G 48 6.80 23.14 -25.66
CA SER G 48 6.95 24.39 -26.39
C SER G 48 6.02 25.45 -25.80
N TYR G 49 6.27 26.69 -26.20
CA TYR G 49 5.47 27.82 -25.75
C TYR G 49 5.37 28.84 -26.88
N ASN G 50 4.16 29.33 -27.14
CA ASN G 50 3.92 30.36 -28.14
C ASN G 50 3.01 31.42 -27.54
N VAL G 51 3.32 32.69 -27.81
CA VAL G 51 2.52 33.79 -27.28
C VAL G 51 2.34 34.84 -28.36
N LEU G 52 3.26 34.90 -29.31
CA LEU G 52 3.11 35.74 -30.49
C LEU G 52 2.92 34.85 -31.73
N ASP G 53 2.36 35.44 -32.77
CA ASP G 53 2.04 34.68 -33.97
C ASP G 53 3.31 34.20 -34.68
N GLY G 54 3.22 33.03 -35.29
CA GLY G 54 4.29 32.50 -36.10
C GLY G 54 4.62 31.07 -35.72
N LEU G 55 5.74 30.60 -36.23
CA LEU G 55 6.19 29.22 -36.07
C LEU G 55 7.53 29.18 -35.37
N GLU G 56 7.64 28.36 -34.32
CA GLU G 56 8.88 28.18 -33.59
C GLU G 56 9.36 26.74 -33.78
N GLU G 57 10.57 26.60 -34.34
CA GLU G 57 11.14 25.31 -34.63
C GLU G 57 12.15 24.92 -33.56
N LYS G 58 12.14 23.65 -33.17
CA LYS G 58 13.04 23.14 -32.14
C LYS G 58 13.23 21.65 -32.37
N GLY G 59 14.31 21.30 -33.07
CA GLY G 59 14.56 19.90 -33.36
C GLY G 59 13.53 19.34 -34.32
N ARG G 60 13.15 18.09 -34.10
CA ARG G 60 12.12 17.47 -34.94
C ARG G 60 10.75 18.09 -34.72
N PHE G 61 10.56 18.84 -33.65
CA PHE G 61 9.26 19.41 -33.32
C PHE G 61 9.24 20.89 -33.67
N SER G 62 8.04 21.39 -33.95
CA SER G 62 7.82 22.82 -34.16
C SER G 62 6.37 23.14 -33.82
N SER G 63 6.14 24.36 -33.35
CA SER G 63 4.83 24.78 -32.91
C SER G 63 4.46 26.11 -33.53
N PHE G 64 3.20 26.24 -33.91
CA PHE G 64 2.67 27.42 -34.59
C PHE G 64 1.54 28.03 -33.76
N LEU G 65 1.38 29.34 -33.87
CA LEU G 65 0.33 30.04 -33.16
C LEU G 65 -0.29 31.11 -34.06
N SER G 66 -1.62 31.17 -34.05
CA SER G 66 -2.39 32.25 -34.68
C SER G 66 -3.34 32.79 -33.62
N ARG G 67 -3.00 33.94 -33.05
CA ARG G 67 -3.83 34.52 -32.00
C ARG G 67 -5.20 34.94 -32.53
N SER G 68 -5.24 35.46 -33.76
CA SER G 68 -6.51 35.93 -34.32
C SER G 68 -7.49 34.77 -34.49
N LYS G 69 -7.01 33.64 -35.02
CA LYS G 69 -7.87 32.50 -35.23
C LYS G 69 -8.03 31.64 -33.99
N GLY G 70 -7.31 31.94 -32.90
CA GLY G 70 -7.34 31.10 -31.71
C GLY G 70 -6.97 29.67 -32.04
N TYR G 71 -5.80 29.47 -32.63
CA TYR G 71 -5.46 28.19 -33.23
C TYR G 71 -3.96 27.97 -33.14
N SER G 72 -3.57 26.78 -32.72
CA SER G 72 -2.18 26.38 -32.64
C SER G 72 -2.05 24.93 -33.09
N TYR G 73 -0.89 24.59 -33.65
CA TYR G 73 -0.61 23.20 -33.96
C TYR G 73 0.81 22.84 -33.55
N LEU G 74 1.00 21.57 -33.23
CA LEU G 74 2.30 20.99 -32.92
C LEU G 74 2.70 20.07 -34.06
N LEU G 75 3.80 20.39 -34.73
CA LEU G 75 4.25 19.67 -35.91
C LEU G 75 5.39 18.73 -35.53
N LEU G 76 5.17 17.43 -35.66
CA LEU G 76 6.19 16.42 -35.40
C LEU G 76 6.67 15.85 -36.73
N LYS G 77 7.96 15.99 -36.99
CA LYS G 77 8.57 15.54 -38.24
C LYS G 77 9.40 14.28 -38.01
N GLU G 78 9.50 13.46 -39.04
CA GLU G 78 10.27 12.21 -39.03
C GLU G 78 9.94 11.38 -37.79
N LEU G 79 8.68 10.93 -37.76
CA LEU G 79 8.14 10.28 -36.58
C LEU G 79 8.90 9.02 -36.23
N GLN G 80 9.06 8.78 -34.93
CA GLN G 80 9.66 7.57 -34.41
C GLN G 80 8.72 6.97 -33.37
N MET G 81 8.93 5.69 -33.07
CA MET G 81 8.07 4.99 -32.12
C MET G 81 8.06 5.68 -30.76
N LYS G 82 9.18 6.28 -30.36
CA LYS G 82 9.25 6.93 -29.06
C LYS G 82 8.40 8.19 -28.98
N ASP G 83 7.89 8.70 -30.10
CA ASP G 83 6.98 9.82 -30.08
C ASP G 83 5.54 9.40 -29.79
N SER G 84 5.30 8.11 -29.55
CA SER G 84 3.97 7.64 -29.17
C SER G 84 3.67 8.06 -27.74
N ALA G 85 2.75 9.02 -27.59
CA ALA G 85 2.38 9.54 -26.29
C ALA G 85 1.13 10.38 -26.47
N SER G 86 0.65 10.96 -25.37
CA SER G 86 -0.38 11.97 -25.41
C SER G 86 0.26 13.35 -25.42
N TYR G 87 -0.30 14.25 -26.22
CA TYR G 87 0.20 15.61 -26.33
C TYR G 87 -0.87 16.58 -25.86
N LEU G 88 -0.58 17.28 -24.77
CA LEU G 88 -1.56 18.11 -24.08
C LEU G 88 -1.39 19.58 -24.47
N CYS G 89 -2.51 20.23 -24.72
CA CYS G 89 -2.56 21.66 -25.06
C CYS G 89 -3.11 22.43 -23.88
N ALA G 90 -2.46 23.55 -23.56
CA ALA G 90 -2.86 24.37 -22.41
C ALA G 90 -2.73 25.85 -22.76
N VAL G 91 -3.76 26.63 -22.47
CA VAL G 91 -3.79 28.06 -22.74
C VAL G 91 -3.91 28.81 -21.42
N LYS G 92 -3.09 29.84 -21.26
CA LYS G 92 -3.14 30.74 -20.10
C LYS G 92 -4.10 31.89 -20.43
N ASP G 93 -5.12 32.08 -19.59
CA ASP G 93 -6.17 33.03 -19.89
C ASP G 93 -5.82 34.41 -19.35
N SER G 94 -6.83 35.29 -19.25
CA SER G 94 -6.59 36.67 -18.84
CA SER G 94 -6.58 36.67 -18.85
C SER G 94 -6.12 36.76 -17.39
N ASN G 95 -6.53 35.81 -16.56
CA ASN G 95 -6.17 35.79 -15.14
C ASN G 95 -5.02 34.82 -14.87
N TYR G 96 -4.27 34.45 -15.89
CA TYR G 96 -3.07 33.61 -15.76
C TYR G 96 -3.40 32.23 -15.23
N GLN G 97 -4.64 31.79 -15.47
CA GLN G 97 -5.08 30.45 -15.12
C GLN G 97 -4.95 29.55 -16.34
N LEU G 98 -4.39 28.36 -16.13
CA LEU G 98 -4.22 27.41 -17.22
C LEU G 98 -5.51 26.66 -17.49
N ILE G 99 -5.92 26.62 -18.75
CA ILE G 99 -7.02 25.78 -19.21
C ILE G 99 -6.42 24.68 -20.07
N TRP G 100 -6.79 23.43 -19.78
CA TRP G 100 -6.15 22.26 -20.38
C TRP G 100 -7.08 21.59 -21.36
N GLY G 101 -6.55 21.25 -22.54
CA GLY G 101 -7.27 20.38 -23.44
C GLY G 101 -7.20 18.93 -22.99
N ALA G 102 -8.13 18.12 -23.52
CA ALA G 102 -8.21 16.72 -23.14
C ALA G 102 -6.99 15.91 -23.55
N GLY G 103 -6.15 16.44 -24.43
CA GLY G 103 -4.99 15.71 -24.90
C GLY G 103 -5.27 14.92 -26.17
N THR G 104 -4.20 14.65 -26.91
CA THR G 104 -4.28 13.89 -28.15
C THR G 104 -3.32 12.72 -28.08
N LYS G 105 -3.86 11.51 -28.09
CA LYS G 105 -3.04 10.30 -28.07
C LYS G 105 -2.51 10.04 -29.48
N LEU G 106 -1.19 10.05 -29.63
CA LEU G 106 -0.55 9.82 -30.91
C LEU G 106 -0.11 8.36 -31.02
N ILE G 107 -0.57 7.69 -32.07
CA ILE G 107 -0.24 6.30 -32.34
C ILE G 107 0.63 6.25 -33.58
N ILE G 108 1.76 5.54 -33.50
CA ILE G 108 2.73 5.47 -34.57
C ILE G 108 2.78 4.04 -35.09
N LYS G 109 2.39 3.85 -36.35
CA LYS G 109 2.51 2.54 -36.97
CA LYS G 109 2.51 2.54 -36.97
C LYS G 109 3.93 2.31 -37.45
N PRO G 110 4.57 1.21 -37.06
CA PRO G 110 5.95 0.97 -37.52
C PRO G 110 5.99 0.51 -38.96
N ASP G 111 7.10 0.82 -39.62
CA ASP G 111 7.32 0.40 -41.00
C ASP G 111 7.94 -0.98 -40.98
N ILE G 112 7.12 -2.00 -41.23
CA ILE G 112 7.60 -3.38 -41.24
C ILE G 112 8.28 -3.65 -42.58
N GLN G 113 9.58 -3.93 -42.53
CA GLN G 113 10.34 -4.14 -43.76
C GLN G 113 9.97 -5.48 -44.40
N ASN G 114 10.04 -6.57 -43.64
CA ASN G 114 9.82 -7.91 -44.14
C ASN G 114 8.69 -8.56 -43.35
N PRO G 115 7.44 -8.39 -43.77
CA PRO G 115 6.33 -9.04 -43.08
C PRO G 115 6.41 -10.55 -43.20
N ASP G 116 5.95 -11.22 -42.15
CA ASP G 116 5.97 -12.67 -42.08
C ASP G 116 4.84 -13.15 -41.16
N PRO G 117 3.59 -12.85 -41.47
CA PRO G 117 2.51 -13.09 -40.50
C PRO G 117 2.34 -14.56 -40.20
N ALA G 118 2.15 -14.87 -38.91
CA ALA G 118 2.06 -16.24 -38.46
C ALA G 118 1.35 -16.28 -37.11
N VAL G 119 0.64 -17.38 -36.86
CA VAL G 119 0.01 -17.65 -35.58
C VAL G 119 0.67 -18.88 -34.98
N TYR G 120 1.24 -18.72 -33.79
CA TYR G 120 1.98 -19.80 -33.15
C TYR G 120 1.28 -20.27 -31.89
N GLN G 121 1.40 -21.56 -31.63
CA GLN G 121 0.96 -22.16 -30.37
C GLN G 121 2.14 -22.19 -29.41
N LEU G 122 2.01 -21.48 -28.29
CA LEU G 122 3.08 -21.48 -27.31
C LEU G 122 2.92 -22.67 -26.37
N ARG G 123 4.03 -23.05 -25.73
CA ARG G 123 4.01 -24.21 -24.84
C ARG G 123 3.10 -23.95 -23.65
N ASP G 124 2.36 -24.99 -23.26
CA ASP G 124 1.58 -24.92 -22.04
C ASP G 124 2.51 -24.78 -20.84
N SER G 125 2.06 -24.01 -19.84
CA SER G 125 2.75 -23.90 -18.57
C SER G 125 2.09 -24.85 -17.58
N LYS G 126 2.91 -25.67 -16.90
CA LYS G 126 2.38 -26.64 -15.96
C LYS G 126 1.69 -25.98 -14.76
N SER G 127 1.74 -24.65 -14.65
CA SER G 127 1.11 -23.93 -13.55
C SER G 127 -0.10 -23.13 -14.01
N SER G 128 -0.64 -23.43 -15.20
CA SER G 128 -1.79 -22.71 -15.73
C SER G 128 -2.61 -23.65 -16.61
N ASP G 129 -3.91 -23.40 -16.66
CA ASP G 129 -4.82 -24.16 -17.49
C ASP G 129 -5.10 -23.51 -18.84
N LYS G 130 -4.43 -22.41 -19.15
CA LYS G 130 -4.70 -21.65 -20.36
C LYS G 130 -3.84 -22.14 -21.53
N SER G 131 -4.42 -22.06 -22.72
CA SER G 131 -3.67 -22.23 -23.96
C SER G 131 -3.44 -20.85 -24.57
N VAL G 132 -2.26 -20.63 -25.12
CA VAL G 132 -1.81 -19.30 -25.52
C VAL G 132 -1.37 -19.32 -26.97
N CYS G 133 -1.94 -18.42 -27.78
CA CYS G 133 -1.61 -18.28 -29.18
C CYS G 133 -1.04 -16.88 -29.43
N LEU G 134 -0.03 -16.81 -30.30
CA LEU G 134 0.66 -15.57 -30.60
C LEU G 134 0.55 -15.27 -32.08
N PHE G 135 -0.20 -14.22 -32.41
CA PHE G 135 -0.23 -13.66 -33.75
C PHE G 135 0.89 -12.63 -33.85
N THR G 136 1.80 -12.81 -34.80
CA THR G 136 3.02 -12.00 -34.79
C THR G 136 3.53 -11.78 -36.20
N ASP G 137 4.37 -10.74 -36.32
CA ASP G 137 5.17 -10.42 -37.50
C ASP G 137 4.33 -9.91 -38.68
N PHE G 138 3.13 -9.41 -38.43
CA PHE G 138 2.27 -8.91 -39.49
C PHE G 138 2.53 -7.43 -39.74
N ASP G 139 2.09 -6.95 -40.91
CA ASP G 139 2.30 -5.57 -41.29
CA ASP G 139 2.32 -5.57 -41.27
C ASP G 139 1.38 -4.65 -40.49
N SER G 140 1.76 -3.37 -40.41
CA SER G 140 1.05 -2.43 -39.58
C SER G 140 -0.37 -2.13 -40.06
N GLN G 141 -0.71 -2.46 -41.30
CA GLN G 141 -2.07 -2.21 -41.76
C GLN G 141 -3.07 -3.18 -41.15
N THR G 142 -2.60 -4.28 -40.55
CA THR G 142 -3.49 -5.27 -39.96
C THR G 142 -4.04 -4.78 -38.63
N ASN G 143 -5.35 -4.95 -38.42
CA ASN G 143 -6.01 -4.59 -37.18
C ASN G 143 -6.47 -5.85 -36.47
N VAL G 144 -6.29 -5.89 -35.15
CA VAL G 144 -6.68 -7.03 -34.32
C VAL G 144 -7.97 -6.68 -33.60
N SER G 145 -8.99 -7.51 -33.79
CA SER G 145 -10.30 -7.30 -33.20
C SER G 145 -10.41 -8.09 -31.90
N GLN G 146 -11.12 -7.52 -30.92
CA GLN G 146 -11.38 -8.22 -29.68
C GLN G 146 -12.23 -9.45 -29.93
N SER G 147 -12.10 -10.44 -29.07
CA SER G 147 -12.80 -11.71 -29.25
C SER G 147 -14.32 -11.52 -29.15
N LYS G 148 -15.03 -12.21 -30.04
CA LYS G 148 -16.49 -12.27 -29.94
C LYS G 148 -16.96 -13.30 -28.93
N ASP G 149 -16.07 -14.17 -28.47
CA ASP G 149 -16.40 -15.20 -27.49
C ASP G 149 -16.04 -14.71 -26.10
N SER G 150 -16.87 -15.10 -25.11
CA SER G 150 -16.71 -14.59 -23.76
C SER G 150 -15.56 -15.24 -23.01
N ASP G 151 -15.23 -16.49 -23.33
CA ASP G 151 -14.16 -17.21 -22.65
C ASP G 151 -12.84 -17.16 -23.41
N VAL G 152 -12.75 -16.32 -24.44
CA VAL G 152 -11.51 -16.12 -25.19
C VAL G 152 -11.10 -14.66 -25.02
N TYR G 153 -9.81 -14.44 -24.73
CA TYR G 153 -9.28 -13.11 -24.46
C TYR G 153 -8.20 -12.79 -25.48
N ILE G 154 -8.36 -11.65 -26.17
CA ILE G 154 -7.45 -11.23 -27.22
C ILE G 154 -6.98 -9.81 -26.90
N THR G 155 -5.66 -9.60 -26.97
CA THR G 155 -5.08 -8.29 -26.72
C THR G 155 -4.84 -7.54 -28.03
N ASP G 156 -4.80 -6.22 -27.93
CA ASP G 156 -4.51 -5.39 -29.10
C ASP G 156 -3.03 -5.54 -29.48
N LYS G 157 -2.70 -5.06 -30.67
CA LYS G 157 -1.35 -5.25 -31.19
C LYS G 157 -0.34 -4.43 -30.40
N CYS G 158 0.90 -4.93 -30.37
CA CYS G 158 1.98 -4.38 -29.56
C CYS G 158 3.26 -4.42 -30.38
N VAL G 159 4.02 -3.32 -30.37
CA VAL G 159 5.23 -3.20 -31.18
C VAL G 159 6.43 -3.37 -30.26
N LEU G 160 7.20 -4.43 -30.43
CA LEU G 160 8.44 -4.62 -29.70
C LEU G 160 9.63 -4.37 -30.62
N ASP G 161 10.71 -3.88 -30.02
CA ASP G 161 11.92 -3.54 -30.75
C ASP G 161 13.10 -4.28 -30.14
N MET G 162 13.74 -5.13 -30.94
CA MET G 162 14.95 -5.83 -30.53
C MET G 162 16.13 -4.97 -30.94
N ARG G 163 16.69 -4.22 -29.97
CA ARG G 163 17.73 -3.26 -30.27
C ARG G 163 18.99 -3.90 -30.83
N SER G 164 19.30 -5.13 -30.39
CA SER G 164 20.52 -5.79 -30.84
C SER G 164 20.46 -6.08 -32.34
N MET G 165 19.28 -6.42 -32.86
CA MET G 165 19.12 -6.78 -34.25
C MET G 165 18.50 -5.66 -35.09
N ASP G 166 18.18 -4.53 -34.47
CA ASP G 166 17.50 -3.42 -35.14
C ASP G 166 16.27 -3.93 -35.90
N PHE G 167 15.35 -4.52 -35.14
CA PHE G 167 14.26 -5.29 -35.69
C PHE G 167 12.98 -4.95 -34.91
N LYS G 168 11.89 -4.76 -35.64
CA LYS G 168 10.60 -4.40 -35.06
C LYS G 168 9.52 -5.34 -35.58
N SER G 169 8.58 -5.69 -34.70
CA SER G 169 7.51 -6.60 -35.07
C SER G 169 6.26 -6.30 -34.26
N ASN G 170 5.10 -6.48 -34.90
CA ASN G 170 3.82 -6.40 -34.23
C ASN G 170 3.44 -7.77 -33.69
N SER G 171 2.58 -7.77 -32.66
CA SER G 171 2.10 -9.03 -32.11
C SER G 171 0.84 -8.79 -31.30
N ALA G 172 -0.01 -9.81 -31.27
CA ALA G 172 -1.19 -9.86 -30.41
C ALA G 172 -1.29 -11.25 -29.83
N VAL G 173 -1.88 -11.35 -28.63
CA VAL G 173 -1.97 -12.60 -27.90
C VAL G 173 -3.43 -12.95 -27.66
N ALA G 174 -3.77 -14.22 -27.83
CA ALA G 174 -5.08 -14.75 -27.52
C ALA G 174 -4.93 -15.99 -26.66
N TRP G 175 -5.77 -16.10 -25.63
CA TRP G 175 -5.68 -17.24 -24.73
C TRP G 175 -7.07 -17.60 -24.21
N SER G 176 -7.18 -18.83 -23.72
CA SER G 176 -8.44 -19.37 -23.20
C SER G 176 -8.14 -20.72 -22.55
N ASN G 177 -9.02 -21.12 -21.62
CA ASN G 177 -8.96 -22.44 -21.02
C ASN G 177 -10.01 -23.38 -21.58
N LYS G 178 -10.72 -22.98 -22.63
CA LYS G 178 -11.75 -23.83 -23.21
C LYS G 178 -11.12 -25.04 -23.90
N SER G 179 -11.82 -26.17 -23.81
CA SER G 179 -11.29 -27.41 -24.37
C SER G 179 -11.21 -27.33 -25.89
N ASP G 180 -12.15 -26.66 -26.54
CA ASP G 180 -12.18 -26.56 -27.99
C ASP G 180 -11.33 -25.42 -28.53
N PHE G 181 -10.56 -24.75 -27.68
CA PHE G 181 -9.75 -23.62 -28.12
C PHE G 181 -8.55 -24.11 -28.93
N ALA G 182 -8.30 -23.45 -30.06
CA ALA G 182 -7.19 -23.79 -30.93
C ALA G 182 -6.68 -22.53 -31.60
N CYS G 183 -5.38 -22.51 -31.89
CA CYS G 183 -4.77 -21.33 -32.50
C CYS G 183 -5.24 -21.13 -33.93
N ALA G 184 -5.65 -22.19 -34.61
CA ALA G 184 -6.14 -22.06 -35.98
C ALA G 184 -7.40 -21.20 -36.05
N ASN G 185 -8.12 -21.06 -34.94
CA ASN G 185 -9.39 -20.34 -34.93
C ASN G 185 -9.42 -19.22 -33.88
N ALA G 186 -8.29 -18.90 -33.27
CA ALA G 186 -8.28 -17.91 -32.19
C ALA G 186 -8.54 -16.51 -32.72
N PHE G 187 -7.95 -16.17 -33.86
CA PHE G 187 -8.11 -14.83 -34.46
C PHE G 187 -9.07 -14.86 -35.63
N ASN G 188 -10.15 -15.63 -35.52
CA ASN G 188 -11.11 -15.74 -36.62
C ASN G 188 -11.97 -14.49 -36.78
N ASN G 189 -12.22 -13.76 -35.70
CA ASN G 189 -13.03 -12.55 -35.79
C ASN G 189 -12.23 -11.35 -36.31
N SER G 190 -10.95 -11.54 -36.61
CA SER G 190 -10.11 -10.50 -37.18
C SER G 190 -9.82 -10.81 -38.65
N ILE G 191 -9.48 -9.77 -39.39
CA ILE G 191 -9.13 -9.88 -40.80
C ILE G 191 -7.61 -9.92 -40.88
N ILE G 192 -7.06 -11.12 -41.01
CA ILE G 192 -5.62 -11.34 -40.97
C ILE G 192 -5.13 -11.52 -42.41
N PRO G 193 -3.82 -11.36 -42.67
CA PRO G 193 -3.33 -11.51 -44.05
C PRO G 193 -3.64 -12.88 -44.63
N GLU G 194 -3.63 -12.93 -45.97
CA GLU G 194 -3.94 -14.18 -46.67
C GLU G 194 -2.87 -15.24 -46.45
N ASP G 195 -1.60 -14.85 -46.49
CA ASP G 195 -0.50 -15.79 -46.37
C ASP G 195 -0.05 -16.01 -44.94
N THR G 196 -0.96 -15.89 -43.97
CA THR G 196 -0.58 -16.09 -42.57
C THR G 196 -0.18 -17.54 -42.35
N PHE G 197 1.03 -17.73 -41.82
CA PHE G 197 1.56 -19.07 -41.58
C PHE G 197 0.86 -19.70 -40.39
N PHE G 198 0.25 -20.87 -40.61
CA PHE G 198 -0.37 -21.67 -39.56
C PHE G 198 0.36 -23.01 -39.48
N PRO G 199 1.38 -23.13 -38.63
CA PRO G 199 2.12 -24.40 -38.53
C PRO G 199 1.22 -25.52 -38.02
N SER G 200 1.48 -26.72 -38.53
CA SER G 200 0.62 -27.86 -38.22
C SER G 200 0.74 -28.22 -36.74
N PRO G 201 -0.34 -28.73 -36.13
CA PRO G 201 -0.27 -29.17 -34.73
C PRO G 201 0.32 -30.56 -34.62
N GLU G 202 0.27 -31.13 -33.41
CA GLU G 202 0.78 -32.47 -33.18
C GLU G 202 -0.37 -33.44 -32.92
N ASN H 2 17.92 18.44 -7.53
CA ASN H 2 18.34 17.51 -8.58
C ASN H 2 17.37 16.34 -8.71
N ALA H 3 16.47 16.22 -7.73
CA ALA H 3 15.48 15.15 -7.74
C ALA H 3 14.19 15.54 -8.47
N GLY H 4 13.95 16.84 -8.66
CA GLY H 4 12.77 17.28 -9.39
C GLY H 4 11.56 17.40 -8.47
N VAL H 5 10.45 16.81 -8.90
CA VAL H 5 9.21 16.80 -8.12
C VAL H 5 8.95 15.36 -7.69
N THR H 6 8.87 15.14 -6.38
CA THR H 6 8.68 13.82 -5.80
C THR H 6 7.35 13.78 -5.08
N GLN H 7 6.48 12.86 -5.47
CA GLN H 7 5.20 12.67 -4.79
C GLN H 7 4.99 11.20 -4.46
N THR H 8 4.39 10.95 -3.31
CA THR H 8 4.10 9.61 -2.81
C THR H 8 2.69 9.60 -2.24
N PRO H 9 2.01 8.45 -2.27
CA PRO H 9 2.42 7.14 -2.81
C PRO H 9 2.14 7.02 -4.31
N LYS H 10 2.73 6.02 -4.97
CA LYS H 10 2.51 5.83 -6.39
C LYS H 10 1.18 5.13 -6.66
N PHE H 11 0.71 4.29 -5.73
CA PHE H 11 -0.56 3.61 -5.84
C PHE H 11 -1.22 3.58 -4.47
N GLN H 12 -2.56 3.57 -4.46
CA GLN H 12 -3.28 3.47 -3.20
C GLN H 12 -4.71 3.00 -3.46
N VAL H 13 -5.15 2.01 -2.68
CA VAL H 13 -6.54 1.60 -2.65
C VAL H 13 -7.16 2.16 -1.38
N LEU H 14 -8.42 2.59 -1.48
CA LEU H 14 -9.09 3.22 -0.36
C LEU H 14 -10.53 2.74 -0.28
N LYS H 15 -11.03 2.59 0.94
CA LYS H 15 -12.44 2.31 1.18
C LYS H 15 -13.18 3.63 1.36
N THR H 16 -14.45 3.65 0.96
CA THR H 16 -15.26 4.86 1.03
C THR H 16 -15.28 5.40 2.46
N GLY H 17 -14.93 6.67 2.62
CA GLY H 17 -14.90 7.32 3.91
C GLY H 17 -13.53 7.33 4.58
N GLN H 18 -12.54 6.69 3.99
CA GLN H 18 -11.21 6.61 4.59
C GLN H 18 -10.43 7.90 4.35
N SER H 19 -9.55 8.23 5.29
CA SER H 19 -8.69 9.39 5.17
C SER H 19 -7.41 9.04 4.40
N MET H 20 -6.86 10.04 3.72
CA MET H 20 -5.67 9.84 2.91
C MET H 20 -4.97 11.19 2.73
N THR H 21 -3.64 11.14 2.70
CA THR H 21 -2.83 12.33 2.46
C THR H 21 -1.72 11.99 1.47
N LEU H 22 -1.64 12.77 0.40
CA LEU H 22 -0.61 12.62 -0.61
C LEU H 22 0.47 13.67 -0.40
N GLN H 23 1.73 13.25 -0.49
CA GLN H 23 2.87 14.11 -0.25
C GLN H 23 3.46 14.59 -1.56
N CYS H 24 4.05 15.79 -1.53
CA CYS H 24 4.70 16.35 -2.71
C CYS H 24 5.83 17.26 -2.25
N ALA H 25 7.01 17.05 -2.81
CA ALA H 25 8.18 17.86 -2.50
C ALA H 25 8.91 18.23 -3.78
N GLN H 26 9.69 19.31 -3.72
CA GLN H 26 10.48 19.74 -4.86
C GLN H 26 11.76 20.40 -4.34
N ASP H 27 12.90 19.98 -4.87
CA ASP H 27 14.19 20.53 -4.48
C ASP H 27 14.74 21.51 -5.52
N MET H 28 13.85 22.23 -6.20
CA MET H 28 14.24 23.18 -7.23
C MET H 28 14.10 24.63 -6.77
N ASN H 29 13.75 24.85 -5.51
CA ASN H 29 13.58 26.19 -4.95
C ASN H 29 12.50 26.96 -5.70
N HIS H 30 11.43 26.27 -6.08
CA HIS H 30 10.29 26.91 -6.71
C HIS H 30 9.38 27.52 -5.65
N ASN H 31 8.57 28.48 -6.08
CA ASN H 31 7.64 29.17 -5.17
C ASN H 31 6.20 28.70 -5.32
N SER H 32 5.78 28.34 -6.53
CA SER H 32 4.40 27.95 -6.78
C SER H 32 4.28 26.43 -6.87
N MET H 33 3.24 25.89 -6.24
CA MET H 33 2.98 24.46 -6.26
C MET H 33 1.49 24.21 -6.48
N TYR H 34 1.19 23.11 -7.17
CA TYR H 34 -0.17 22.83 -7.62
C TYR H 34 -0.49 21.36 -7.41
N TRP H 35 -1.78 21.07 -7.30
CA TRP H 35 -2.30 19.70 -7.26
C TRP H 35 -3.35 19.56 -8.34
N TYR H 36 -3.14 18.62 -9.25
CA TYR H 36 -4.05 18.33 -10.34
C TYR H 36 -4.62 16.92 -10.20
N ARG H 37 -5.78 16.72 -10.79
CA ARG H 37 -6.33 15.38 -10.98
C ARG H 37 -6.60 15.18 -12.47
N GLN H 38 -6.23 14.00 -12.98
CA GLN H 38 -6.39 13.67 -14.38
C GLN H 38 -7.43 12.57 -14.52
N ASP H 39 -8.37 12.76 -15.42
CA ASP H 39 -9.45 11.81 -15.63
C ASP H 39 -9.60 11.52 -17.12
N PRO H 40 -10.01 10.31 -17.48
CA PRO H 40 -10.16 9.96 -18.89
C PRO H 40 -11.19 10.86 -19.56
N GLY H 41 -10.79 11.49 -20.67
CA GLY H 41 -11.67 12.33 -21.45
C GLY H 41 -11.68 13.79 -21.05
N MET H 42 -10.99 14.17 -19.98
CA MET H 42 -10.93 15.54 -19.53
C MET H 42 -9.49 16.03 -19.54
N GLY H 43 -9.33 17.34 -19.68
CA GLY H 43 -8.05 17.95 -19.39
C GLY H 43 -7.80 18.01 -17.90
N LEU H 44 -6.54 18.27 -17.54
CA LEU H 44 -6.17 18.40 -16.13
C LEU H 44 -7.05 19.44 -15.45
N ARG H 45 -7.47 19.14 -14.23
CA ARG H 45 -8.30 20.04 -13.44
C ARG H 45 -7.58 20.35 -12.15
N LEU H 46 -7.33 21.64 -11.91
CA LEU H 46 -6.64 22.06 -10.71
C LEU H 46 -7.56 21.91 -9.49
N ILE H 47 -7.00 21.38 -8.41
CA ILE H 47 -7.74 21.20 -7.17
C ILE H 47 -7.41 22.35 -6.23
N TYR H 48 -6.14 22.51 -5.91
CA TYR H 48 -5.65 23.59 -5.07
C TYR H 48 -4.27 24.01 -5.56
N TYR H 49 -3.93 25.27 -5.32
CA TYR H 49 -2.61 25.77 -5.70
C TYR H 49 -2.08 26.66 -4.60
N SER H 50 -0.76 26.84 -4.60
CA SER H 50 -0.07 27.67 -3.63
C SER H 50 0.82 28.64 -4.42
N ALA H 51 0.36 29.88 -4.56
CA ALA H 51 1.09 30.86 -5.35
C ALA H 51 2.51 31.06 -4.82
N SER H 52 2.67 31.04 -3.50
CA SER H 52 3.98 31.12 -2.88
C SER H 52 3.86 30.54 -1.48
N GLU H 53 5.00 30.42 -0.80
CA GLU H 53 4.98 29.95 0.57
C GLU H 53 4.20 30.92 1.44
N GLY H 54 3.20 30.40 2.14
CA GLY H 54 2.35 31.22 2.99
C GLY H 54 1.01 31.60 2.42
N THR H 55 0.57 30.98 1.34
CA THR H 55 -0.75 31.25 0.79
C THR H 55 -1.19 30.09 -0.09
N THR H 56 -2.46 29.73 0.01
CA THR H 56 -3.09 28.72 -0.85
C THR H 56 -4.46 29.22 -1.25
N ASP H 57 -5.04 28.59 -2.27
CA ASP H 57 -6.37 28.97 -2.72
C ASP H 57 -6.99 27.84 -3.51
N LYS H 58 -8.32 27.83 -3.53
CA LYS H 58 -9.06 26.80 -4.24
C LYS H 58 -8.80 26.88 -5.73
N GLY H 59 -8.90 25.74 -6.39
CA GLY H 59 -8.81 25.63 -7.84
C GLY H 59 -10.19 25.51 -8.47
N GLU H 60 -10.29 24.63 -9.46
CA GLU H 60 -11.56 24.39 -10.13
C GLU H 60 -12.42 23.36 -9.40
N VAL H 61 -11.83 22.37 -8.75
CA VAL H 61 -12.59 21.30 -8.10
C VAL H 61 -12.08 21.11 -6.67
N PRO H 62 -12.29 22.07 -5.77
CA PRO H 62 -11.73 21.93 -4.41
C PRO H 62 -12.58 21.10 -3.47
N ASN H 63 -13.84 20.84 -3.79
CA ASN H 63 -14.74 20.16 -2.86
C ASN H 63 -14.30 18.73 -2.63
N GLY H 64 -14.24 18.33 -1.36
CA GLY H 64 -13.75 17.02 -0.98
C GLY H 64 -12.26 16.94 -0.76
N TYR H 65 -11.54 18.06 -0.84
CA TYR H 65 -10.10 18.07 -0.66
C TYR H 65 -9.70 19.22 0.24
N ASN H 66 -8.45 19.15 0.72
CA ASN H 66 -7.83 20.30 1.36
CA ASN H 66 -7.83 20.21 1.50
C ASN H 66 -6.32 20.09 1.31
N VAL H 67 -5.60 21.18 1.51
CA VAL H 67 -4.16 21.20 1.30
C VAL H 67 -3.47 21.93 2.44
N SER H 68 -2.14 21.80 2.46
CA SER H 68 -1.31 22.51 3.43
C SER H 68 0.05 22.74 2.78
N ARG H 69 0.37 24.00 2.51
CA ARG H 69 1.72 24.37 2.08
C ARG H 69 2.60 24.33 3.32
N LEU H 70 3.19 23.16 3.58
CA LEU H 70 3.98 22.97 4.79
C LEU H 70 5.13 23.96 4.85
N ASN H 71 5.86 24.10 3.75
CA ASN H 71 7.00 24.99 3.68
C ASN H 71 7.21 25.35 2.21
N LYS H 72 8.41 25.83 1.87
CA LYS H 72 8.71 26.14 0.48
C LYS H 72 8.74 24.90 -0.40
N ARG H 73 9.16 23.76 0.15
CA ARG H 73 9.36 22.56 -0.64
C ARG H 73 8.12 21.67 -0.73
N GLU H 74 7.29 21.63 0.32
CA GLU H 74 6.28 20.59 0.46
C GLU H 74 4.87 21.17 0.36
N PHE H 75 4.00 20.42 -0.32
CA PHE H 75 2.62 20.83 -0.56
C PHE H 75 1.80 19.56 -0.68
N SER H 76 1.06 19.23 0.37
CA SER H 76 0.40 17.93 0.49
C SER H 76 -1.10 18.05 0.28
N LEU H 77 -1.67 17.07 -0.43
CA LEU H 77 -3.09 17.02 -0.73
C LEU H 77 -3.78 16.05 0.24
N ARG H 78 -4.91 16.47 0.79
CA ARG H 78 -5.57 15.75 1.87
C ARG H 78 -7.01 15.45 1.48
N LEU H 79 -7.38 14.17 1.53
CA LEU H 79 -8.76 13.75 1.35
C LEU H 79 -9.35 13.42 2.71
N GLU H 80 -10.40 14.14 3.11
CA GLU H 80 -11.03 13.92 4.40
C GLU H 80 -11.81 12.61 4.41
N SER H 81 -12.93 12.59 3.70
CA SER H 81 -13.78 11.40 3.58
C SER H 81 -13.78 10.97 2.11
N ALA H 82 -12.99 9.95 1.79
CA ALA H 82 -12.83 9.52 0.41
C ALA H 82 -14.17 9.11 -0.19
N ALA H 83 -14.30 9.31 -1.51
CA ALA H 83 -15.51 9.01 -2.24
C ALA H 83 -15.14 8.37 -3.57
N PRO H 84 -16.01 7.52 -4.12
CA PRO H 84 -15.69 6.89 -5.41
C PRO H 84 -15.40 7.86 -6.53
N SER H 85 -16.04 9.04 -6.52
CA SER H 85 -15.78 10.04 -7.57
C SER H 85 -14.35 10.55 -7.53
N GLN H 86 -13.65 10.38 -6.41
CA GLN H 86 -12.28 10.84 -6.29
C GLN H 86 -11.26 9.84 -6.82
N THR H 87 -11.71 8.70 -7.34
CA THR H 87 -10.81 7.77 -8.02
C THR H 87 -10.23 8.45 -9.26
N SER H 88 -8.91 8.61 -9.27
CA SER H 88 -8.23 9.40 -10.29
C SER H 88 -6.73 9.24 -10.13
N VAL H 89 -6.00 9.78 -11.09
CA VAL H 89 -4.55 9.96 -11.00
C VAL H 89 -4.29 11.41 -10.60
N TYR H 90 -3.57 11.59 -9.49
CA TYR H 90 -3.30 12.92 -8.95
C TYR H 90 -1.86 13.30 -9.25
N PHE H 91 -1.69 14.47 -9.87
CA PHE H 91 -0.38 15.00 -10.23
C PHE H 91 -0.12 16.29 -9.46
N CYS H 92 1.06 16.39 -8.87
CA CYS H 92 1.52 17.61 -8.24
CA CYS H 92 1.50 17.63 -8.27
C CYS H 92 2.57 18.26 -9.14
N ALA H 93 2.55 19.59 -9.23
CA ALA H 93 3.45 20.31 -10.10
C ALA H 93 3.99 21.54 -9.39
N SER H 94 5.02 22.13 -9.97
CA SER H 94 5.63 23.33 -9.40
C SER H 94 6.19 24.19 -10.51
N SER H 95 6.20 25.50 -10.27
CA SER H 95 6.82 26.46 -11.18
C SER H 95 7.55 27.50 -10.36
N VAL H 96 8.52 28.17 -10.99
CA VAL H 96 9.33 29.18 -10.31
C VAL H 96 8.42 30.24 -9.70
N TRP H 97 7.56 30.83 -10.51
CA TRP H 97 6.54 31.76 -10.04
C TRP H 97 5.24 31.43 -10.76
N THR H 98 4.14 31.99 -10.24
CA THR H 98 2.84 31.87 -10.87
C THR H 98 2.42 33.22 -11.41
N GLY H 99 1.74 33.21 -12.55
CA GLY H 99 1.36 34.46 -13.19
C GLY H 99 2.51 35.29 -13.71
N GLU H 100 3.73 34.77 -13.67
CA GLU H 100 4.91 35.49 -14.13
C GLU H 100 5.37 34.94 -15.47
N GLY H 101 4.60 35.26 -16.51
CA GLY H 101 5.09 35.08 -17.87
C GLY H 101 4.93 33.67 -18.38
N SER H 102 5.98 33.16 -19.01
CA SER H 102 5.97 31.90 -19.75
C SER H 102 6.54 30.74 -18.94
N GLY H 103 6.41 30.77 -17.62
CA GLY H 103 6.98 29.71 -16.80
C GLY H 103 6.24 28.40 -17.00
N GLU H 104 6.98 27.34 -17.29
CA GLU H 104 6.38 26.03 -17.49
C GLU H 104 6.18 25.32 -16.14
N LEU H 105 5.40 24.26 -16.18
CA LEU H 105 5.15 23.42 -15.01
C LEU H 105 6.09 22.23 -15.01
N PHE H 106 6.50 21.82 -13.81
CA PHE H 106 7.31 20.62 -13.59
C PHE H 106 6.50 19.66 -12.75
N PHE H 107 6.16 18.50 -13.32
CA PHE H 107 5.22 17.58 -12.71
C PHE H 107 5.90 16.47 -11.93
N GLY H 108 5.18 15.94 -10.94
CA GLY H 108 5.61 14.74 -10.25
C GLY H 108 5.17 13.48 -10.99
N GLU H 109 5.64 12.33 -10.49
CA GLU H 109 5.44 11.08 -11.19
C GLU H 109 3.96 10.69 -11.28
N GLY H 110 3.15 11.11 -10.33
CA GLY H 110 1.74 10.77 -10.37
C GLY H 110 1.34 9.79 -9.28
N SER H 111 0.09 9.89 -8.84
CA SER H 111 -0.44 9.06 -7.76
C SER H 111 -1.79 8.51 -8.19
N ARG H 112 -1.88 7.18 -8.32
CA ARG H 112 -3.07 6.51 -8.80
C ARG H 112 -3.92 6.09 -7.61
N LEU H 113 -5.06 6.75 -7.41
CA LEU H 113 -5.98 6.44 -6.34
C LEU H 113 -7.19 5.71 -6.88
N THR H 114 -7.59 4.64 -6.18
CA THR H 114 -8.82 3.92 -6.48
C THR H 114 -9.61 3.78 -5.20
N VAL H 115 -10.82 4.33 -5.18
CA VAL H 115 -11.70 4.31 -4.00
C VAL H 115 -12.85 3.34 -4.28
N LEU H 116 -13.05 2.39 -3.37
CA LEU H 116 -14.07 1.37 -3.51
C LEU H 116 -15.00 1.39 -2.31
N GLU H 117 -16.25 0.97 -2.53
CA GLU H 117 -17.19 0.86 -1.42
C GLU H 117 -16.72 -0.15 -0.39
N ASP H 118 -16.24 -1.30 -0.85
CA ASP H 118 -15.65 -2.29 0.04
C ASP H 118 -14.54 -3.00 -0.71
N LEU H 119 -13.58 -3.53 0.05
CA LEU H 119 -12.40 -4.15 -0.53
C LEU H 119 -12.61 -5.59 -0.97
N LYS H 120 -13.84 -6.12 -0.83
CA LYS H 120 -14.08 -7.54 -1.08
C LYS H 120 -13.85 -7.97 -2.52
N ASN H 121 -13.58 -7.04 -3.44
CA ASN H 121 -13.34 -7.38 -4.85
C ASN H 121 -11.93 -7.06 -5.30
N VAL H 122 -11.01 -6.86 -4.37
CA VAL H 122 -9.60 -6.66 -4.71
C VAL H 122 -8.94 -8.03 -4.89
N PHE H 123 -8.14 -8.15 -5.95
CA PHE H 123 -7.51 -9.42 -6.29
C PHE H 123 -6.09 -9.21 -6.78
N PRO H 124 -5.15 -10.02 -6.31
CA PRO H 124 -3.80 -10.00 -6.88
C PRO H 124 -3.79 -10.71 -8.22
N PRO H 125 -2.79 -10.47 -9.06
CA PRO H 125 -2.76 -11.12 -10.37
C PRO H 125 -2.21 -12.54 -10.30
N GLU H 126 -2.75 -13.37 -11.19
CA GLU H 126 -2.17 -14.68 -11.45
C GLU H 126 -1.20 -14.55 -12.62
N VAL H 127 0.05 -14.95 -12.39
CA VAL H 127 1.12 -14.77 -13.36
C VAL H 127 1.57 -16.14 -13.86
N ALA H 128 1.73 -16.26 -15.17
CA ALA H 128 2.21 -17.49 -15.80
C ALA H 128 3.04 -17.13 -17.03
N VAL H 129 4.12 -17.88 -17.24
CA VAL H 129 5.01 -17.68 -18.38
C VAL H 129 4.81 -18.84 -19.34
N PHE H 130 4.79 -18.52 -20.64
CA PHE H 130 4.58 -19.51 -21.70
C PHE H 130 5.78 -19.48 -22.63
N GLU H 131 6.35 -20.65 -22.87
CA GLU H 131 7.61 -20.79 -23.58
C GLU H 131 7.41 -20.70 -25.10
N PRO H 132 8.46 -20.34 -25.83
CA PRO H 132 8.29 -20.07 -27.27
C PRO H 132 7.85 -21.29 -28.05
N SER H 133 7.21 -21.03 -29.18
CA SER H 133 6.82 -22.08 -30.10
C SER H 133 8.04 -22.61 -30.85
N GLU H 134 8.14 -23.94 -30.95
CA GLU H 134 9.21 -24.53 -31.74
C GLU H 134 9.07 -24.16 -33.22
N ALA H 135 7.83 -23.98 -33.69
CA ALA H 135 7.61 -23.56 -35.07
C ALA H 135 8.14 -22.15 -35.31
N GLU H 136 8.01 -21.26 -34.33
CA GLU H 136 8.51 -19.89 -34.50
C GLU H 136 10.03 -19.88 -34.60
N ILE H 137 10.70 -20.72 -33.81
CA ILE H 137 12.16 -20.72 -33.81
C ILE H 137 12.71 -21.19 -35.15
N SER H 138 12.15 -22.26 -35.71
CA SER H 138 12.64 -22.77 -36.98
C SER H 138 12.23 -21.90 -38.16
N HIS H 139 11.16 -21.12 -38.04
CA HIS H 139 10.70 -20.29 -39.15
C HIS H 139 11.32 -18.90 -39.14
N THR H 140 11.54 -18.32 -37.95
CA THR H 140 12.05 -16.96 -37.84
C THR H 140 13.39 -16.85 -37.16
N GLN H 141 13.91 -17.94 -36.58
CA GLN H 141 15.14 -17.93 -35.79
C GLN H 141 15.05 -16.96 -34.61
N LYS H 142 13.84 -16.74 -34.11
CA LYS H 142 13.60 -15.92 -32.94
C LYS H 142 12.64 -16.66 -32.02
N ALA H 143 12.69 -16.32 -30.73
CA ALA H 143 11.88 -16.99 -29.73
C ALA H 143 11.14 -15.94 -28.91
N THR H 144 9.82 -16.07 -28.84
CA THR H 144 8.97 -15.13 -28.11
C THR H 144 8.35 -15.83 -26.91
N LEU H 145 8.72 -15.40 -25.72
CA LEU H 145 8.04 -15.80 -24.50
C LEU H 145 6.90 -14.83 -24.21
N VAL H 146 5.87 -15.32 -23.52
CA VAL H 146 4.69 -14.52 -23.19
C VAL H 146 4.40 -14.65 -21.70
N CYS H 147 4.10 -13.52 -21.07
CA CYS H 147 3.73 -13.46 -19.67
C CYS H 147 2.28 -12.96 -19.57
N LEU H 148 1.44 -13.71 -18.87
CA LEU H 148 0.04 -13.35 -18.69
C LEU H 148 -0.23 -13.10 -17.21
N ALA H 149 -0.64 -11.87 -16.89
CA ALA H 149 -1.08 -11.49 -15.55
C ALA H 149 -2.60 -11.28 -15.62
N THR H 150 -3.35 -12.21 -15.05
CA THR H 150 -4.79 -12.26 -15.21
C THR H 150 -5.50 -12.24 -13.87
N GLY H 151 -6.71 -11.67 -13.88
CA GLY H 151 -7.60 -11.73 -12.74
C GLY H 151 -7.33 -10.75 -11.62
N PHE H 152 -6.68 -9.63 -11.89
CA PHE H 152 -6.34 -8.68 -10.84
C PHE H 152 -7.27 -7.47 -10.85
N TYR H 153 -7.31 -6.77 -9.72
CA TYR H 153 -8.17 -5.62 -9.50
C TYR H 153 -7.74 -4.92 -8.21
N PRO H 154 -7.56 -3.59 -8.23
CA PRO H 154 -7.70 -2.67 -9.35
C PRO H 154 -6.48 -2.72 -10.28
N ASP H 155 -6.40 -1.82 -11.26
CA ASP H 155 -5.28 -1.79 -12.20
C ASP H 155 -4.09 -1.08 -11.54
N HIS H 156 -3.47 -1.79 -10.59
CA HIS H 156 -2.31 -1.30 -9.85
C HIS H 156 -1.18 -2.31 -9.99
N VAL H 157 -0.63 -2.44 -11.20
CA VAL H 157 0.35 -3.47 -11.50
C VAL H 157 1.53 -2.86 -12.25
N GLU H 158 2.71 -3.45 -12.04
CA GLU H 158 3.92 -3.11 -12.78
C GLU H 158 4.60 -4.42 -13.16
N LEU H 159 4.66 -4.67 -14.46
CA LEU H 159 5.24 -5.90 -15.00
C LEU H 159 6.66 -5.63 -15.47
N SER H 160 7.55 -6.60 -15.22
CA SER H 160 8.94 -6.48 -15.63
C SER H 160 9.48 -7.86 -15.97
N TRP H 161 10.43 -7.89 -16.91
CA TRP H 161 11.13 -9.11 -17.29
C TRP H 161 12.53 -9.09 -16.71
N TRP H 162 13.01 -10.27 -16.30
CA TRP H 162 14.35 -10.43 -15.74
C TRP H 162 15.04 -11.58 -16.44
N VAL H 163 16.20 -11.29 -17.04
CA VAL H 163 16.99 -12.29 -17.74
C VAL H 163 18.31 -12.45 -16.99
N ASN H 164 18.55 -13.65 -16.46
CA ASN H 164 19.76 -13.94 -15.69
C ASN H 164 19.93 -12.97 -14.53
N GLY H 165 18.82 -12.66 -13.87
CA GLY H 165 18.83 -11.84 -12.67
C GLY H 165 18.78 -10.35 -12.89
N LYS H 166 18.94 -9.88 -14.13
CA LYS H 166 18.94 -8.46 -14.45
C LYS H 166 17.70 -8.10 -15.24
N GLU H 167 17.11 -6.94 -14.92
CA GLU H 167 15.92 -6.48 -15.62
C GLU H 167 16.27 -6.05 -17.04
N VAL H 168 15.45 -6.50 -18.00
CA VAL H 168 15.69 -6.22 -19.40
C VAL H 168 14.54 -5.38 -19.95
N HIS H 169 14.83 -4.62 -21.01
CA HIS H 169 13.82 -3.79 -21.65
C HIS H 169 13.81 -4.04 -23.15
N SER H 170 14.97 -4.38 -23.71
CA SER H 170 15.06 -4.67 -25.14
C SER H 170 14.29 -5.93 -25.46
N GLY H 171 13.49 -5.86 -26.53
CA GLY H 171 12.68 -6.99 -26.96
C GLY H 171 11.41 -7.21 -26.18
N VAL H 172 10.97 -6.23 -25.41
CA VAL H 172 9.80 -6.36 -24.53
C VAL H 172 8.67 -5.51 -25.08
N CYS H 173 7.45 -6.06 -25.05
CA CYS H 173 6.24 -5.29 -25.35
C CYS H 173 5.18 -5.69 -24.34
N THR H 174 4.94 -4.81 -23.37
CA THR H 174 3.85 -4.96 -22.42
C THR H 174 2.67 -4.13 -22.89
N ASP H 175 1.47 -4.65 -22.72
CA ASP H 175 0.28 -3.93 -23.14
C ASP H 175 0.22 -2.57 -22.43
N PRO H 176 -0.06 -1.49 -23.16
CA PRO H 176 -0.17 -0.18 -22.49
C PRO H 176 -1.42 -0.05 -21.65
N GLN H 177 -2.50 -0.71 -22.03
CA GLN H 177 -3.75 -0.67 -21.28
C GLN H 177 -4.20 -2.08 -20.96
N PRO H 178 -4.67 -2.32 -19.73
CA PRO H 178 -5.10 -3.67 -19.36
C PRO H 178 -6.38 -4.06 -20.08
N LEU H 179 -6.67 -5.36 -20.06
CA LEU H 179 -7.84 -5.93 -20.71
CA LEU H 179 -7.84 -5.93 -20.70
C LEU H 179 -8.89 -6.25 -19.66
N LYS H 180 -10.10 -5.73 -19.85
CA LYS H 180 -11.21 -6.08 -18.98
C LYS H 180 -11.64 -7.51 -19.28
N GLU H 181 -11.55 -8.39 -18.29
CA GLU H 181 -11.91 -9.79 -18.50
C GLU H 181 -13.40 -9.94 -18.81
N GLN H 182 -14.23 -9.07 -18.26
CA GLN H 182 -15.67 -9.07 -18.51
C GLN H 182 -16.08 -7.63 -18.80
N PRO H 183 -16.09 -7.22 -20.07
CA PRO H 183 -16.30 -5.80 -20.39
C PRO H 183 -17.64 -5.25 -19.94
N ALA H 184 -18.61 -6.11 -19.61
CA ALA H 184 -19.94 -5.61 -19.26
C ALA H 184 -19.96 -4.99 -17.87
N LEU H 185 -19.30 -5.62 -16.90
CA LEU H 185 -19.35 -5.14 -15.53
C LEU H 185 -18.45 -3.93 -15.32
N ASN H 186 -18.86 -3.08 -14.37
CA ASN H 186 -18.08 -1.91 -14.01
C ASN H 186 -16.95 -2.23 -13.04
N ASP H 187 -16.95 -3.41 -12.42
CA ASP H 187 -15.92 -3.82 -11.49
C ASP H 187 -15.17 -5.05 -12.00
N SER H 188 -15.03 -5.17 -13.31
CA SER H 188 -14.42 -6.36 -13.91
C SER H 188 -12.95 -6.45 -13.54
N ARG H 189 -12.48 -7.67 -13.33
CA ARG H 189 -11.07 -7.90 -13.10
C ARG H 189 -10.31 -7.80 -14.42
N TYR H 190 -9.00 -7.56 -14.32
CA TYR H 190 -8.19 -7.18 -15.46
C TYR H 190 -7.24 -8.29 -15.87
N ALA H 191 -6.75 -8.17 -17.11
CA ALA H 191 -5.72 -9.04 -17.66
C ALA H 191 -4.69 -8.17 -18.36
N LEU H 192 -3.45 -8.66 -18.40
CA LEU H 192 -2.35 -7.93 -18.98
C LEU H 192 -1.38 -8.93 -19.59
N SER H 193 -0.92 -8.65 -20.80
CA SER H 193 0.01 -9.52 -21.50
C SER H 193 1.30 -8.77 -21.80
N SER H 194 2.40 -9.52 -21.84
CA SER H 194 3.70 -8.97 -22.18
C SER H 194 4.48 -10.03 -22.93
N ARG H 195 5.31 -9.59 -23.86
CA ARG H 195 6.13 -10.48 -24.68
C ARG H 195 7.60 -10.11 -24.50
N LEU H 196 8.45 -11.14 -24.50
CA LEU H 196 9.90 -10.97 -24.58
C LEU H 196 10.39 -11.80 -25.74
N ARG H 197 10.97 -11.14 -26.74
CA ARG H 197 11.47 -11.82 -27.93
C ARG H 197 12.99 -11.77 -27.92
N VAL H 198 13.61 -12.95 -27.97
CA VAL H 198 15.06 -13.09 -27.99
C VAL H 198 15.44 -13.91 -29.22
N SER H 199 16.72 -13.89 -29.54
CA SER H 199 17.23 -14.70 -30.64
C SER H 199 17.09 -16.18 -30.31
N ALA H 200 16.98 -17.00 -31.36
CA ALA H 200 16.88 -18.45 -31.15
C ALA H 200 18.11 -18.97 -30.44
N THR H 201 19.30 -18.44 -30.76
CA THR H 201 20.51 -18.90 -30.10
C THR H 201 20.53 -18.55 -28.62
N PHE H 202 19.94 -17.41 -28.25
CA PHE H 202 19.90 -17.04 -26.84
C PHE H 202 18.92 -17.92 -26.06
N TRP H 203 17.78 -18.25 -26.68
CA TRP H 203 16.82 -19.11 -26.01
C TRP H 203 17.34 -20.53 -25.83
N GLN H 204 18.15 -21.00 -26.78
CA GLN H 204 18.58 -22.39 -26.79
C GLN H 204 19.80 -22.65 -25.92
N ASN H 205 20.25 -21.68 -25.13
CA ASN H 205 21.26 -21.93 -24.11
C ASN H 205 20.55 -22.41 -22.84
N PRO H 206 20.84 -23.62 -22.36
CA PRO H 206 20.05 -24.18 -21.26
C PRO H 206 20.26 -23.48 -19.92
N ARG H 207 21.25 -22.61 -19.79
CA ARG H 207 21.51 -21.93 -18.53
C ARG H 207 21.06 -20.48 -18.52
N ASN H 208 20.33 -20.04 -19.55
CA ASN H 208 19.69 -18.73 -19.50
C ASN H 208 18.39 -18.82 -18.72
N HIS H 209 18.21 -17.92 -17.75
CA HIS H 209 17.05 -17.91 -16.89
C HIS H 209 16.15 -16.73 -17.22
N PHE H 210 14.87 -17.02 -17.46
CA PHE H 210 13.88 -15.99 -17.78
C PHE H 210 12.85 -15.92 -16.67
N ARG H 211 12.41 -14.71 -16.34
CA ARG H 211 11.43 -14.51 -15.30
C ARG H 211 10.66 -13.22 -15.56
N CYS H 212 9.34 -13.30 -15.58
CA CYS H 212 8.49 -12.12 -15.53
C CYS H 212 7.90 -12.02 -14.14
N GLN H 213 7.94 -10.83 -13.56
CA GLN H 213 7.37 -10.60 -12.24
C GLN H 213 6.45 -9.39 -12.30
N VAL H 214 5.37 -9.46 -11.53
CA VAL H 214 4.35 -8.43 -11.51
C VAL H 214 4.26 -7.88 -10.10
N GLN H 215 4.52 -6.59 -9.94
CA GLN H 215 4.36 -5.92 -8.67
C GLN H 215 2.91 -5.44 -8.56
N PHE H 216 2.20 -5.95 -7.56
CA PHE H 216 0.81 -5.58 -7.32
C PHE H 216 0.72 -4.73 -6.07
N TYR H 217 -0.02 -3.63 -6.15
CA TYR H 217 -0.25 -2.73 -5.03
C TYR H 217 -1.68 -2.91 -4.55
N GLY H 218 -1.82 -3.39 -3.32
CA GLY H 218 -3.13 -3.68 -2.77
C GLY H 218 -3.31 -3.18 -1.35
N LEU H 219 -3.80 -4.05 -0.48
CA LEU H 219 -4.08 -3.67 0.90
C LEU H 219 -2.81 -3.64 1.73
N SER H 220 -2.90 -2.99 2.89
CA SER H 220 -1.81 -2.92 3.85
C SER H 220 -2.28 -3.53 5.17
N GLU H 221 -1.40 -3.43 6.18
CA GLU H 221 -1.67 -4.06 7.47
C GLU H 221 -2.92 -3.50 8.12
N ASN H 222 -3.19 -2.20 7.94
CA ASN H 222 -4.29 -1.54 8.62
C ASN H 222 -5.65 -1.82 7.97
N ASP H 223 -5.67 -2.34 6.75
CA ASP H 223 -6.93 -2.55 6.06
C ASP H 223 -7.66 -3.76 6.64
N GLU H 224 -8.92 -3.58 7.00
CA GLU H 224 -9.72 -4.67 7.54
C GLU H 224 -10.03 -5.67 6.44
N TRP H 225 -9.96 -6.96 6.78
CA TRP H 225 -10.24 -8.03 5.84
C TRP H 225 -11.16 -9.05 6.51
N THR H 226 -12.24 -9.42 5.82
CA THR H 226 -13.23 -10.33 6.35
C THR H 226 -13.60 -11.46 5.39
N GLN H 227 -12.93 -11.57 4.25
CA GLN H 227 -13.28 -12.58 3.26
C GLN H 227 -12.58 -13.91 3.56
N ASP H 228 -13.05 -14.96 2.90
CA ASP H 228 -12.49 -16.29 3.12
C ASP H 228 -11.12 -16.45 2.47
N ARG H 229 -10.94 -15.85 1.29
CA ARG H 229 -9.66 -15.96 0.60
C ARG H 229 -8.60 -15.11 1.29
N ALA H 230 -7.35 -15.32 0.89
CA ALA H 230 -6.24 -14.59 1.47
C ALA H 230 -6.37 -13.09 1.23
N LYS H 231 -5.84 -12.31 2.15
CA LYS H 231 -5.92 -10.85 2.01
C LYS H 231 -5.05 -10.40 0.84
N PRO H 232 -5.59 -9.63 -0.10
CA PRO H 232 -4.83 -9.18 -1.29
C PRO H 232 -3.88 -8.03 -0.98
N VAL H 233 -2.86 -8.33 -0.17
CA VAL H 233 -1.89 -7.31 0.21
C VAL H 233 -0.98 -7.01 -0.97
N THR H 234 -0.28 -5.87 -0.88
CA THR H 234 0.77 -5.53 -1.83
C THR H 234 1.80 -6.65 -1.86
N GLN H 235 2.08 -7.16 -3.06
CA GLN H 235 2.91 -8.35 -3.19
C GLN H 235 3.52 -8.39 -4.58
N ILE H 236 4.53 -9.25 -4.73
CA ILE H 236 5.18 -9.53 -6.00
C ILE H 236 4.84 -10.96 -6.39
N VAL H 237 4.25 -11.13 -7.57
CA VAL H 237 3.94 -12.45 -8.12
C VAL H 237 4.76 -12.63 -9.38
N SER H 238 5.48 -13.76 -9.47
CA SER H 238 6.37 -14.00 -10.59
C SER H 238 6.17 -15.41 -11.13
N ALA H 239 6.79 -15.67 -12.28
CA ALA H 239 6.87 -16.99 -12.87
C ALA H 239 8.10 -17.02 -13.75
N GLU H 240 8.68 -18.21 -13.92
CA GLU H 240 10.00 -18.33 -14.54
C GLU H 240 10.00 -19.44 -15.58
N ALA H 241 11.11 -19.48 -16.33
CA ALA H 241 11.34 -20.50 -17.35
C ALA H 241 12.82 -20.49 -17.70
N TRP H 242 13.35 -21.68 -17.97
CA TRP H 242 14.74 -21.83 -18.38
C TRP H 242 14.81 -22.11 -19.88
N GLY H 243 15.99 -21.87 -20.44
CA GLY H 243 16.21 -22.16 -21.84
C GLY H 243 16.23 -23.66 -22.11
N ARG H 244 15.78 -24.03 -23.31
CA ARG H 244 15.73 -25.42 -23.74
C ARG H 244 16.58 -25.59 -24.98
N ALA H 245 17.46 -26.58 -24.97
CA ALA H 245 18.33 -26.84 -26.12
C ALA H 245 17.63 -27.69 -27.18
#